data_4ES2
# 
_entry.id   4ES2 
# 
_audit_conform.dict_name       mmcif_pdbx.dic 
_audit_conform.dict_version    5.387 
_audit_conform.dict_location   http://mmcif.pdb.org/dictionaries/ascii/mmcif_pdbx.dic 
# 
loop_
_database_2.database_id 
_database_2.database_code 
_database_2.pdbx_database_accession 
_database_2.pdbx_DOI 
PDB   4ES2         pdb_00004es2 10.2210/pdb4es2/pdb 
RCSB  RCSB071998   ?            ?                   
WWPDB D_1000071998 ?            ?                   
# 
loop_
_pdbx_audit_revision_history.ordinal 
_pdbx_audit_revision_history.data_content_type 
_pdbx_audit_revision_history.major_revision 
_pdbx_audit_revision_history.minor_revision 
_pdbx_audit_revision_history.revision_date 
1 'Structure model' 1 0 2012-08-22 
2 'Structure model' 1 1 2017-11-15 
3 'Structure model' 1 2 2018-11-28 
4 'Structure model' 1 3 2024-02-28 
# 
_pdbx_audit_revision_details.ordinal             1 
_pdbx_audit_revision_details.revision_ordinal    1 
_pdbx_audit_revision_details.data_content_type   'Structure model' 
_pdbx_audit_revision_details.provider            repository 
_pdbx_audit_revision_details.type                'Initial release' 
_pdbx_audit_revision_details.description         ? 
_pdbx_audit_revision_details.details             ? 
# 
loop_
_pdbx_audit_revision_group.ordinal 
_pdbx_audit_revision_group.revision_ordinal 
_pdbx_audit_revision_group.data_content_type 
_pdbx_audit_revision_group.group 
1 2 'Structure model' 'Refinement description' 
2 3 'Structure model' 'Data collection'        
3 3 'Structure model' 'Database references'    
4 4 'Structure model' 'Data collection'        
5 4 'Structure model' 'Database references'    
# 
loop_
_pdbx_audit_revision_category.ordinal 
_pdbx_audit_revision_category.revision_ordinal 
_pdbx_audit_revision_category.data_content_type 
_pdbx_audit_revision_category.category 
1 2 'Structure model' software           
2 3 'Structure model' citation           
3 3 'Structure model' citation_author    
4 4 'Structure model' chem_comp_atom     
5 4 'Structure model' chem_comp_bond     
6 4 'Structure model' database_2         
7 4 'Structure model' struct_ref_seq_dif 
# 
loop_
_pdbx_audit_revision_item.ordinal 
_pdbx_audit_revision_item.revision_ordinal 
_pdbx_audit_revision_item.data_content_type 
_pdbx_audit_revision_item.item 
1  2 'Structure model' '_software.classification'            
2  2 'Structure model' '_software.contact_author'            
3  2 'Structure model' '_software.contact_author_email'      
4  2 'Structure model' '_software.date'                      
5  2 'Structure model' '_software.language'                  
6  2 'Structure model' '_software.location'                  
7  2 'Structure model' '_software.name'                      
8  2 'Structure model' '_software.type'                      
9  2 'Structure model' '_software.version'                   
10 3 'Structure model' '_citation.country'                   
11 3 'Structure model' '_citation.journal_abbrev'            
12 3 'Structure model' '_citation.journal_id_ASTM'           
13 3 'Structure model' '_citation.journal_id_CSD'            
14 3 'Structure model' '_citation.journal_id_ISSN'           
15 3 'Structure model' '_citation.journal_volume'            
16 3 'Structure model' '_citation.page_first'                
17 3 'Structure model' '_citation.page_last'                 
18 3 'Structure model' '_citation.pdbx_database_id_DOI'      
19 3 'Structure model' '_citation.pdbx_database_id_PubMed'   
20 3 'Structure model' '_citation.title'                     
21 3 'Structure model' '_citation.year'                      
22 4 'Structure model' '_database_2.pdbx_DOI'                
23 4 'Structure model' '_database_2.pdbx_database_accession' 
24 4 'Structure model' '_struct_ref_seq_dif.details'         
# 
_pdbx_database_status.entry_id                        4ES2 
_pdbx_database_status.deposit_site                    RCSB 
_pdbx_database_status.process_site                    RCSB 
_pdbx_database_status.recvd_initial_deposition_date   2012-04-21 
_pdbx_database_status.status_code                     REL 
_pdbx_database_status.status_code_sf                  REL 
_pdbx_database_status.status_code_mr                  ? 
_pdbx_database_status.SG_entry                        ? 
_pdbx_database_status.status_code_cs                  ? 
_pdbx_database_status.methods_development_category    ? 
_pdbx_database_status.pdb_format_compatible           Y 
_pdbx_database_status.status_code_nmr_data            ? 
# 
loop_
_pdbx_database_related.db_name 
_pdbx_database_related.db_id 
_pdbx_database_related.details 
_pdbx_database_related.content_type 
PDB 4ES1 . unspecified 
PDB 4ES3 . unspecified 
# 
loop_
_audit_author.name 
_audit_author.pdbx_ordinal 
'Ke, A.'    1 
'Nam, K.H.' 2 
# 
_citation.id                        primary 
_citation.title                     
;Double-stranded endonuclease activity in Bacillus halodurans clustered regularly interspaced short palindromic repeats (CRISPR)-associated Cas2 protein.
;
_citation.journal_abbrev            'J. Biol. Chem.' 
_citation.journal_volume            287 
_citation.page_first                35943 
_citation.page_last                 35952 
_citation.year                      2012 
_citation.journal_id_ASTM           JBCHA3 
_citation.country                   US 
_citation.journal_id_ISSN           1083-351X 
_citation.journal_id_CSD            0071 
_citation.book_publisher            ? 
_citation.pdbx_database_id_PubMed   22942283 
_citation.pdbx_database_id_DOI      10.1074/jbc.M112.382598 
# 
loop_
_citation_author.citation_id 
_citation_author.name 
_citation_author.ordinal 
_citation_author.identifier_ORCID 
primary 'Nam, K.H.'    1 ? 
primary 'Ding, F.'     2 ? 
primary 'Haitjema, C.' 3 ? 
primary 'Huang, Q.'    4 ? 
primary 'DeLisa, M.P.' 5 ? 
primary 'Ke, A.'       6 ? 
# 
loop_
_entity.id 
_entity.type 
_entity.src_method 
_entity.pdbx_description 
_entity.formula_weight 
_entity.pdbx_number_of_molecules 
_entity.pdbx_ec 
_entity.pdbx_mutation 
_entity.pdbx_fragment 
_entity.details 
1 polymer man 'BH0342 protein' 11308.010 1   3.1.-.- ? ? ? 
2 water   nat water            18.015    102 ?       ? ? ? 
# 
_entity_poly.entity_id                      1 
_entity_poly.type                           'polypeptide(L)' 
_entity_poly.nstd_linkage                   no 
_entity_poly.nstd_monomer                   no 
_entity_poly.pdbx_seq_one_letter_code       
;GSHMMLVLITYDVQTSSMGGTKRLRKVAKACQNYGQRVQNSVFECIVDSTQLTSLKLELTSLIDEEKDSLRIYRLGNNYK
TKVEHIGAKPSIDLEDPLIF
;
_entity_poly.pdbx_seq_one_letter_code_can   
;GSHMMLVLITYDVQTSSMGGTKRLRKVAKACQNYGQRVQNSVFECIVDSTQLTSLKLELTSLIDEEKDSLRIYRLGNNYK
TKVEHIGAKPSIDLEDPLIF
;
_entity_poly.pdbx_strand_id                 A 
_entity_poly.pdbx_target_identifier         ? 
# 
_pdbx_entity_nonpoly.entity_id   2 
_pdbx_entity_nonpoly.name        water 
_pdbx_entity_nonpoly.comp_id     HOH 
# 
loop_
_entity_poly_seq.entity_id 
_entity_poly_seq.num 
_entity_poly_seq.mon_id 
_entity_poly_seq.hetero 
1 1   GLY n 
1 2   SER n 
1 3   HIS n 
1 4   MET n 
1 5   MET n 
1 6   LEU n 
1 7   VAL n 
1 8   LEU n 
1 9   ILE n 
1 10  THR n 
1 11  TYR n 
1 12  ASP n 
1 13  VAL n 
1 14  GLN n 
1 15  THR n 
1 16  SER n 
1 17  SER n 
1 18  MET n 
1 19  GLY n 
1 20  GLY n 
1 21  THR n 
1 22  LYS n 
1 23  ARG n 
1 24  LEU n 
1 25  ARG n 
1 26  LYS n 
1 27  VAL n 
1 28  ALA n 
1 29  LYS n 
1 30  ALA n 
1 31  CYS n 
1 32  GLN n 
1 33  ASN n 
1 34  TYR n 
1 35  GLY n 
1 36  GLN n 
1 37  ARG n 
1 38  VAL n 
1 39  GLN n 
1 40  ASN n 
1 41  SER n 
1 42  VAL n 
1 43  PHE n 
1 44  GLU n 
1 45  CYS n 
1 46  ILE n 
1 47  VAL n 
1 48  ASP n 
1 49  SER n 
1 50  THR n 
1 51  GLN n 
1 52  LEU n 
1 53  THR n 
1 54  SER n 
1 55  LEU n 
1 56  LYS n 
1 57  LEU n 
1 58  GLU n 
1 59  LEU n 
1 60  THR n 
1 61  SER n 
1 62  LEU n 
1 63  ILE n 
1 64  ASP n 
1 65  GLU n 
1 66  GLU n 
1 67  LYS n 
1 68  ASP n 
1 69  SER n 
1 70  LEU n 
1 71  ARG n 
1 72  ILE n 
1 73  TYR n 
1 74  ARG n 
1 75  LEU n 
1 76  GLY n 
1 77  ASN n 
1 78  ASN n 
1 79  TYR n 
1 80  LYS n 
1 81  THR n 
1 82  LYS n 
1 83  VAL n 
1 84  GLU n 
1 85  HIS n 
1 86  ILE n 
1 87  GLY n 
1 88  ALA n 
1 89  LYS n 
1 90  PRO n 
1 91  SER n 
1 92  ILE n 
1 93  ASP n 
1 94  LEU n 
1 95  GLU n 
1 96  ASP n 
1 97  PRO n 
1 98  LEU n 
1 99  ILE n 
1 100 PHE n 
# 
_entity_src_gen.entity_id                          1 
_entity_src_gen.pdbx_src_id                        1 
_entity_src_gen.pdbx_alt_source_flag               sample 
_entity_src_gen.pdbx_seq_type                      ? 
_entity_src_gen.pdbx_beg_seq_num                   ? 
_entity_src_gen.pdbx_end_seq_num                   ? 
_entity_src_gen.gene_src_common_name               ? 
_entity_src_gen.gene_src_genus                     ? 
_entity_src_gen.pdbx_gene_src_gene                 BH0342 
_entity_src_gen.gene_src_species                   ? 
_entity_src_gen.gene_src_strain                    'ATCC BAA-125 / DSM 18197 / FERM 7344 / JCM 9153 / C-125' 
_entity_src_gen.gene_src_tissue                    ? 
_entity_src_gen.gene_src_tissue_fraction           ? 
_entity_src_gen.gene_src_details                   ? 
_entity_src_gen.pdbx_gene_src_fragment             ? 
_entity_src_gen.pdbx_gene_src_scientific_name      'Bacillus halodurans' 
_entity_src_gen.pdbx_gene_src_ncbi_taxonomy_id     272558 
_entity_src_gen.pdbx_gene_src_variant              ? 
_entity_src_gen.pdbx_gene_src_cell_line            ? 
_entity_src_gen.pdbx_gene_src_atcc                 ? 
_entity_src_gen.pdbx_gene_src_organ                ? 
_entity_src_gen.pdbx_gene_src_organelle            ? 
_entity_src_gen.pdbx_gene_src_cell                 ? 
_entity_src_gen.pdbx_gene_src_cellular_location    ? 
_entity_src_gen.host_org_common_name               ? 
_entity_src_gen.pdbx_host_org_scientific_name      'Escherichia coli' 
_entity_src_gen.pdbx_host_org_ncbi_taxonomy_id     511693 
_entity_src_gen.host_org_genus                     ? 
_entity_src_gen.pdbx_host_org_gene                 ? 
_entity_src_gen.pdbx_host_org_organ                ? 
_entity_src_gen.host_org_species                   ? 
_entity_src_gen.pdbx_host_org_tissue               ? 
_entity_src_gen.pdbx_host_org_tissue_fraction      ? 
_entity_src_gen.pdbx_host_org_strain               'BL21 star' 
_entity_src_gen.pdbx_host_org_variant              ? 
_entity_src_gen.pdbx_host_org_cell_line            ? 
_entity_src_gen.pdbx_host_org_atcc                 ? 
_entity_src_gen.pdbx_host_org_culture_collection   ? 
_entity_src_gen.pdbx_host_org_cell                 ? 
_entity_src_gen.pdbx_host_org_organelle            ? 
_entity_src_gen.pdbx_host_org_cellular_location    ? 
_entity_src_gen.pdbx_host_org_vector_type          plasmid 
_entity_src_gen.pdbx_host_org_vector               ? 
_entity_src_gen.host_org_details                   ? 
_entity_src_gen.expression_system_id               ? 
_entity_src_gen.plasmid_name                       pET28b 
_entity_src_gen.plasmid_details                    ? 
_entity_src_gen.pdbx_description                   ? 
# 
loop_
_chem_comp.id 
_chem_comp.type 
_chem_comp.mon_nstd_flag 
_chem_comp.name 
_chem_comp.pdbx_synonyms 
_chem_comp.formula 
_chem_comp.formula_weight 
ALA 'L-peptide linking' y ALANINE         ? 'C3 H7 N O2'     89.093  
ARG 'L-peptide linking' y ARGININE        ? 'C6 H15 N4 O2 1' 175.209 
ASN 'L-peptide linking' y ASPARAGINE      ? 'C4 H8 N2 O3'    132.118 
ASP 'L-peptide linking' y 'ASPARTIC ACID' ? 'C4 H7 N O4'     133.103 
CYS 'L-peptide linking' y CYSTEINE        ? 'C3 H7 N O2 S'   121.158 
GLN 'L-peptide linking' y GLUTAMINE       ? 'C5 H10 N2 O3'   146.144 
GLU 'L-peptide linking' y 'GLUTAMIC ACID' ? 'C5 H9 N O4'     147.129 
GLY 'peptide linking'   y GLYCINE         ? 'C2 H5 N O2'     75.067  
HIS 'L-peptide linking' y HISTIDINE       ? 'C6 H10 N3 O2 1' 156.162 
HOH non-polymer         . WATER           ? 'H2 O'           18.015  
ILE 'L-peptide linking' y ISOLEUCINE      ? 'C6 H13 N O2'    131.173 
LEU 'L-peptide linking' y LEUCINE         ? 'C6 H13 N O2'    131.173 
LYS 'L-peptide linking' y LYSINE          ? 'C6 H15 N2 O2 1' 147.195 
MET 'L-peptide linking' y METHIONINE      ? 'C5 H11 N O2 S'  149.211 
PHE 'L-peptide linking' y PHENYLALANINE   ? 'C9 H11 N O2'    165.189 
PRO 'L-peptide linking' y PROLINE         ? 'C5 H9 N O2'     115.130 
SER 'L-peptide linking' y SERINE          ? 'C3 H7 N O3'     105.093 
THR 'L-peptide linking' y THREONINE       ? 'C4 H9 N O3'     119.119 
TYR 'L-peptide linking' y TYROSINE        ? 'C9 H11 N O3'    181.189 
VAL 'L-peptide linking' y VALINE          ? 'C5 H11 N O2'    117.146 
# 
loop_
_pdbx_poly_seq_scheme.asym_id 
_pdbx_poly_seq_scheme.entity_id 
_pdbx_poly_seq_scheme.seq_id 
_pdbx_poly_seq_scheme.mon_id 
_pdbx_poly_seq_scheme.ndb_seq_num 
_pdbx_poly_seq_scheme.pdb_seq_num 
_pdbx_poly_seq_scheme.auth_seq_num 
_pdbx_poly_seq_scheme.pdb_mon_id 
_pdbx_poly_seq_scheme.auth_mon_id 
_pdbx_poly_seq_scheme.pdb_strand_id 
_pdbx_poly_seq_scheme.pdb_ins_code 
_pdbx_poly_seq_scheme.hetero 
A 1 1   GLY 1   -3 ?  ?   ?   A . n 
A 1 2   SER 2   -2 ?  ?   ?   A . n 
A 1 3   HIS 3   -1 -1 HIS HIS A . n 
A 1 4   MET 4   0  0  MET MET A . n 
A 1 5   MET 5   1  1  MET MET A . n 
A 1 6   LEU 6   2  2  LEU LEU A . n 
A 1 7   VAL 7   3  3  VAL VAL A . n 
A 1 8   LEU 8   4  4  LEU LEU A . n 
A 1 9   ILE 9   5  5  ILE ILE A . n 
A 1 10  THR 10  6  6  THR THR A . n 
A 1 11  TYR 11  7  7  TYR TYR A . n 
A 1 12  ASP 12  8  8  ASP ASP A . n 
A 1 13  VAL 13  9  9  VAL VAL A . n 
A 1 14  GLN 14  10 10 GLN GLN A . n 
A 1 15  THR 15  11 ?  ?   ?   A . n 
A 1 16  SER 16  12 ?  ?   ?   A . n 
A 1 17  SER 17  13 13 SER SER A . n 
A 1 18  MET 18  14 14 MET MET A . n 
A 1 19  GLY 19  15 15 GLY GLY A . n 
A 1 20  GLY 20  16 16 GLY GLY A . n 
A 1 21  THR 21  17 17 THR THR A . n 
A 1 22  LYS 22  18 18 LYS LYS A . n 
A 1 23  ARG 23  19 19 ARG ARG A . n 
A 1 24  LEU 24  20 20 LEU LEU A . n 
A 1 25  ARG 25  21 21 ARG ARG A . n 
A 1 26  LYS 26  22 22 LYS LYS A . n 
A 1 27  VAL 27  23 23 VAL VAL A . n 
A 1 28  ALA 28  24 24 ALA ALA A . n 
A 1 29  LYS 29  25 25 LYS LYS A . n 
A 1 30  ALA 30  26 26 ALA ALA A . n 
A 1 31  CYS 31  27 27 CYS CYS A . n 
A 1 32  GLN 32  28 28 GLN GLN A . n 
A 1 33  ASN 33  29 29 ASN ASN A . n 
A 1 34  TYR 34  30 30 TYR TYR A . n 
A 1 35  GLY 35  31 31 GLY GLY A . n 
A 1 36  GLN 36  32 32 GLN GLN A . n 
A 1 37  ARG 37  33 33 ARG ARG A . n 
A 1 38  VAL 38  34 34 VAL VAL A . n 
A 1 39  GLN 39  35 35 GLN GLN A . n 
A 1 40  ASN 40  36 36 ASN ASN A . n 
A 1 41  SER 41  37 37 SER SER A . n 
A 1 42  VAL 42  38 38 VAL VAL A . n 
A 1 43  PHE 43  39 39 PHE PHE A . n 
A 1 44  GLU 44  40 40 GLU GLU A . n 
A 1 45  CYS 45  41 41 CYS CYS A . n 
A 1 46  ILE 46  42 42 ILE ILE A . n 
A 1 47  VAL 47  43 43 VAL VAL A . n 
A 1 48  ASP 48  44 44 ASP ASP A . n 
A 1 49  SER 49  45 45 SER SER A . n 
A 1 50  THR 50  46 46 THR THR A . n 
A 1 51  GLN 51  47 47 GLN GLN A . n 
A 1 52  LEU 52  48 48 LEU LEU A . n 
A 1 53  THR 53  49 49 THR THR A . n 
A 1 54  SER 54  50 50 SER SER A . n 
A 1 55  LEU 55  51 51 LEU LEU A . n 
A 1 56  LYS 56  52 52 LYS LYS A . n 
A 1 57  LEU 57  53 53 LEU LEU A . n 
A 1 58  GLU 58  54 54 GLU GLU A . n 
A 1 59  LEU 59  55 55 LEU LEU A . n 
A 1 60  THR 60  56 56 THR THR A . n 
A 1 61  SER 61  57 57 SER SER A . n 
A 1 62  LEU 62  58 58 LEU LEU A . n 
A 1 63  ILE 63  59 59 ILE ILE A . n 
A 1 64  ASP 64  60 60 ASP ASP A . n 
A 1 65  GLU 65  61 61 GLU GLU A . n 
A 1 66  GLU 66  62 62 GLU GLU A . n 
A 1 67  LYS 67  63 63 LYS LYS A . n 
A 1 68  ASP 68  64 64 ASP ASP A . n 
A 1 69  SER 69  65 65 SER SER A . n 
A 1 70  LEU 70  66 66 LEU LEU A . n 
A 1 71  ARG 71  67 67 ARG ARG A . n 
A 1 72  ILE 72  68 68 ILE ILE A . n 
A 1 73  TYR 73  69 69 TYR TYR A . n 
A 1 74  ARG 74  70 70 ARG ARG A . n 
A 1 75  LEU 75  71 71 LEU LEU A . n 
A 1 76  GLY 76  72 72 GLY GLY A . n 
A 1 77  ASN 77  73 ?  ?   ?   A . n 
A 1 78  ASN 78  74 ?  ?   ?   A . n 
A 1 79  TYR 79  75 75 TYR TYR A . n 
A 1 80  LYS 80  76 ?  ?   ?   A . n 
A 1 81  THR 81  77 77 THR ALA A . n 
A 1 82  LYS 82  78 78 LYS LYS A . n 
A 1 83  VAL 83  79 79 VAL VAL A . n 
A 1 84  GLU 84  80 80 GLU GLU A . n 
A 1 85  HIS 85  81 81 HIS HIS A . n 
A 1 86  ILE 86  82 82 ILE ILE A . n 
A 1 87  GLY 87  83 83 GLY GLY A . n 
A 1 88  ALA 88  84 84 ALA ALA A . n 
A 1 89  LYS 89  85 85 LYS LYS A . n 
A 1 90  PRO 90  86 86 PRO PRO A . n 
A 1 91  SER 91  87 87 SER SER A . n 
A 1 92  ILE 92  88 ?  ?   ?   A . n 
A 1 93  ASP 93  89 ?  ?   ?   A . n 
A 1 94  LEU 94  90 ?  ?   ?   A . n 
A 1 95  GLU 95  91 ?  ?   ?   A . n 
A 1 96  ASP 96  92 ?  ?   ?   A . n 
A 1 97  PRO 97  93 ?  ?   ?   A . n 
A 1 98  LEU 98  94 ?  ?   ?   A . n 
A 1 99  ILE 99  95 ?  ?   ?   A . n 
A 1 100 PHE 100 96 ?  ?   ?   A . n 
# 
loop_
_pdbx_nonpoly_scheme.asym_id 
_pdbx_nonpoly_scheme.entity_id 
_pdbx_nonpoly_scheme.mon_id 
_pdbx_nonpoly_scheme.ndb_seq_num 
_pdbx_nonpoly_scheme.pdb_seq_num 
_pdbx_nonpoly_scheme.auth_seq_num 
_pdbx_nonpoly_scheme.pdb_mon_id 
_pdbx_nonpoly_scheme.auth_mon_id 
_pdbx_nonpoly_scheme.pdb_strand_id 
_pdbx_nonpoly_scheme.pdb_ins_code 
B 2 HOH 1   101 1   HOH HOH A . 
B 2 HOH 2   102 2   HOH HOH A . 
B 2 HOH 3   103 3   HOH HOH A . 
B 2 HOH 4   104 4   HOH HOH A . 
B 2 HOH 5   105 5   HOH HOH A . 
B 2 HOH 6   106 6   HOH HOH A . 
B 2 HOH 7   107 7   HOH HOH A . 
B 2 HOH 8   108 8   HOH HOH A . 
B 2 HOH 9   109 9   HOH HOH A . 
B 2 HOH 10  110 10  HOH HOH A . 
B 2 HOH 11  111 11  HOH HOH A . 
B 2 HOH 12  112 12  HOH HOH A . 
B 2 HOH 13  113 13  HOH HOH A . 
B 2 HOH 14  114 14  HOH HOH A . 
B 2 HOH 15  115 15  HOH HOH A . 
B 2 HOH 16  116 16  HOH HOH A . 
B 2 HOH 17  117 17  HOH HOH A . 
B 2 HOH 18  118 18  HOH HOH A . 
B 2 HOH 19  119 19  HOH HOH A . 
B 2 HOH 20  120 20  HOH HOH A . 
B 2 HOH 21  121 21  HOH HOH A . 
B 2 HOH 22  122 22  HOH HOH A . 
B 2 HOH 23  123 23  HOH HOH A . 
B 2 HOH 24  124 24  HOH HOH A . 
B 2 HOH 25  125 25  HOH HOH A . 
B 2 HOH 26  126 26  HOH HOH A . 
B 2 HOH 27  127 27  HOH HOH A . 
B 2 HOH 28  128 28  HOH HOH A . 
B 2 HOH 29  129 29  HOH HOH A . 
B 2 HOH 30  130 30  HOH HOH A . 
B 2 HOH 31  131 31  HOH HOH A . 
B 2 HOH 32  132 32  HOH HOH A . 
B 2 HOH 33  133 33  HOH HOH A . 
B 2 HOH 34  134 34  HOH HOH A . 
B 2 HOH 35  135 35  HOH HOH A . 
B 2 HOH 36  136 36  HOH HOH A . 
B 2 HOH 37  137 37  HOH HOH A . 
B 2 HOH 38  138 38  HOH HOH A . 
B 2 HOH 39  139 39  HOH HOH A . 
B 2 HOH 40  140 40  HOH HOH A . 
B 2 HOH 41  141 41  HOH HOH A . 
B 2 HOH 42  142 42  HOH HOH A . 
B 2 HOH 43  143 43  HOH HOH A . 
B 2 HOH 44  144 44  HOH HOH A . 
B 2 HOH 45  145 45  HOH HOH A . 
B 2 HOH 46  146 46  HOH HOH A . 
B 2 HOH 47  147 47  HOH HOH A . 
B 2 HOH 48  148 48  HOH HOH A . 
B 2 HOH 49  149 49  HOH HOH A . 
B 2 HOH 50  150 50  HOH HOH A . 
B 2 HOH 51  151 51  HOH HOH A . 
B 2 HOH 52  152 52  HOH HOH A . 
B 2 HOH 53  153 53  HOH HOH A . 
B 2 HOH 54  154 54  HOH HOH A . 
B 2 HOH 55  155 55  HOH HOH A . 
B 2 HOH 56  156 56  HOH HOH A . 
B 2 HOH 57  157 57  HOH HOH A . 
B 2 HOH 58  158 58  HOH HOH A . 
B 2 HOH 59  159 59  HOH HOH A . 
B 2 HOH 60  160 60  HOH HOH A . 
B 2 HOH 61  161 61  HOH HOH A . 
B 2 HOH 62  162 62  HOH HOH A . 
B 2 HOH 63  163 63  HOH HOH A . 
B 2 HOH 64  164 65  HOH HOH A . 
B 2 HOH 65  165 66  HOH HOH A . 
B 2 HOH 66  166 67  HOH HOH A . 
B 2 HOH 67  167 68  HOH HOH A . 
B 2 HOH 68  168 69  HOH HOH A . 
B 2 HOH 69  169 70  HOH HOH A . 
B 2 HOH 70  170 71  HOH HOH A . 
B 2 HOH 71  171 72  HOH HOH A . 
B 2 HOH 72  172 73  HOH HOH A . 
B 2 HOH 73  173 74  HOH HOH A . 
B 2 HOH 74  174 75  HOH HOH A . 
B 2 HOH 75  175 76  HOH HOH A . 
B 2 HOH 76  176 77  HOH HOH A . 
B 2 HOH 77  177 78  HOH HOH A . 
B 2 HOH 78  178 79  HOH HOH A . 
B 2 HOH 79  179 80  HOH HOH A . 
B 2 HOH 80  180 81  HOH HOH A . 
B 2 HOH 81  181 82  HOH HOH A . 
B 2 HOH 82  182 83  HOH HOH A . 
B 2 HOH 83  183 84  HOH HOH A . 
B 2 HOH 84  184 85  HOH HOH A . 
B 2 HOH 85  185 86  HOH HOH A . 
B 2 HOH 86  186 87  HOH HOH A . 
B 2 HOH 87  187 88  HOH HOH A . 
B 2 HOH 88  188 89  HOH HOH A . 
B 2 HOH 89  189 90  HOH HOH A . 
B 2 HOH 90  190 91  HOH HOH A . 
B 2 HOH 91  191 92  HOH HOH A . 
B 2 HOH 92  192 94  HOH HOH A . 
B 2 HOH 93  193 95  HOH HOH A . 
B 2 HOH 94  194 96  HOH HOH A . 
B 2 HOH 95  195 97  HOH HOH A . 
B 2 HOH 96  196 98  HOH HOH A . 
B 2 HOH 97  197 99  HOH HOH A . 
B 2 HOH 98  198 100 HOH HOH A . 
B 2 HOH 99  199 101 HOH HOH A . 
B 2 HOH 100 200 102 HOH HOH A . 
B 2 HOH 101 201 103 HOH HOH A . 
B 2 HOH 102 202 104 HOH HOH A . 
# 
loop_
_pdbx_unobs_or_zero_occ_atoms.id 
_pdbx_unobs_or_zero_occ_atoms.PDB_model_num 
_pdbx_unobs_or_zero_occ_atoms.polymer_flag 
_pdbx_unobs_or_zero_occ_atoms.occupancy_flag 
_pdbx_unobs_or_zero_occ_atoms.auth_asym_id 
_pdbx_unobs_or_zero_occ_atoms.auth_comp_id 
_pdbx_unobs_or_zero_occ_atoms.auth_seq_id 
_pdbx_unobs_or_zero_occ_atoms.PDB_ins_code 
_pdbx_unobs_or_zero_occ_atoms.auth_atom_id 
_pdbx_unobs_or_zero_occ_atoms.label_alt_id 
_pdbx_unobs_or_zero_occ_atoms.label_asym_id 
_pdbx_unobs_or_zero_occ_atoms.label_comp_id 
_pdbx_unobs_or_zero_occ_atoms.label_seq_id 
_pdbx_unobs_or_zero_occ_atoms.label_atom_id 
1 1 Y 1 A THR 77 ? OG1 ? A THR 81 OG1 
2 1 Y 1 A THR 77 ? CG2 ? A THR 81 CG2 
# 
loop_
_software.pdbx_ordinal 
_software.name 
_software.version 
_software.date 
_software.type 
_software.contact_author 
_software.contact_author_email 
_software.classification 
_software.location 
_software.language 
_software.citation_id 
1 DENZO       .       ?                package 'Zbyszek Otwinowski' hkl@hkl-xray.com         'data reduction'  
http://www.hkl-xray.com/                    ?          ? 
2 SCALEPACK   .       ?                package 'Zbyszek Otwinowski' hkl@hkl-xray.com         'data scaling'    
http://www.hkl-xray.com/                    ?          ? 
3 MOLREP      .       ?                program 'Alexei Vaguine'     alexei@ysbl.york.ac.uk   phasing           
http://www.ccp4.ac.uk/dist/html/molrep.html Fortran_77 ? 
4 PHENIX      1.7_650 ?                package 'Paul D. Adams'      PDAdams@lbl.gov          refinement        
http://www.phenix-online.org/               C++        ? 
5 PDB_EXTRACT 3.11    'April 22, 2011' package PDB                  deposit@deposit.rcsb.org 'data extraction' 
http://sw-tools.pdb.org/apps/PDB_EXTRACT/   C++        ? 
6 HKL-2000    .       ?                ?       ?                    ?                        'data collection' ? ?          ? 
# 
_cell.length_a           66.078 
_cell.length_b           33.509 
_cell.length_c           39.163 
_cell.angle_alpha        90.000 
_cell.angle_beta         90.000 
_cell.angle_gamma        90.000 
_cell.entry_id           4ES2 
_cell.pdbx_unique_axis   ? 
_cell.Z_PDB              4 
_cell.length_a_esd       ? 
_cell.length_b_esd       ? 
_cell.length_c_esd       ? 
_cell.angle_alpha_esd    ? 
_cell.angle_beta_esd     ? 
_cell.angle_gamma_esd    ? 
# 
_symmetry.space_group_name_H-M             'P 21 21 2' 
_symmetry.entry_id                         4ES2 
_symmetry.pdbx_full_space_group_name_H-M   ? 
_symmetry.Int_Tables_number                18 
_symmetry.cell_setting                     ? 
_symmetry.space_group_name_Hall            ? 
# 
_exptl.crystals_number   1 
_exptl.entry_id          4ES2 
_exptl.method            'X-RAY DIFFRACTION' 
# 
_exptl_crystal.id                    1 
_exptl_crystal.density_Matthews      1.92 
_exptl_crystal.density_meas          ? 
_exptl_crystal.density_percent_sol   35.84 
_exptl_crystal.description           ? 
_exptl_crystal.F_000                 ? 
_exptl_crystal.preparation           ? 
# 
_exptl_crystal_grow.crystal_id      1 
_exptl_crystal_grow.method          'VAPOR DIFFUSION, HANGING DROP' 
_exptl_crystal_grow.pH              6 
_exptl_crystal_grow.temp            294 
_exptl_crystal_grow.temp_details    ? 
_exptl_crystal_grow.pdbx_details    
'50 mM MES, pH 6.0, 2% w/v MPD, 10 mM magnesium sulfate, VAPOR DIFFUSION, HANGING DROP, temperature 294K' 
_exptl_crystal_grow.pdbx_pH_range   ? 
# 
_diffrn.id                     1 
_diffrn.ambient_temp           100 
_diffrn.ambient_temp_details   ? 
_diffrn.crystal_id             1 
# 
_diffrn_detector.diffrn_id              1 
_diffrn_detector.detector               CCD 
_diffrn_detector.type                   'ADSC QUANTUM 210' 
_diffrn_detector.pdbx_collection_date   2010-10-29 
_diffrn_detector.details                ? 
# 
_diffrn_radiation.diffrn_id                        1 
_diffrn_radiation.wavelength_id                    1 
_diffrn_radiation.pdbx_diffrn_protocol             'SINGLE WAVELENGTH' 
_diffrn_radiation.monochromator                    'Si(111)' 
_diffrn_radiation.pdbx_monochromatic_or_laue_m_l   M 
_diffrn_radiation.pdbx_scattering_type             x-ray 
# 
_diffrn_radiation_wavelength.id           1 
_diffrn_radiation_wavelength.wavelength   0.9770 
_diffrn_radiation_wavelength.wt           1.0 
# 
_diffrn_source.diffrn_id                   1 
_diffrn_source.source                      SYNCHROTRON 
_diffrn_source.type                        'CHESS BEAMLINE A1' 
_diffrn_source.pdbx_wavelength             ? 
_diffrn_source.pdbx_wavelength_list        0.9770 
_diffrn_source.pdbx_synchrotron_site       CHESS 
_diffrn_source.pdbx_synchrotron_beamline   A1 
# 
_reflns.entry_id                     4ES2 
_reflns.observed_criterion_sigma_F   2 
_reflns.observed_criterion_sigma_I   2 
_reflns.d_resolution_high            1.299 
_reflns.d_resolution_low             15.05 
_reflns.number_all                   21058 
_reflns.number_obs                   21058 
_reflns.percent_possible_obs         95.2 
_reflns.pdbx_Rmerge_I_obs            ? 
_reflns.pdbx_Rsym_value              ? 
_reflns.pdbx_netI_over_sigmaI        ? 
_reflns.B_iso_Wilson_estimate        ? 
_reflns.pdbx_redundancy              ? 
_reflns.R_free_details               ? 
_reflns.limit_h_max                  ? 
_reflns.limit_h_min                  ? 
_reflns.limit_k_max                  ? 
_reflns.limit_k_min                  ? 
_reflns.limit_l_max                  ? 
_reflns.limit_l_min                  ? 
_reflns.observed_criterion_F_max     ? 
_reflns.observed_criterion_F_min     ? 
_reflns.pdbx_chi_squared             ? 
_reflns.pdbx_scaling_rejects         ? 
_reflns.pdbx_ordinal                 1 
_reflns.pdbx_diffrn_id               1 
# 
_reflns_shell.d_res_high             1.299 
_reflns_shell.d_res_low              1.32 
_reflns_shell.percent_possible_obs   ? 
_reflns_shell.percent_possible_all   83.9 
_reflns_shell.Rmerge_I_obs           ? 
_reflns_shell.meanI_over_sigI_obs    ? 
_reflns_shell.pdbx_Rsym_value        ? 
_reflns_shell.pdbx_redundancy        ? 
_reflns_shell.number_unique_all      ? 
_reflns_shell.number_measured_all    ? 
_reflns_shell.number_measured_obs    ? 
_reflns_shell.number_unique_obs      ? 
_reflns_shell.pdbx_chi_squared       ? 
_reflns_shell.pdbx_ordinal           1 
_reflns_shell.pdbx_diffrn_id         1 
# 
_refine.entry_id                                 4ES2 
_refine.ls_d_res_high                            1.299 
_refine.ls_d_res_low                             15.05 
_refine.pdbx_ls_sigma_F                          0.0 
_refine.pdbx_data_cutoff_high_absF               ? 
_refine.pdbx_data_cutoff_low_absF                ? 
_refine.ls_percent_reflns_obs                    92.67 
_refine.ls_number_reflns_obs                     20477 
_refine.ls_number_reflns_all                     ? 
_refine.pdbx_ls_cross_valid_method               ? 
_refine.pdbx_R_Free_selection_details            ? 
_refine.details                                  ? 
_refine.ls_R_factor_all                          ? 
_refine.ls_R_factor_obs                          0.1707 
_refine.ls_R_factor_R_work                       0.1684 
_refine.ls_wR_factor_R_work                      ? 
_refine.ls_R_factor_R_free                       0.1919 
_refine.ls_wR_factor_R_free                      ? 
_refine.ls_percent_reflns_R_free                 9.5 
_refine.ls_number_reflns_R_free                  1946 
_refine.ls_R_factor_R_free_error                 ? 
_refine.B_iso_mean                               21.3483 
_refine.solvent_model_param_bsol                 60.8390 
_refine.solvent_model_param_ksol                 0.4660 
_refine.pdbx_isotropic_thermal_model             ? 
_refine.aniso_B[1][1]                            -5.8109 
_refine.aniso_B[2][2]                            -2.7026 
_refine.aniso_B[3][3]                            8.5135 
_refine.aniso_B[1][2]                            -0.0000 
_refine.aniso_B[1][3]                            0.0000 
_refine.aniso_B[2][3]                            0.0000 
_refine.correlation_coeff_Fo_to_Fc               ? 
_refine.correlation_coeff_Fo_to_Fc_free          ? 
_refine.overall_SU_R_Cruickshank_DPI             ? 
_refine.overall_SU_R_free                        ? 
_refine.pdbx_overall_ESU_R                       ? 
_refine.pdbx_overall_ESU_R_Free                  ? 
_refine.overall_SU_ML                            0.1400 
_refine.overall_SU_B                             ? 
_refine.solvent_model_details                    'FLAT BULK SOLVENT MODEL' 
_refine.pdbx_solvent_vdw_probe_radii             0.8000 
_refine.pdbx_solvent_ion_probe_radii             ? 
_refine.pdbx_solvent_shrinkage_radii             0.6500 
_refine.ls_number_parameters                     ? 
_refine.ls_number_restraints                     ? 
_refine.pdbx_starting_model                      ? 
_refine.pdbx_method_to_determine_struct          'MOLECULAR REPLACEMENT' 
_refine.pdbx_stereochemistry_target_values       ML 
_refine.pdbx_stereochem_target_val_spec_case     ? 
_refine.overall_FOM_work_R_set                   0.8711 
_refine.B_iso_max                                58.970 
_refine.B_iso_min                                9.960 
_refine.pdbx_overall_phase_error                 18.6800 
_refine.occupancy_max                            1.000 
_refine.occupancy_min                            0.500 
_refine.pdbx_ls_sigma_I                          ? 
_refine.ls_redundancy_reflns_obs                 ? 
_refine.ls_R_factor_R_free_error_details         ? 
_refine.pdbx_data_cutoff_high_rms_absF           ? 
_refine.overall_FOM_free_R_set                   ? 
_refine.pdbx_diffrn_id                           1 
_refine.pdbx_refine_id                           'X-RAY DIFFRACTION' 
_refine.pdbx_TLS_residual_ADP_flag               ? 
_refine.pdbx_overall_SU_R_free_Cruickshank_DPI   ? 
_refine.pdbx_overall_SU_R_Blow_DPI               ? 
_refine.pdbx_overall_SU_R_free_Blow_DPI          ? 
# 
_refine_hist.pdbx_refine_id                   'X-RAY DIFFRACTION' 
_refine_hist.cycle_id                         LAST 
_refine_hist.pdbx_number_atoms_protein        664 
_refine_hist.pdbx_number_atoms_nucleic_acid   0 
_refine_hist.pdbx_number_atoms_ligand         0 
_refine_hist.number_atoms_solvent             102 
_refine_hist.number_atoms_total               766 
_refine_hist.d_res_high                       1.299 
_refine_hist.d_res_low                        15.05 
# 
loop_
_refine_ls_restr.type 
_refine_ls_restr.number 
_refine_ls_restr.dev_ideal 
_refine_ls_restr.dev_ideal_target 
_refine_ls_restr.weight 
_refine_ls_restr.pdbx_restraint_function 
_refine_ls_restr.pdbx_refine_id 
f_bond_d           663 0.009  ? ? ? 'X-RAY DIFFRACTION' 
f_angle_d          884 1.407  ? ? ? 'X-RAY DIFFRACTION' 
f_chiral_restr     105 0.082  ? ? ? 'X-RAY DIFFRACTION' 
f_plane_restr      108 0.005  ? ? ? 'X-RAY DIFFRACTION' 
f_dihedral_angle_d 255 16.026 ? ? ? 'X-RAY DIFFRACTION' 
# 
loop_
_refine_ls_shell.d_res_high 
_refine_ls_shell.d_res_low 
_refine_ls_shell.pdbx_total_number_of_bins_used 
_refine_ls_shell.percent_reflns_obs 
_refine_ls_shell.number_reflns_R_work 
_refine_ls_shell.R_factor_all 
_refine_ls_shell.R_factor_R_work 
_refine_ls_shell.R_factor_R_free 
_refine_ls_shell.percent_reflns_R_free 
_refine_ls_shell.number_reflns_R_free 
_refine_ls_shell.R_factor_R_free_error 
_refine_ls_shell.number_reflns_all 
_refine_ls_shell.number_reflns_obs 
_refine_ls_shell.redundancy_reflns_obs 
_refine_ls_shell.pdbx_refine_id 
1.299  1.3316  14 76.0 1066 . 0.2185 0.2790 . 108 . 1174 . . 'X-RAY DIFFRACTION' 
1.3316 1.3675  14 84.0 1163 . 0.1905 0.2415 . 122 . 1285 . . 'X-RAY DIFFRACTION' 
1.3675 1.4077  14 88.0 1239 . 0.1648 0.2431 . 133 . 1372 . . 'X-RAY DIFFRACTION' 
1.4077 1.4531  14 91.0 1291 . 0.1540 0.2154 . 135 . 1426 . . 'X-RAY DIFFRACTION' 
1.4531 1.5050  14 92.0 1285 . 0.1411 0.2307 . 134 . 1419 . . 'X-RAY DIFFRACTION' 
1.5050 1.5652  14 94.0 1319 . 0.1174 0.1879 . 141 . 1460 . . 'X-RAY DIFFRACTION' 
1.5652 1.6364  14 95.0 1329 . 0.1226 0.1471 . 142 . 1471 . . 'X-RAY DIFFRACTION' 
1.6364 1.7226  14 96.0 1358 . 0.1306 0.1700 . 143 . 1501 . . 'X-RAY DIFFRACTION' 
1.7226 1.8303  14 96.0 1362 . 0.1322 0.1624 . 142 . 1504 . . 'X-RAY DIFFRACTION' 
1.8303 1.9713  14 96.0 1382 . 0.1413 0.1543 . 144 . 1526 . . 'X-RAY DIFFRACTION' 
1.9713 2.1692  14 99.0 1399 . 0.1526 0.1841 . 147 . 1546 . . 'X-RAY DIFFRACTION' 
2.1692 2.4819  14 98.0 1429 . 0.1527 0.2002 . 150 . 1579 . . 'X-RAY DIFFRACTION' 
2.4819 3.1223  14 99.0 1444 . 0.1745 0.2018 . 151 . 1595 . . 'X-RAY DIFFRACTION' 
3.1223 15.0515 14 94.0 1465 . 0.2117 0.1943 . 154 . 1619 . . 'X-RAY DIFFRACTION' 
# 
_struct.entry_id                  4ES2 
_struct.title                     
;Double-stranded Endonuclease Activity in B. halodurans Clustered Regularly Interspaced Short Palindromic Repeats (CRISPR)-associated Cas2 Protein
;
_struct.pdbx_model_details        ? 
_struct.pdbx_CASP_flag            ? 
_struct.pdbx_model_type_details   ? 
# 
_struct_keywords.entry_id        4ES2 
_struct_keywords.pdbx_keywords   HYDROLASE 
_struct_keywords.text            'ferredoxin, nuclease, HYDROLASE' 
# 
loop_
_struct_asym.id 
_struct_asym.pdbx_blank_PDB_chainid_flag 
_struct_asym.pdbx_modified 
_struct_asym.entity_id 
_struct_asym.details 
A N N 1 ? 
B N N 2 ? 
# 
_struct_ref.id                         1 
_struct_ref.db_name                    UNP 
_struct_ref.db_code                    Q9KFX8_BACHD 
_struct_ref.pdbx_db_accession          Q9KFX8 
_struct_ref.entity_id                  1 
_struct_ref.pdbx_seq_one_letter_code   
;MLVLITYDVQTSSMGGTKRLRKVAKACQNYGQRVQNSVFECIVDSTQLTSLKLELTSLIDEEKDSLRIYRLGNNYKTKVE
HIGAKPSIDLEDPLIF
;
_struct_ref.pdbx_align_begin           1 
_struct_ref.pdbx_db_isoform            ? 
# 
_struct_ref_seq.align_id                      1 
_struct_ref_seq.ref_id                        1 
_struct_ref_seq.pdbx_PDB_id_code              4ES2 
_struct_ref_seq.pdbx_strand_id                A 
_struct_ref_seq.seq_align_beg                 5 
_struct_ref_seq.pdbx_seq_align_beg_ins_code   ? 
_struct_ref_seq.seq_align_end                 100 
_struct_ref_seq.pdbx_seq_align_end_ins_code   ? 
_struct_ref_seq.pdbx_db_accession             Q9KFX8 
_struct_ref_seq.db_align_beg                  1 
_struct_ref_seq.pdbx_db_align_beg_ins_code    ? 
_struct_ref_seq.db_align_end                  96 
_struct_ref_seq.pdbx_db_align_end_ins_code    ? 
_struct_ref_seq.pdbx_auth_seq_align_beg       1 
_struct_ref_seq.pdbx_auth_seq_align_end       96 
# 
loop_
_struct_ref_seq_dif.align_id 
_struct_ref_seq_dif.pdbx_pdb_id_code 
_struct_ref_seq_dif.mon_id 
_struct_ref_seq_dif.pdbx_pdb_strand_id 
_struct_ref_seq_dif.seq_num 
_struct_ref_seq_dif.pdbx_pdb_ins_code 
_struct_ref_seq_dif.pdbx_seq_db_name 
_struct_ref_seq_dif.pdbx_seq_db_accession_code 
_struct_ref_seq_dif.db_mon_id 
_struct_ref_seq_dif.pdbx_seq_db_seq_num 
_struct_ref_seq_dif.details 
_struct_ref_seq_dif.pdbx_auth_seq_num 
_struct_ref_seq_dif.pdbx_ordinal 
1 4ES2 GLY A 1 ? UNP Q9KFX8 ? ? 'expression tag' -3 1 
1 4ES2 SER A 2 ? UNP Q9KFX8 ? ? 'expression tag' -2 2 
1 4ES2 HIS A 3 ? UNP Q9KFX8 ? ? 'expression tag' -1 3 
1 4ES2 MET A 4 ? UNP Q9KFX8 ? ? 'expression tag' 0  4 
# 
_pdbx_struct_assembly.id                   1 
_pdbx_struct_assembly.details              author_and_software_defined_assembly 
_pdbx_struct_assembly.method_details       PISA 
_pdbx_struct_assembly.oligomeric_details   dimeric 
_pdbx_struct_assembly.oligomeric_count     2 
# 
loop_
_pdbx_struct_assembly_prop.biol_id 
_pdbx_struct_assembly_prop.type 
_pdbx_struct_assembly_prop.value 
_pdbx_struct_assembly_prop.details 
1 'ABSA (A^2)' 2730 ? 
1 MORE         -6   ? 
1 'SSA (A^2)'  9220 ? 
# 
_pdbx_struct_assembly_gen.assembly_id       1 
_pdbx_struct_assembly_gen.oper_expression   1,2 
_pdbx_struct_assembly_gen.asym_id_list      A,B 
# 
loop_
_pdbx_struct_oper_list.id 
_pdbx_struct_oper_list.type 
_pdbx_struct_oper_list.name 
_pdbx_struct_oper_list.symmetry_operation 
_pdbx_struct_oper_list.matrix[1][1] 
_pdbx_struct_oper_list.matrix[1][2] 
_pdbx_struct_oper_list.matrix[1][3] 
_pdbx_struct_oper_list.vector[1] 
_pdbx_struct_oper_list.matrix[2][1] 
_pdbx_struct_oper_list.matrix[2][2] 
_pdbx_struct_oper_list.matrix[2][3] 
_pdbx_struct_oper_list.vector[2] 
_pdbx_struct_oper_list.matrix[3][1] 
_pdbx_struct_oper_list.matrix[3][2] 
_pdbx_struct_oper_list.matrix[3][3] 
_pdbx_struct_oper_list.vector[3] 
1 'identity operation'         1_555 x,y,z   1.0000000000  0.0000000000 0.0000000000  0.0000000000 0.0000000000 1.0000000000  0.0000000000  0.0000000000   0.0000000000  0.0000000000  1.0000000000 0.0000000000  
2 'crystal symmetry operation' 2_555 -x,-y,z -0.9983020414 0.0287574541 -0.0506561242 8.4968772390 0.0287574541 -0.5129497387 -0.8579368126 -12.9646518679 -0.0506561242 -0.8579368126 0.5112517801 -7.0752163018 
# 
_struct_biol.id        1 
_struct_biol.details   ? 
# 
loop_
_struct_conf.conf_type_id 
_struct_conf.id 
_struct_conf.pdbx_PDB_helix_id 
_struct_conf.beg_label_comp_id 
_struct_conf.beg_label_asym_id 
_struct_conf.beg_label_seq_id 
_struct_conf.pdbx_beg_PDB_ins_code 
_struct_conf.end_label_comp_id 
_struct_conf.end_label_asym_id 
_struct_conf.end_label_seq_id 
_struct_conf.pdbx_end_PDB_ins_code 
_struct_conf.beg_auth_comp_id 
_struct_conf.beg_auth_asym_id 
_struct_conf.beg_auth_seq_id 
_struct_conf.end_auth_comp_id 
_struct_conf.end_auth_asym_id 
_struct_conf.end_auth_seq_id 
_struct_conf.pdbx_PDB_helix_class 
_struct_conf.details 
_struct_conf.pdbx_PDB_helix_length 
HELX_P HELX_P1 1 MET A 18 ? ASN A 33 ? MET A 14 ASN A 29 1 ? 16 
HELX_P HELX_P2 2 ASP A 48 ? ILE A 63 ? ASP A 44 ILE A 59 1 ? 16 
# 
_struct_conf_type.id          HELX_P 
_struct_conf_type.criteria    ? 
_struct_conf_type.reference   ? 
# 
_struct_mon_prot_cis.pdbx_id                1 
_struct_mon_prot_cis.label_comp_id          LYS 
_struct_mon_prot_cis.label_seq_id           89 
_struct_mon_prot_cis.label_asym_id          A 
_struct_mon_prot_cis.label_alt_id           . 
_struct_mon_prot_cis.pdbx_PDB_ins_code      ? 
_struct_mon_prot_cis.auth_comp_id           LYS 
_struct_mon_prot_cis.auth_seq_id            85 
_struct_mon_prot_cis.auth_asym_id           A 
_struct_mon_prot_cis.pdbx_label_comp_id_2   PRO 
_struct_mon_prot_cis.pdbx_label_seq_id_2    90 
_struct_mon_prot_cis.pdbx_label_asym_id_2   A 
_struct_mon_prot_cis.pdbx_PDB_ins_code_2    ? 
_struct_mon_prot_cis.pdbx_auth_comp_id_2    PRO 
_struct_mon_prot_cis.pdbx_auth_seq_id_2     86 
_struct_mon_prot_cis.pdbx_auth_asym_id_2    A 
_struct_mon_prot_cis.pdbx_PDB_model_num     1 
_struct_mon_prot_cis.pdbx_omega_angle       5.57 
# 
_struct_sheet.id               A 
_struct_sheet.type             ? 
_struct_sheet.number_strands   4 
_struct_sheet.details          ? 
# 
loop_
_struct_sheet_order.sheet_id 
_struct_sheet_order.range_id_1 
_struct_sheet_order.range_id_2 
_struct_sheet_order.offset 
_struct_sheet_order.sense 
A 1 2 ? anti-parallel 
A 2 3 ? anti-parallel 
A 3 4 ? anti-parallel 
# 
loop_
_struct_sheet_range.sheet_id 
_struct_sheet_range.id 
_struct_sheet_range.beg_label_comp_id 
_struct_sheet_range.beg_label_asym_id 
_struct_sheet_range.beg_label_seq_id 
_struct_sheet_range.pdbx_beg_PDB_ins_code 
_struct_sheet_range.end_label_comp_id 
_struct_sheet_range.end_label_asym_id 
_struct_sheet_range.end_label_seq_id 
_struct_sheet_range.pdbx_end_PDB_ins_code 
_struct_sheet_range.beg_auth_comp_id 
_struct_sheet_range.beg_auth_asym_id 
_struct_sheet_range.beg_auth_seq_id 
_struct_sheet_range.end_auth_comp_id 
_struct_sheet_range.end_auth_asym_id 
_struct_sheet_range.end_auth_seq_id 
A 1 GLY A 35 ? GLN A 39 ? GLY A 31 GLN A 35 
A 2 VAL A 42 ? VAL A 47 ? VAL A 38 VAL A 43 
A 3 MET A 5  ? ASP A 12 ? MET A 1  ASP A 8  
A 4 SER A 69 ? GLY A 76 ? SER A 65 GLY A 72 
# 
loop_
_pdbx_struct_sheet_hbond.sheet_id 
_pdbx_struct_sheet_hbond.range_id_1 
_pdbx_struct_sheet_hbond.range_id_2 
_pdbx_struct_sheet_hbond.range_1_label_atom_id 
_pdbx_struct_sheet_hbond.range_1_label_comp_id 
_pdbx_struct_sheet_hbond.range_1_label_asym_id 
_pdbx_struct_sheet_hbond.range_1_label_seq_id 
_pdbx_struct_sheet_hbond.range_1_PDB_ins_code 
_pdbx_struct_sheet_hbond.range_1_auth_atom_id 
_pdbx_struct_sheet_hbond.range_1_auth_comp_id 
_pdbx_struct_sheet_hbond.range_1_auth_asym_id 
_pdbx_struct_sheet_hbond.range_1_auth_seq_id 
_pdbx_struct_sheet_hbond.range_2_label_atom_id 
_pdbx_struct_sheet_hbond.range_2_label_comp_id 
_pdbx_struct_sheet_hbond.range_2_label_asym_id 
_pdbx_struct_sheet_hbond.range_2_label_seq_id 
_pdbx_struct_sheet_hbond.range_2_PDB_ins_code 
_pdbx_struct_sheet_hbond.range_2_auth_atom_id 
_pdbx_struct_sheet_hbond.range_2_auth_comp_id 
_pdbx_struct_sheet_hbond.range_2_auth_asym_id 
_pdbx_struct_sheet_hbond.range_2_auth_seq_id 
A 1 2 N GLN A 36 ? N GLN A 32 O GLU A 44 ? O GLU A 40 
A 2 3 O CYS A 45 ? O CYS A 41 N VAL A 7  ? N VAL A 3  
A 3 4 N ASP A 12 ? N ASP A 8  O SER A 69 ? O SER A 65 
# 
loop_
_pdbx_validate_close_contact.id 
_pdbx_validate_close_contact.PDB_model_num 
_pdbx_validate_close_contact.auth_atom_id_1 
_pdbx_validate_close_contact.auth_asym_id_1 
_pdbx_validate_close_contact.auth_comp_id_1 
_pdbx_validate_close_contact.auth_seq_id_1 
_pdbx_validate_close_contact.PDB_ins_code_1 
_pdbx_validate_close_contact.label_alt_id_1 
_pdbx_validate_close_contact.auth_atom_id_2 
_pdbx_validate_close_contact.auth_asym_id_2 
_pdbx_validate_close_contact.auth_comp_id_2 
_pdbx_validate_close_contact.auth_seq_id_2 
_pdbx_validate_close_contact.PDB_ins_code_2 
_pdbx_validate_close_contact.label_alt_id_2 
_pdbx_validate_close_contact.dist 
1 1 SD A MET 14  ? ? O A HOH 181 ? ? 1.93 
2 1 O  A HOH 190 ? ? O A HOH 201 ? ? 2.14 
3 1 O  A HOH 174 ? ? O A HOH 189 ? ? 2.17 
# 
_pdbx_validate_symm_contact.id                1 
_pdbx_validate_symm_contact.PDB_model_num     1 
_pdbx_validate_symm_contact.auth_atom_id_1    CB 
_pdbx_validate_symm_contact.auth_asym_id_1    A 
_pdbx_validate_symm_contact.auth_comp_id_1    THR 
_pdbx_validate_symm_contact.auth_seq_id_1     77 
_pdbx_validate_symm_contact.PDB_ins_code_1    ? 
_pdbx_validate_symm_contact.label_alt_id_1    ? 
_pdbx_validate_symm_contact.site_symmetry_1   1_555 
_pdbx_validate_symm_contact.auth_atom_id_2    O 
_pdbx_validate_symm_contact.auth_asym_id_2    A 
_pdbx_validate_symm_contact.auth_comp_id_2    HOH 
_pdbx_validate_symm_contact.auth_seq_id_2     193 
_pdbx_validate_symm_contact.PDB_ins_code_2    ? 
_pdbx_validate_symm_contact.label_alt_id_2    ? 
_pdbx_validate_symm_contact.site_symmetry_2   2_555 
_pdbx_validate_symm_contact.dist              1.17 
# 
_pdbx_validate_torsion.id              1 
_pdbx_validate_torsion.PDB_model_num   1 
_pdbx_validate_torsion.auth_comp_id    LYS 
_pdbx_validate_torsion.auth_asym_id    A 
_pdbx_validate_torsion.auth_seq_id     85 
_pdbx_validate_torsion.PDB_ins_code    ? 
_pdbx_validate_torsion.label_alt_id    ? 
_pdbx_validate_torsion.phi             52.39 
_pdbx_validate_torsion.psi             -158.41 
# 
_pdbx_struct_special_symmetry.id              1 
_pdbx_struct_special_symmetry.PDB_model_num   1 
_pdbx_struct_special_symmetry.auth_asym_id    A 
_pdbx_struct_special_symmetry.auth_comp_id    HOH 
_pdbx_struct_special_symmetry.auth_seq_id     154 
_pdbx_struct_special_symmetry.PDB_ins_code    ? 
_pdbx_struct_special_symmetry.label_asym_id   B 
_pdbx_struct_special_symmetry.label_comp_id   HOH 
_pdbx_struct_special_symmetry.label_seq_id    . 
# 
_phasing.method   MR 
# 
loop_
_pdbx_unobs_or_zero_occ_residues.id 
_pdbx_unobs_or_zero_occ_residues.PDB_model_num 
_pdbx_unobs_or_zero_occ_residues.polymer_flag 
_pdbx_unobs_or_zero_occ_residues.occupancy_flag 
_pdbx_unobs_or_zero_occ_residues.auth_asym_id 
_pdbx_unobs_or_zero_occ_residues.auth_comp_id 
_pdbx_unobs_or_zero_occ_residues.auth_seq_id 
_pdbx_unobs_or_zero_occ_residues.PDB_ins_code 
_pdbx_unobs_or_zero_occ_residues.label_asym_id 
_pdbx_unobs_or_zero_occ_residues.label_comp_id 
_pdbx_unobs_or_zero_occ_residues.label_seq_id 
1  1 Y 1 A GLY -3 ? A GLY 1   
2  1 Y 1 A SER -2 ? A SER 2   
3  1 Y 1 A THR 11 ? A THR 15  
4  1 Y 1 A SER 12 ? A SER 16  
5  1 Y 1 A ASN 73 ? A ASN 77  
6  1 Y 1 A ASN 74 ? A ASN 78  
7  1 Y 1 A LYS 76 ? A LYS 80  
8  1 Y 1 A ILE 88 ? A ILE 92  
9  1 Y 1 A ASP 89 ? A ASP 93  
10 1 Y 1 A LEU 90 ? A LEU 94  
11 1 Y 1 A GLU 91 ? A GLU 95  
12 1 Y 1 A ASP 92 ? A ASP 96  
13 1 Y 1 A PRO 93 ? A PRO 97  
14 1 Y 1 A LEU 94 ? A LEU 98  
15 1 Y 1 A ILE 95 ? A ILE 99  
16 1 Y 1 A PHE 96 ? A PHE 100 
# 
loop_
_chem_comp_atom.comp_id 
_chem_comp_atom.atom_id 
_chem_comp_atom.type_symbol 
_chem_comp_atom.pdbx_aromatic_flag 
_chem_comp_atom.pdbx_stereo_config 
_chem_comp_atom.pdbx_ordinal 
ALA N    N N N 1   
ALA CA   C N S 2   
ALA C    C N N 3   
ALA O    O N N 4   
ALA CB   C N N 5   
ALA OXT  O N N 6   
ALA H    H N N 7   
ALA H2   H N N 8   
ALA HA   H N N 9   
ALA HB1  H N N 10  
ALA HB2  H N N 11  
ALA HB3  H N N 12  
ALA HXT  H N N 13  
ARG N    N N N 14  
ARG CA   C N S 15  
ARG C    C N N 16  
ARG O    O N N 17  
ARG CB   C N N 18  
ARG CG   C N N 19  
ARG CD   C N N 20  
ARG NE   N N N 21  
ARG CZ   C N N 22  
ARG NH1  N N N 23  
ARG NH2  N N N 24  
ARG OXT  O N N 25  
ARG H    H N N 26  
ARG H2   H N N 27  
ARG HA   H N N 28  
ARG HB2  H N N 29  
ARG HB3  H N N 30  
ARG HG2  H N N 31  
ARG HG3  H N N 32  
ARG HD2  H N N 33  
ARG HD3  H N N 34  
ARG HE   H N N 35  
ARG HH11 H N N 36  
ARG HH12 H N N 37  
ARG HH21 H N N 38  
ARG HH22 H N N 39  
ARG HXT  H N N 40  
ASN N    N N N 41  
ASN CA   C N S 42  
ASN C    C N N 43  
ASN O    O N N 44  
ASN CB   C N N 45  
ASN CG   C N N 46  
ASN OD1  O N N 47  
ASN ND2  N N N 48  
ASN OXT  O N N 49  
ASN H    H N N 50  
ASN H2   H N N 51  
ASN HA   H N N 52  
ASN HB2  H N N 53  
ASN HB3  H N N 54  
ASN HD21 H N N 55  
ASN HD22 H N N 56  
ASN HXT  H N N 57  
ASP N    N N N 58  
ASP CA   C N S 59  
ASP C    C N N 60  
ASP O    O N N 61  
ASP CB   C N N 62  
ASP CG   C N N 63  
ASP OD1  O N N 64  
ASP OD2  O N N 65  
ASP OXT  O N N 66  
ASP H    H N N 67  
ASP H2   H N N 68  
ASP HA   H N N 69  
ASP HB2  H N N 70  
ASP HB3  H N N 71  
ASP HD2  H N N 72  
ASP HXT  H N N 73  
CYS N    N N N 74  
CYS CA   C N R 75  
CYS C    C N N 76  
CYS O    O N N 77  
CYS CB   C N N 78  
CYS SG   S N N 79  
CYS OXT  O N N 80  
CYS H    H N N 81  
CYS H2   H N N 82  
CYS HA   H N N 83  
CYS HB2  H N N 84  
CYS HB3  H N N 85  
CYS HG   H N N 86  
CYS HXT  H N N 87  
GLN N    N N N 88  
GLN CA   C N S 89  
GLN C    C N N 90  
GLN O    O N N 91  
GLN CB   C N N 92  
GLN CG   C N N 93  
GLN CD   C N N 94  
GLN OE1  O N N 95  
GLN NE2  N N N 96  
GLN OXT  O N N 97  
GLN H    H N N 98  
GLN H2   H N N 99  
GLN HA   H N N 100 
GLN HB2  H N N 101 
GLN HB3  H N N 102 
GLN HG2  H N N 103 
GLN HG3  H N N 104 
GLN HE21 H N N 105 
GLN HE22 H N N 106 
GLN HXT  H N N 107 
GLU N    N N N 108 
GLU CA   C N S 109 
GLU C    C N N 110 
GLU O    O N N 111 
GLU CB   C N N 112 
GLU CG   C N N 113 
GLU CD   C N N 114 
GLU OE1  O N N 115 
GLU OE2  O N N 116 
GLU OXT  O N N 117 
GLU H    H N N 118 
GLU H2   H N N 119 
GLU HA   H N N 120 
GLU HB2  H N N 121 
GLU HB3  H N N 122 
GLU HG2  H N N 123 
GLU HG3  H N N 124 
GLU HE2  H N N 125 
GLU HXT  H N N 126 
GLY N    N N N 127 
GLY CA   C N N 128 
GLY C    C N N 129 
GLY O    O N N 130 
GLY OXT  O N N 131 
GLY H    H N N 132 
GLY H2   H N N 133 
GLY HA2  H N N 134 
GLY HA3  H N N 135 
GLY HXT  H N N 136 
HIS N    N N N 137 
HIS CA   C N S 138 
HIS C    C N N 139 
HIS O    O N N 140 
HIS CB   C N N 141 
HIS CG   C Y N 142 
HIS ND1  N Y N 143 
HIS CD2  C Y N 144 
HIS CE1  C Y N 145 
HIS NE2  N Y N 146 
HIS OXT  O N N 147 
HIS H    H N N 148 
HIS H2   H N N 149 
HIS HA   H N N 150 
HIS HB2  H N N 151 
HIS HB3  H N N 152 
HIS HD1  H N N 153 
HIS HD2  H N N 154 
HIS HE1  H N N 155 
HIS HE2  H N N 156 
HIS HXT  H N N 157 
HOH O    O N N 158 
HOH H1   H N N 159 
HOH H2   H N N 160 
ILE N    N N N 161 
ILE CA   C N S 162 
ILE C    C N N 163 
ILE O    O N N 164 
ILE CB   C N S 165 
ILE CG1  C N N 166 
ILE CG2  C N N 167 
ILE CD1  C N N 168 
ILE OXT  O N N 169 
ILE H    H N N 170 
ILE H2   H N N 171 
ILE HA   H N N 172 
ILE HB   H N N 173 
ILE HG12 H N N 174 
ILE HG13 H N N 175 
ILE HG21 H N N 176 
ILE HG22 H N N 177 
ILE HG23 H N N 178 
ILE HD11 H N N 179 
ILE HD12 H N N 180 
ILE HD13 H N N 181 
ILE HXT  H N N 182 
LEU N    N N N 183 
LEU CA   C N S 184 
LEU C    C N N 185 
LEU O    O N N 186 
LEU CB   C N N 187 
LEU CG   C N N 188 
LEU CD1  C N N 189 
LEU CD2  C N N 190 
LEU OXT  O N N 191 
LEU H    H N N 192 
LEU H2   H N N 193 
LEU HA   H N N 194 
LEU HB2  H N N 195 
LEU HB3  H N N 196 
LEU HG   H N N 197 
LEU HD11 H N N 198 
LEU HD12 H N N 199 
LEU HD13 H N N 200 
LEU HD21 H N N 201 
LEU HD22 H N N 202 
LEU HD23 H N N 203 
LEU HXT  H N N 204 
LYS N    N N N 205 
LYS CA   C N S 206 
LYS C    C N N 207 
LYS O    O N N 208 
LYS CB   C N N 209 
LYS CG   C N N 210 
LYS CD   C N N 211 
LYS CE   C N N 212 
LYS NZ   N N N 213 
LYS OXT  O N N 214 
LYS H    H N N 215 
LYS H2   H N N 216 
LYS HA   H N N 217 
LYS HB2  H N N 218 
LYS HB3  H N N 219 
LYS HG2  H N N 220 
LYS HG3  H N N 221 
LYS HD2  H N N 222 
LYS HD3  H N N 223 
LYS HE2  H N N 224 
LYS HE3  H N N 225 
LYS HZ1  H N N 226 
LYS HZ2  H N N 227 
LYS HZ3  H N N 228 
LYS HXT  H N N 229 
MET N    N N N 230 
MET CA   C N S 231 
MET C    C N N 232 
MET O    O N N 233 
MET CB   C N N 234 
MET CG   C N N 235 
MET SD   S N N 236 
MET CE   C N N 237 
MET OXT  O N N 238 
MET H    H N N 239 
MET H2   H N N 240 
MET HA   H N N 241 
MET HB2  H N N 242 
MET HB3  H N N 243 
MET HG2  H N N 244 
MET HG3  H N N 245 
MET HE1  H N N 246 
MET HE2  H N N 247 
MET HE3  H N N 248 
MET HXT  H N N 249 
PHE N    N N N 250 
PHE CA   C N S 251 
PHE C    C N N 252 
PHE O    O N N 253 
PHE CB   C N N 254 
PHE CG   C Y N 255 
PHE CD1  C Y N 256 
PHE CD2  C Y N 257 
PHE CE1  C Y N 258 
PHE CE2  C Y N 259 
PHE CZ   C Y N 260 
PHE OXT  O N N 261 
PHE H    H N N 262 
PHE H2   H N N 263 
PHE HA   H N N 264 
PHE HB2  H N N 265 
PHE HB3  H N N 266 
PHE HD1  H N N 267 
PHE HD2  H N N 268 
PHE HE1  H N N 269 
PHE HE2  H N N 270 
PHE HZ   H N N 271 
PHE HXT  H N N 272 
PRO N    N N N 273 
PRO CA   C N S 274 
PRO C    C N N 275 
PRO O    O N N 276 
PRO CB   C N N 277 
PRO CG   C N N 278 
PRO CD   C N N 279 
PRO OXT  O N N 280 
PRO H    H N N 281 
PRO HA   H N N 282 
PRO HB2  H N N 283 
PRO HB3  H N N 284 
PRO HG2  H N N 285 
PRO HG3  H N N 286 
PRO HD2  H N N 287 
PRO HD3  H N N 288 
PRO HXT  H N N 289 
SER N    N N N 290 
SER CA   C N S 291 
SER C    C N N 292 
SER O    O N N 293 
SER CB   C N N 294 
SER OG   O N N 295 
SER OXT  O N N 296 
SER H    H N N 297 
SER H2   H N N 298 
SER HA   H N N 299 
SER HB2  H N N 300 
SER HB3  H N N 301 
SER HG   H N N 302 
SER HXT  H N N 303 
THR N    N N N 304 
THR CA   C N S 305 
THR C    C N N 306 
THR O    O N N 307 
THR CB   C N R 308 
THR OG1  O N N 309 
THR CG2  C N N 310 
THR OXT  O N N 311 
THR H    H N N 312 
THR H2   H N N 313 
THR HA   H N N 314 
THR HB   H N N 315 
THR HG1  H N N 316 
THR HG21 H N N 317 
THR HG22 H N N 318 
THR HG23 H N N 319 
THR HXT  H N N 320 
TYR N    N N N 321 
TYR CA   C N S 322 
TYR C    C N N 323 
TYR O    O N N 324 
TYR CB   C N N 325 
TYR CG   C Y N 326 
TYR CD1  C Y N 327 
TYR CD2  C Y N 328 
TYR CE1  C Y N 329 
TYR CE2  C Y N 330 
TYR CZ   C Y N 331 
TYR OH   O N N 332 
TYR OXT  O N N 333 
TYR H    H N N 334 
TYR H2   H N N 335 
TYR HA   H N N 336 
TYR HB2  H N N 337 
TYR HB3  H N N 338 
TYR HD1  H N N 339 
TYR HD2  H N N 340 
TYR HE1  H N N 341 
TYR HE2  H N N 342 
TYR HH   H N N 343 
TYR HXT  H N N 344 
VAL N    N N N 345 
VAL CA   C N S 346 
VAL C    C N N 347 
VAL O    O N N 348 
VAL CB   C N N 349 
VAL CG1  C N N 350 
VAL CG2  C N N 351 
VAL OXT  O N N 352 
VAL H    H N N 353 
VAL H2   H N N 354 
VAL HA   H N N 355 
VAL HB   H N N 356 
VAL HG11 H N N 357 
VAL HG12 H N N 358 
VAL HG13 H N N 359 
VAL HG21 H N N 360 
VAL HG22 H N N 361 
VAL HG23 H N N 362 
VAL HXT  H N N 363 
# 
loop_
_chem_comp_bond.comp_id 
_chem_comp_bond.atom_id_1 
_chem_comp_bond.atom_id_2 
_chem_comp_bond.value_order 
_chem_comp_bond.pdbx_aromatic_flag 
_chem_comp_bond.pdbx_stereo_config 
_chem_comp_bond.pdbx_ordinal 
ALA N   CA   sing N N 1   
ALA N   H    sing N N 2   
ALA N   H2   sing N N 3   
ALA CA  C    sing N N 4   
ALA CA  CB   sing N N 5   
ALA CA  HA   sing N N 6   
ALA C   O    doub N N 7   
ALA C   OXT  sing N N 8   
ALA CB  HB1  sing N N 9   
ALA CB  HB2  sing N N 10  
ALA CB  HB3  sing N N 11  
ALA OXT HXT  sing N N 12  
ARG N   CA   sing N N 13  
ARG N   H    sing N N 14  
ARG N   H2   sing N N 15  
ARG CA  C    sing N N 16  
ARG CA  CB   sing N N 17  
ARG CA  HA   sing N N 18  
ARG C   O    doub N N 19  
ARG C   OXT  sing N N 20  
ARG CB  CG   sing N N 21  
ARG CB  HB2  sing N N 22  
ARG CB  HB3  sing N N 23  
ARG CG  CD   sing N N 24  
ARG CG  HG2  sing N N 25  
ARG CG  HG3  sing N N 26  
ARG CD  NE   sing N N 27  
ARG CD  HD2  sing N N 28  
ARG CD  HD3  sing N N 29  
ARG NE  CZ   sing N N 30  
ARG NE  HE   sing N N 31  
ARG CZ  NH1  sing N N 32  
ARG CZ  NH2  doub N N 33  
ARG NH1 HH11 sing N N 34  
ARG NH1 HH12 sing N N 35  
ARG NH2 HH21 sing N N 36  
ARG NH2 HH22 sing N N 37  
ARG OXT HXT  sing N N 38  
ASN N   CA   sing N N 39  
ASN N   H    sing N N 40  
ASN N   H2   sing N N 41  
ASN CA  C    sing N N 42  
ASN CA  CB   sing N N 43  
ASN CA  HA   sing N N 44  
ASN C   O    doub N N 45  
ASN C   OXT  sing N N 46  
ASN CB  CG   sing N N 47  
ASN CB  HB2  sing N N 48  
ASN CB  HB3  sing N N 49  
ASN CG  OD1  doub N N 50  
ASN CG  ND2  sing N N 51  
ASN ND2 HD21 sing N N 52  
ASN ND2 HD22 sing N N 53  
ASN OXT HXT  sing N N 54  
ASP N   CA   sing N N 55  
ASP N   H    sing N N 56  
ASP N   H2   sing N N 57  
ASP CA  C    sing N N 58  
ASP CA  CB   sing N N 59  
ASP CA  HA   sing N N 60  
ASP C   O    doub N N 61  
ASP C   OXT  sing N N 62  
ASP CB  CG   sing N N 63  
ASP CB  HB2  sing N N 64  
ASP CB  HB3  sing N N 65  
ASP CG  OD1  doub N N 66  
ASP CG  OD2  sing N N 67  
ASP OD2 HD2  sing N N 68  
ASP OXT HXT  sing N N 69  
CYS N   CA   sing N N 70  
CYS N   H    sing N N 71  
CYS N   H2   sing N N 72  
CYS CA  C    sing N N 73  
CYS CA  CB   sing N N 74  
CYS CA  HA   sing N N 75  
CYS C   O    doub N N 76  
CYS C   OXT  sing N N 77  
CYS CB  SG   sing N N 78  
CYS CB  HB2  sing N N 79  
CYS CB  HB3  sing N N 80  
CYS SG  HG   sing N N 81  
CYS OXT HXT  sing N N 82  
GLN N   CA   sing N N 83  
GLN N   H    sing N N 84  
GLN N   H2   sing N N 85  
GLN CA  C    sing N N 86  
GLN CA  CB   sing N N 87  
GLN CA  HA   sing N N 88  
GLN C   O    doub N N 89  
GLN C   OXT  sing N N 90  
GLN CB  CG   sing N N 91  
GLN CB  HB2  sing N N 92  
GLN CB  HB3  sing N N 93  
GLN CG  CD   sing N N 94  
GLN CG  HG2  sing N N 95  
GLN CG  HG3  sing N N 96  
GLN CD  OE1  doub N N 97  
GLN CD  NE2  sing N N 98  
GLN NE2 HE21 sing N N 99  
GLN NE2 HE22 sing N N 100 
GLN OXT HXT  sing N N 101 
GLU N   CA   sing N N 102 
GLU N   H    sing N N 103 
GLU N   H2   sing N N 104 
GLU CA  C    sing N N 105 
GLU CA  CB   sing N N 106 
GLU CA  HA   sing N N 107 
GLU C   O    doub N N 108 
GLU C   OXT  sing N N 109 
GLU CB  CG   sing N N 110 
GLU CB  HB2  sing N N 111 
GLU CB  HB3  sing N N 112 
GLU CG  CD   sing N N 113 
GLU CG  HG2  sing N N 114 
GLU CG  HG3  sing N N 115 
GLU CD  OE1  doub N N 116 
GLU CD  OE2  sing N N 117 
GLU OE2 HE2  sing N N 118 
GLU OXT HXT  sing N N 119 
GLY N   CA   sing N N 120 
GLY N   H    sing N N 121 
GLY N   H2   sing N N 122 
GLY CA  C    sing N N 123 
GLY CA  HA2  sing N N 124 
GLY CA  HA3  sing N N 125 
GLY C   O    doub N N 126 
GLY C   OXT  sing N N 127 
GLY OXT HXT  sing N N 128 
HIS N   CA   sing N N 129 
HIS N   H    sing N N 130 
HIS N   H2   sing N N 131 
HIS CA  C    sing N N 132 
HIS CA  CB   sing N N 133 
HIS CA  HA   sing N N 134 
HIS C   O    doub N N 135 
HIS C   OXT  sing N N 136 
HIS CB  CG   sing N N 137 
HIS CB  HB2  sing N N 138 
HIS CB  HB3  sing N N 139 
HIS CG  ND1  sing Y N 140 
HIS CG  CD2  doub Y N 141 
HIS ND1 CE1  doub Y N 142 
HIS ND1 HD1  sing N N 143 
HIS CD2 NE2  sing Y N 144 
HIS CD2 HD2  sing N N 145 
HIS CE1 NE2  sing Y N 146 
HIS CE1 HE1  sing N N 147 
HIS NE2 HE2  sing N N 148 
HIS OXT HXT  sing N N 149 
HOH O   H1   sing N N 150 
HOH O   H2   sing N N 151 
ILE N   CA   sing N N 152 
ILE N   H    sing N N 153 
ILE N   H2   sing N N 154 
ILE CA  C    sing N N 155 
ILE CA  CB   sing N N 156 
ILE CA  HA   sing N N 157 
ILE C   O    doub N N 158 
ILE C   OXT  sing N N 159 
ILE CB  CG1  sing N N 160 
ILE CB  CG2  sing N N 161 
ILE CB  HB   sing N N 162 
ILE CG1 CD1  sing N N 163 
ILE CG1 HG12 sing N N 164 
ILE CG1 HG13 sing N N 165 
ILE CG2 HG21 sing N N 166 
ILE CG2 HG22 sing N N 167 
ILE CG2 HG23 sing N N 168 
ILE CD1 HD11 sing N N 169 
ILE CD1 HD12 sing N N 170 
ILE CD1 HD13 sing N N 171 
ILE OXT HXT  sing N N 172 
LEU N   CA   sing N N 173 
LEU N   H    sing N N 174 
LEU N   H2   sing N N 175 
LEU CA  C    sing N N 176 
LEU CA  CB   sing N N 177 
LEU CA  HA   sing N N 178 
LEU C   O    doub N N 179 
LEU C   OXT  sing N N 180 
LEU CB  CG   sing N N 181 
LEU CB  HB2  sing N N 182 
LEU CB  HB3  sing N N 183 
LEU CG  CD1  sing N N 184 
LEU CG  CD2  sing N N 185 
LEU CG  HG   sing N N 186 
LEU CD1 HD11 sing N N 187 
LEU CD1 HD12 sing N N 188 
LEU CD1 HD13 sing N N 189 
LEU CD2 HD21 sing N N 190 
LEU CD2 HD22 sing N N 191 
LEU CD2 HD23 sing N N 192 
LEU OXT HXT  sing N N 193 
LYS N   CA   sing N N 194 
LYS N   H    sing N N 195 
LYS N   H2   sing N N 196 
LYS CA  C    sing N N 197 
LYS CA  CB   sing N N 198 
LYS CA  HA   sing N N 199 
LYS C   O    doub N N 200 
LYS C   OXT  sing N N 201 
LYS CB  CG   sing N N 202 
LYS CB  HB2  sing N N 203 
LYS CB  HB3  sing N N 204 
LYS CG  CD   sing N N 205 
LYS CG  HG2  sing N N 206 
LYS CG  HG3  sing N N 207 
LYS CD  CE   sing N N 208 
LYS CD  HD2  sing N N 209 
LYS CD  HD3  sing N N 210 
LYS CE  NZ   sing N N 211 
LYS CE  HE2  sing N N 212 
LYS CE  HE3  sing N N 213 
LYS NZ  HZ1  sing N N 214 
LYS NZ  HZ2  sing N N 215 
LYS NZ  HZ3  sing N N 216 
LYS OXT HXT  sing N N 217 
MET N   CA   sing N N 218 
MET N   H    sing N N 219 
MET N   H2   sing N N 220 
MET CA  C    sing N N 221 
MET CA  CB   sing N N 222 
MET CA  HA   sing N N 223 
MET C   O    doub N N 224 
MET C   OXT  sing N N 225 
MET CB  CG   sing N N 226 
MET CB  HB2  sing N N 227 
MET CB  HB3  sing N N 228 
MET CG  SD   sing N N 229 
MET CG  HG2  sing N N 230 
MET CG  HG3  sing N N 231 
MET SD  CE   sing N N 232 
MET CE  HE1  sing N N 233 
MET CE  HE2  sing N N 234 
MET CE  HE3  sing N N 235 
MET OXT HXT  sing N N 236 
PHE N   CA   sing N N 237 
PHE N   H    sing N N 238 
PHE N   H2   sing N N 239 
PHE CA  C    sing N N 240 
PHE CA  CB   sing N N 241 
PHE CA  HA   sing N N 242 
PHE C   O    doub N N 243 
PHE C   OXT  sing N N 244 
PHE CB  CG   sing N N 245 
PHE CB  HB2  sing N N 246 
PHE CB  HB3  sing N N 247 
PHE CG  CD1  doub Y N 248 
PHE CG  CD2  sing Y N 249 
PHE CD1 CE1  sing Y N 250 
PHE CD1 HD1  sing N N 251 
PHE CD2 CE2  doub Y N 252 
PHE CD2 HD2  sing N N 253 
PHE CE1 CZ   doub Y N 254 
PHE CE1 HE1  sing N N 255 
PHE CE2 CZ   sing Y N 256 
PHE CE2 HE2  sing N N 257 
PHE CZ  HZ   sing N N 258 
PHE OXT HXT  sing N N 259 
PRO N   CA   sing N N 260 
PRO N   CD   sing N N 261 
PRO N   H    sing N N 262 
PRO CA  C    sing N N 263 
PRO CA  CB   sing N N 264 
PRO CA  HA   sing N N 265 
PRO C   O    doub N N 266 
PRO C   OXT  sing N N 267 
PRO CB  CG   sing N N 268 
PRO CB  HB2  sing N N 269 
PRO CB  HB3  sing N N 270 
PRO CG  CD   sing N N 271 
PRO CG  HG2  sing N N 272 
PRO CG  HG3  sing N N 273 
PRO CD  HD2  sing N N 274 
PRO CD  HD3  sing N N 275 
PRO OXT HXT  sing N N 276 
SER N   CA   sing N N 277 
SER N   H    sing N N 278 
SER N   H2   sing N N 279 
SER CA  C    sing N N 280 
SER CA  CB   sing N N 281 
SER CA  HA   sing N N 282 
SER C   O    doub N N 283 
SER C   OXT  sing N N 284 
SER CB  OG   sing N N 285 
SER CB  HB2  sing N N 286 
SER CB  HB3  sing N N 287 
SER OG  HG   sing N N 288 
SER OXT HXT  sing N N 289 
THR N   CA   sing N N 290 
THR N   H    sing N N 291 
THR N   H2   sing N N 292 
THR CA  C    sing N N 293 
THR CA  CB   sing N N 294 
THR CA  HA   sing N N 295 
THR C   O    doub N N 296 
THR C   OXT  sing N N 297 
THR CB  OG1  sing N N 298 
THR CB  CG2  sing N N 299 
THR CB  HB   sing N N 300 
THR OG1 HG1  sing N N 301 
THR CG2 HG21 sing N N 302 
THR CG2 HG22 sing N N 303 
THR CG2 HG23 sing N N 304 
THR OXT HXT  sing N N 305 
TYR N   CA   sing N N 306 
TYR N   H    sing N N 307 
TYR N   H2   sing N N 308 
TYR CA  C    sing N N 309 
TYR CA  CB   sing N N 310 
TYR CA  HA   sing N N 311 
TYR C   O    doub N N 312 
TYR C   OXT  sing N N 313 
TYR CB  CG   sing N N 314 
TYR CB  HB2  sing N N 315 
TYR CB  HB3  sing N N 316 
TYR CG  CD1  doub Y N 317 
TYR CG  CD2  sing Y N 318 
TYR CD1 CE1  sing Y N 319 
TYR CD1 HD1  sing N N 320 
TYR CD2 CE2  doub Y N 321 
TYR CD2 HD2  sing N N 322 
TYR CE1 CZ   doub Y N 323 
TYR CE1 HE1  sing N N 324 
TYR CE2 CZ   sing Y N 325 
TYR CE2 HE2  sing N N 326 
TYR CZ  OH   sing N N 327 
TYR OH  HH   sing N N 328 
TYR OXT HXT  sing N N 329 
VAL N   CA   sing N N 330 
VAL N   H    sing N N 331 
VAL N   H2   sing N N 332 
VAL CA  C    sing N N 333 
VAL CA  CB   sing N N 334 
VAL CA  HA   sing N N 335 
VAL C   O    doub N N 336 
VAL C   OXT  sing N N 337 
VAL CB  CG1  sing N N 338 
VAL CB  CG2  sing N N 339 
VAL CB  HB   sing N N 340 
VAL CG1 HG11 sing N N 341 
VAL CG1 HG12 sing N N 342 
VAL CG1 HG13 sing N N 343 
VAL CG2 HG21 sing N N 344 
VAL CG2 HG22 sing N N 345 
VAL CG2 HG23 sing N N 346 
VAL OXT HXT  sing N N 347 
# 
_atom_sites.entry_id                    4ES2 
_atom_sites.fract_transf_matrix[1][1]   -0.01051159 
_atom_sites.fract_transf_matrix[1][2]   0.00961597 
_atom_sites.fract_transf_matrix[1][3]   0.00510664 
_atom_sites.fract_transf_matrix[2][1]   -0.02145226 
_atom_sites.fract_transf_matrix[2][2]   -0.01772475 
_atom_sites.fract_transf_matrix[2][3]   -0.01078140 
_atom_sites.fract_transf_matrix[3][1]   -0.00074399 
_atom_sites.fract_transf_matrix[3][2]   -0.01260059 
_atom_sites.fract_transf_matrix[3][3]   0.02219587 
_atom_sites.fract_transf_vector[1]      0.125057 
_atom_sites.fract_transf_vector[2]      -0.061899 
_atom_sites.fract_transf_vector[3]      0.339911 
# 
loop_
_atom_type.symbol 
C 
H 
N 
O 
S 
# 
loop_
_atom_site.group_PDB 
_atom_site.id 
_atom_site.type_symbol 
_atom_site.label_atom_id 
_atom_site.label_alt_id 
_atom_site.label_comp_id 
_atom_site.label_asym_id 
_atom_site.label_entity_id 
_atom_site.label_seq_id 
_atom_site.pdbx_PDB_ins_code 
_atom_site.Cartn_x 
_atom_site.Cartn_y 
_atom_site.Cartn_z 
_atom_site.occupancy 
_atom_site.B_iso_or_equiv 
_atom_site.pdbx_formal_charge 
_atom_site.auth_seq_id 
_atom_site.auth_comp_id 
_atom_site.auth_asym_id 
_atom_site.auth_atom_id 
_atom_site.pdbx_PDB_model_num 
ATOM   1    N N    . HIS A 1 3  ? -2.241  -6.087  19.339  1.00 43.02 ? -1  HIS A N    1 
ATOM   2    C CA   . HIS A 1 3  ? -2.561  -4.658  19.303  1.00 32.43 ? -1  HIS A CA   1 
ATOM   3    C C    . HIS A 1 3  ? -2.154  -4.021  17.958  1.00 27.24 ? -1  HIS A C    1 
ATOM   4    O O    . HIS A 1 3  ? -3.023  -3.695  17.164  1.00 28.13 ? -1  HIS A O    1 
ATOM   5    C CB   . HIS A 1 3  ? -1.995  -3.964  20.551  1.00 37.86 ? -1  HIS A CB   1 
ATOM   6    C CG   . HIS A 1 3  ? -2.119  -2.470  20.556  1.00 28.96 ? -1  HIS A CG   1 
ATOM   7    N ND1  . HIS A 1 3  ? -1.537  -1.704  21.539  1.00 33.38 ? -1  HIS A ND1  1 
ATOM   8    C CD2  . HIS A 1 3  ? -2.733  -1.602  19.716  1.00 25.77 ? -1  HIS A CD2  1 
ATOM   9    C CE1  . HIS A 1 3  ? -1.775  -0.431  21.295  1.00 25.74 ? -1  HIS A CE1  1 
ATOM   10   N NE2  . HIS A 1 3  ? -2.477  -0.341  20.182  1.00 23.49 ? -1  HIS A NE2  1 
ATOM   11   N N    . MET A 1 4  ? -0.863  -3.888  17.674  1.00 24.59 ? 0   MET A N    1 
ATOM   12   C CA   . MET A 1 4  ? -0.428  -3.385  16.364  1.00 22.86 ? 0   MET A CA   1 
ATOM   13   C C    . MET A 1 4  ? -0.143  -4.531  15.384  1.00 21.54 ? 0   MET A C    1 
ATOM   14   O O    . MET A 1 4  ? 0.323   -5.597  15.785  1.00 31.43 ? 0   MET A O    1 
ATOM   15   C CB   . MET A 1 4  ? 0.831   -2.526  16.496  1.00 25.33 ? 0   MET A CB   1 
ATOM   16   C CG   . MET A 1 4  ? 0.681   -1.345  17.462  1.00 24.44 ? 0   MET A CG   1 
ATOM   17   S SD   . MET A 1 4  ? -0.680  -0.219  17.020  1.00 17.12 ? 0   MET A SD   1 
ATOM   18   C CE   . MET A 1 4  ? -0.035  0.607   15.566  1.00 19.00 ? 0   MET A CE   1 
ATOM   19   N N    . MET A 1 5  ? -0.398  -4.292  14.102  1.00 14.55 ? 1   MET A N    1 
ATOM   20   C CA   . MET A 1 5  ? -0.176  -5.261  13.021  1.00 17.78 ? 1   MET A CA   1 
ATOM   21   C C    . MET A 1 5  ? 0.727   -4.664  11.949  1.00 16.30 ? 1   MET A C    1 
ATOM   22   O O    . MET A 1 5  ? 0.575   -3.499  11.598  1.00 17.66 ? 1   MET A O    1 
ATOM   23   C CB   . MET A 1 5  ? -1.502  -5.573  12.322  1.00 22.75 ? 1   MET A CB   1 
ATOM   24   C CG   . MET A 1 5  ? -2.527  -6.289  13.125  1.00 33.74 ? 1   MET A CG   1 
ATOM   25   S SD   . MET A 1 5  ? -3.938  -6.488  12.032  1.00 37.80 ? 1   MET A SD   1 
ATOM   26   C CE   . MET A 1 5  ? -4.733  -4.889  12.183  1.00 32.32 ? 1   MET A CE   1 
ATOM   27   N N    . LEU A 1 6  ? 1.653   -5.449  11.411  1.00 16.35 ? 2   LEU A N    1 
ATOM   28   C CA   . LEU A 1 6  ? 2.327   -5.057  10.172  1.00 14.68 ? 2   LEU A CA   1 
ATOM   29   C C    . LEU A 1 6  ? 1.503   -5.533  8.981   1.00 13.53 ? 2   LEU A C    1 
ATOM   30   O O    . LEU A 1 6  ? 1.123   -6.703  8.895   1.00 15.77 ? 2   LEU A O    1 
ATOM   31   C CB   . LEU A 1 6  ? 3.756   -5.623  10.103  1.00 19.45 ? 2   LEU A CB   1 
ATOM   32   C CG   . LEU A 1 6  ? 4.532   -5.415  8.792   1.00 21.75 ? 2   LEU A CG   1 
ATOM   33   C CD1  . LEU A 1 6  ? 4.889   -3.962  8.493   1.00 24.96 ? 2   LEU A CD1  1 
ATOM   34   C CD2  . LEU A 1 6  ? 5.812   -6.260  8.799   1.00 20.86 ? 2   LEU A CD2  1 
ATOM   35   N N    . VAL A 1 7  ? 1.248   -4.614  8.062   1.00 12.71 ? 3   VAL A N    1 
ATOM   36   C CA   . VAL A 1 7  ? 0.464   -4.892  6.879   1.00 13.67 ? 3   VAL A CA   1 
ATOM   37   C C    . VAL A 1 7  ? 1.266   -4.481  5.643   1.00 12.53 ? 3   VAL A C    1 
ATOM   38   O O    . VAL A 1 7  ? 1.829   -3.377  5.565   1.00 15.00 ? 3   VAL A O    1 
ATOM   39   C CB   . VAL A 1 7  ? -0.889  -4.147  6.928   1.00 17.47 ? 3   VAL A CB   1 
ATOM   40   C CG1  . VAL A 1 7  ? -1.684  -4.349  5.667   1.00 21.81 ? 3   VAL A CG1  1 
ATOM   41   C CG2  . VAL A 1 7  ? -1.690  -4.639  8.128   1.00 19.20 ? 3   VAL A CG2  1 
ATOM   42   H H    . VAL A 1 7  ? 1.528   -3.803  8.105   1.00 15.15 ? 3   VAL A H    1 
ATOM   43   H HA   . VAL A 1 7  ? 0.285   -5.854  6.825   1.00 16.29 ? 3   VAL A HA   1 
ATOM   44   H HB   . VAL A 1 7  ? -0.726  -3.186  7.041   1.00 20.86 ? 3   VAL A HB   1 
ATOM   45   H HG11 . VAL A 1 7  ? -2.514  -3.870  5.740   1.00 26.07 ? 3   VAL A HG11 1 
ATOM   46   H HG12 . VAL A 1 7  ? -1.178  -4.015  4.923   1.00 26.07 ? 3   VAL A HG12 1 
ATOM   47   H HG13 . VAL A 1 7  ? -1.855  -5.286  5.552   1.00 26.07 ? 3   VAL A HG13 1 
ATOM   48   H HG21 . VAL A 1 7  ? -2.529  -4.174  8.156   1.00 22.93 ? 3   VAL A HG21 1 
ATOM   49   H HG22 . VAL A 1 7  ? -1.841  -5.583  8.036   1.00 22.93 ? 3   VAL A HG22 1 
ATOM   50   H HG23 . VAL A 1 7  ? -1.191  -4.464  8.930   1.00 22.93 ? 3   VAL A HG23 1 
ATOM   51   N N    . LEU A 1 8  ? 1.299   -5.385  4.677   1.00 11.43 ? 4   LEU A N    1 
ATOM   52   C CA   . LEU A 1 8  ? 1.931   -5.137  3.384   1.00 12.85 ? 4   LEU A CA   1 
ATOM   53   C C    . LEU A 1 8  ? 0.858   -4.911  2.322   1.00 11.68 ? 4   LEU A C    1 
ATOM   54   O O    . LEU A 1 8  ? -0.078  -5.704  2.183   1.00 12.91 ? 4   LEU A O    1 
ATOM   55   C CB   . LEU A 1 8  ? 2.832   -6.321  2.999   1.00 14.77 ? 4   LEU A CB   1 
ATOM   56   C CG   . LEU A 1 8  ? 3.654   -6.165  1.733   1.00 19.29 ? 4   LEU A CG   1 
ATOM   57   C CD1  . LEU A 1 8  ? 4.743   -5.123  1.942   1.00 22.40 ? 4   LEU A CD1  1 
ATOM   58   C CD2  . LEU A 1 8  ? 4.263   -7.515  1.337   1.00 20.91 ? 4   LEU A CD2  1 
ATOM   59   H H    . LEU A 1 8  ? 0.953   -6.170  4.745   1.00 13.61 ? 4   LEU A H    1 
ATOM   60   H HA   . LEU A 1 8  ? 2.486   -4.331  3.441   1.00 15.32 ? 4   LEU A HA   1 
ATOM   61   H HB2  . LEU A 1 8  ? 3.454   -6.478  3.727   1.00 17.61 ? 4   LEU A HB2  1 
ATOM   62   H HB3  . LEU A 1 8  ? 2.270   -7.103  2.883   1.00 17.61 ? 4   LEU A HB3  1 
ATOM   63   H HG   . LEU A 1 8  ? 3.078   -5.866  1.011   1.00 23.04 ? 4   LEU A HG   1 
ATOM   64   H HD11 . LEU A 1 8  ? 5.254   -5.037  1.132   1.00 26.78 ? 4   LEU A HD11 1 
ATOM   65   H HD12 . LEU A 1 8  ? 4.335   -4.283  2.163   1.00 26.78 ? 4   LEU A HD12 1 
ATOM   66   H HD13 . LEU A 1 8  ? 5.314   -5.408  2.659   1.00 26.78 ? 4   LEU A HD13 1 
ATOM   67   H HD21 . LEU A 1 8  ? 4.778   -7.401  0.536   1.00 24.99 ? 4   LEU A HD21 1 
ATOM   68   H HD22 . LEU A 1 8  ? 4.827   -7.823  2.050   1.00 24.99 ? 4   LEU A HD22 1 
ATOM   69   H HD23 . LEU A 1 8  ? 3.553   -8.144  1.184   1.00 24.99 ? 4   LEU A HD23 1 
ATOM   70   N N    . ILE A 1 9  ? 0.983   -3.816  1.582   1.00 12.09 ? 5   ILE A N    1 
ATOM   71   C CA   . ILE A 1 9  ? 0.019   -3.468  0.546   1.00 13.20 ? 5   ILE A CA   1 
ATOM   72   C C    . ILE A 1 9  ? 0.737   -3.423  -0.795  1.00 11.10 ? 5   ILE A C    1 
ATOM   73   O O    . ILE A 1 9  ? 1.712   -2.679  -0.973  1.00 12.27 ? 5   ILE A O    1 
ATOM   74   C CB   . ILE A 1 9  ? -0.629  -2.108  0.834   1.00 15.38 ? 5   ILE A CB   1 
ATOM   75   C CG1  . ILE A 1 9  ? -1.436  -2.177  2.145   1.00 21.22 ? 5   ILE A CG1  1 
ATOM   76   C CG2  . ILE A 1 9  ? -1.525  -1.678  -0.322  1.00 15.01 ? 5   ILE A CG2  1 
ATOM   77   C CD1  . ILE A 1 9  ? -1.137  -1.096  3.106   1.00 30.02 ? 5   ILE A CD1  1 
ATOM   78   H H    . ILE A 1 9  ? 1.627   -3.251  1.661   1.00 14.40 ? 5   ILE A H    1 
ATOM   79   H HA   . ILE A 1 9  ? -0.684  -4.150  0.505   1.00 15.73 ? 5   ILE A HA   1 
ATOM   80   H HB   . ILE A 1 9  ? 0.075   -1.448  0.939   1.00 18.35 ? 5   ILE A HB   1 
ATOM   81   H HG12 . ILE A 1 9  ? -2.382  -2.126  1.931   1.00 25.36 ? 5   ILE A HG12 1 
ATOM   82   H HG13 . ILE A 1 9  ? -1.246  -3.021  2.584   1.00 25.36 ? 5   ILE A HG13 1 
ATOM   83   H HG21 . ILE A 1 9  ? -1.916  -0.826  -0.115  1.00 17.90 ? 5   ILE A HG21 1 
ATOM   84   H HG22 . ILE A 1 9  ? -0.995  -1.610  -1.119  1.00 17.90 ? 5   ILE A HG22 1 
ATOM   85   H HG23 . ILE A 1 9  ? -2.216  -2.334  -0.442  1.00 17.90 ? 5   ILE A HG23 1 
ATOM   86   H HD11 . ILE A 1 9  ? -1.680  -1.214  3.888   1.00 35.91 ? 5   ILE A HD11 1 
ATOM   87   H HD12 . ILE A 1 9  ? -0.208  -1.137  3.343   1.00 35.91 ? 5   ILE A HD12 1 
ATOM   88   H HD13 . ILE A 1 9  ? -1.335  -0.250  2.696   1.00 35.91 ? 5   ILE A HD13 1 
ATOM   89   N N    . THR A 1 10 ? 0.298   -4.272  -1.713  1.00 11.21 ? 6   THR A N    1 
ATOM   90   C CA   . THR A 1 10 ? 0.890   -4.354  -3.045  1.00 10.96 ? 6   THR A CA   1 
ATOM   91   C C    . THR A 1 10 ? -0.139  -3.870  -4.079  1.00 11.92 ? 6   THR A C    1 
ATOM   92   O O    . THR A 1 10 ? -1.244  -4.414  -4.198  1.00 11.81 ? 6   THR A O    1 
ATOM   93   C CB   . THR A 1 10 ? 1.420   -5.791  -3.354  1.00 12.55 ? 6   THR A CB   1 
ATOM   94   O OG1  . THR A 1 10 ? 0.378   -6.773  -3.251  1.00 12.10 ? 6   THR A OG1  1 
ATOM   95   C CG2  . THR A 1 10 ? 2.492   -6.154  -2.375  1.00 12.59 ? 6   THR A CG2  1 
ATOM   96   H H    . THR A 1 10 ? -0.353  -4.820  -1.589  1.00 13.35 ? 6   THR A H    1 
ATOM   97   H HA   . THR A 1 10 ? 1.656   -3.744  -3.083  1.00 13.04 ? 6   THR A HA   1 
ATOM   98   H HB   . THR A 1 10 ? 1.797   -5.812  -4.247  1.00 14.95 ? 6   THR A HB   1 
ATOM   99   H HG1  . THR A 1 10 ? -0.222  -6.603  -3.783  1.00 14.41 ? 6   THR A HG1  1 
ATOM   100  H HG21 . THR A 1 10 ? 2.820   -7.037  -2.561  1.00 15.01 ? 6   THR A HG21 1 
ATOM   101  H HG22 . THR A 1 10 ? 3.219   -5.530  -2.439  1.00 15.01 ? 6   THR A HG22 1 
ATOM   102  H HG23 . THR A 1 10 ? 2.141   -6.133  -1.482  1.00 15.01 ? 6   THR A HG23 1 
ATOM   103  N N    . TYR A 1 11 ? 0.219   -2.816  -4.803  1.00 11.27 ? 7   TYR A N    1 
ATOM   104  C CA   . TYR A 1 11 ? -0.694  -2.144  -5.734  1.00 11.04 ? 7   TYR A CA   1 
ATOM   105  C C    . TYR A 1 11 ? -0.235  -2.366  -7.179  1.00 12.46 ? 7   TYR A C    1 
ATOM   106  O O    . TYR A 1 11 ? 0.859   -1.947  -7.567  1.00 15.03 ? 7   TYR A O    1 
ATOM   107  C CB   . TYR A 1 11 ? -0.761  -0.653  -5.408  1.00 11.94 ? 7   TYR A CB   1 
ATOM   108  C CG   . TYR A 1 11 ? -1.758  0.157   -6.207  1.00 13.82 ? 7   TYR A CG   1 
ATOM   109  C CD1  . TYR A 1 11 ? -2.940  -0.408  -6.699  1.00 13.29 ? 7   TYR A CD1  1 
ATOM   110  C CD2  . TYR A 1 11 ? -1.550  1.512   -6.417  1.00 13.07 ? 7   TYR A CD2  1 
ATOM   111  C CE1  . TYR A 1 11 ? -3.841  0.350   -7.415  1.00 13.83 ? 7   TYR A CE1  1 
ATOM   112  C CE2  . TYR A 1 11 ? -2.445  2.268   -7.120  1.00 14.92 ? 7   TYR A CE2  1 
ATOM   113  C CZ   . TYR A 1 11 ? -3.602  1.700   -7.610  1.00 14.26 ? 7   TYR A CZ   1 
ATOM   114  O OH   . TYR A 1 11 ? -4.494  2.491   -8.316  1.00 16.71 ? 7   TYR A OH   1 
ATOM   115  H H    . TYR A 1 11 ? 1.002   -2.460  -4.775  1.00 13.41 ? 7   TYR A H    1 
ATOM   116  H HA   . TYR A 1 11 ? -1.593  -2.522  -5.635  1.00 13.15 ? 7   TYR A HA   1 
ATOM   117  H HB2  . TYR A 1 11 ? -0.994  -0.555  -4.471  1.00 14.22 ? 7   TYR A HB2  1 
ATOM   118  H HB3  . TYR A 1 11 ? 0.115   -0.267  -5.565  1.00 14.22 ? 7   TYR A HB3  1 
ATOM   119  H HD1  . TYR A 1 11 ? -3.106  -1.314  -6.566  1.00 15.85 ? 7   TYR A HD1  1 
ATOM   120  H HD2  . TYR A 1 11 ? -0.775  1.911   -6.089  1.00 15.58 ? 7   TYR A HD2  1 
ATOM   121  H HE1  . TYR A 1 11 ? -4.621  -0.037  -7.742  1.00 16.49 ? 7   TYR A HE1  1 
ATOM   122  H HE2  . TYR A 1 11 ? -2.281  3.173   -7.255  1.00 17.79 ? 7   TYR A HE2  1 
ATOM   123  H HH   . TYR A 1 11 ? -5.227  2.485   -7.947  1.00 19.95 ? 7   TYR A HH   1 
ATOM   124  N N    . ASP A 1 12 ? -1.063  -3.075  -7.942  1.00 13.32 ? 8   ASP A N    1 
ATOM   125  C CA   . ASP A 1 12 ? -0.801  -3.366  -9.345  1.00 13.03 ? 8   ASP A CA   1 
ATOM   126  C C    . ASP A 1 12 ? -1.586  -2.342  -10.168 1.00 15.84 ? 8   ASP A C    1 
ATOM   127  O O    . ASP A 1 12 ? -2.799  -2.446  -10.335 1.00 16.54 ? 8   ASP A O    1 
ATOM   128  C CB   . ASP A 1 12 ? -1.227  -4.801  -9.649  1.00 13.91 ? 8   ASP A CB   1 
ATOM   129  C CG   . ASP A 1 12 ? -0.885  -5.240  -11.055 1.00 15.60 ? 8   ASP A CG   1 
ATOM   130  O OD1  . ASP A 1 12 ? -0.284  -4.446  -11.803 1.00 21.95 ? 8   ASP A OD1  1 
ATOM   131  O OD2  . ASP A 1 12 ? -1.190  -6.407  -11.401 1.00 16.73 ? 8   ASP A OD2  1 
ATOM   132  N N    . VAL A 1 13 ? -0.871  -1.342  -10.664 1.00 17.81 ? 9   VAL A N    1 
ATOM   133  C CA   . VAL A 1 13 ? -1.443  -0.230  -11.405 1.00 19.20 ? 9   VAL A CA   1 
ATOM   134  C C    . VAL A 1 13 ? -0.544  0.049   -12.623 1.00 31.90 ? 9   VAL A C    1 
ATOM   135  O O    . VAL A 1 13 ? 0.678   -0.044  -12.527 1.00 31.37 ? 9   VAL A O    1 
ATOM   136  C CB   . VAL A 1 13 ? -1.431  1.023   -10.504 1.00 18.55 ? 9   VAL A CB   1 
ATOM   137  C CG1  . VAL A 1 13 ? 0.003   1.379   -10.092 1.00 22.91 ? 9   VAL A CG1  1 
ATOM   138  C CG2  . VAL A 1 13 ? -2.120  2.214   -11.182 1.00 20.79 ? 9   VAL A CG2  1 
ATOM   139  N N    . GLN A 1 14 ? -1.130  0.418   -13.760 1.00 33.47 ? 10  GLN A N    1 
ATOM   140  C CA   . GLN A 1 14 ? -0.323  0.777   -14.926 1.00 36.53 ? 10  GLN A CA   1 
ATOM   141  C C    . GLN A 1 14 ? 0.122   2.242   -14.885 1.00 38.07 ? 10  GLN A C    1 
ATOM   142  O O    . GLN A 1 14 ? -0.681  3.151   -15.114 1.00 39.18 ? 10  GLN A O    1 
ATOM   143  C CB   . GLN A 1 14 ? -1.076  0.502   -16.227 1.00 31.13 ? 10  GLN A CB   1 
ATOM   144  C CG   . GLN A 1 14 ? -0.248  0.806   -17.467 1.00 39.81 ? 10  GLN A CG   1 
ATOM   145  C CD   . GLN A 1 14 ? 0.925   -0.152  -17.620 1.00 37.64 ? 10  GLN A CD   1 
ATOM   146  O OE1  . GLN A 1 14 ? 2.016   0.085   -17.091 1.00 46.90 ? 10  GLN A OE1  1 
ATOM   147  N NE2  . GLN A 1 14 ? 0.702   -1.243  -18.342 1.00 35.74 ? 10  GLN A NE2  1 
ATOM   148  N N    . SER A 1 17 ? -0.432  4.784   -17.865 1.00 44.92 ? 13  SER A N    1 
ATOM   149  C CA   . SER A 1 17 ? -1.584  5.626   -18.170 1.00 44.29 ? 13  SER A CA   1 
ATOM   150  C C    . SER A 1 17 ? -1.698  6.817   -17.232 1.00 41.93 ? 13  SER A C    1 
ATOM   151  O O    . SER A 1 17 ? -1.114  6.843   -16.155 1.00 44.07 ? 13  SER A O    1 
ATOM   152  C CB   . SER A 1 17 ? -2.874  4.819   -18.121 1.00 46.74 ? 13  SER A CB   1 
ATOM   153  O OG   . SER A 1 17 ? -3.349  4.711   -16.797 1.00 47.61 ? 13  SER A OG   1 
ATOM   154  N N    . MET A 1 18 ? -2.461  7.810   -17.662 1.00 42.59 ? 14  MET A N    1 
ATOM   155  C CA   . MET A 1 18 ? -2.609  9.025   -16.887 1.00 39.98 ? 14  MET A CA   1 
ATOM   156  C C    . MET A 1 18 ? -3.406  8.782   -15.616 1.00 35.70 ? 14  MET A C    1 
ATOM   157  O O    . MET A 1 18 ? -3.005  9.202   -14.541 1.00 37.16 ? 14  MET A O    1 
ATOM   158  C CB   . MET A 1 18 ? -3.265  10.108  -17.733 1.00 41.00 ? 14  MET A CB   1 
ATOM   159  C CG   . MET A 1 18 ? -2.423  10.532  -18.918 1.00 44.19 ? 14  MET A CG   1 
ATOM   160  S SD   . MET A 1 18 ? -0.690  10.808  -18.501 1.00 58.97 ? 14  MET A SD   1 
ATOM   161  C CE   . MET A 1 18 ? -0.190  9.172   -17.965 1.00 43.39 ? 14  MET A CE   1 
ATOM   162  N N    . GLY A 1 19 ? -4.529  8.095   -15.745 1.00 34.14 ? 15  GLY A N    1 
ATOM   163  C CA   . GLY A 1 19 ? -5.332  7.780   -14.584 1.00 25.64 ? 15  GLY A CA   1 
ATOM   164  C C    . GLY A 1 19 ? -4.529  6.969   -13.587 1.00 23.48 ? 15  GLY A C    1 
ATOM   165  O O    . GLY A 1 19 ? -4.596  7.203   -12.389 1.00 21.90 ? 15  GLY A O    1 
ATOM   166  N N    . GLY A 1 20 ? -3.770  6.006   -14.094 1.00 24.29 ? 16  GLY A N    1 
ATOM   167  C CA   . GLY A 1 20 ? -2.970  5.142   -13.248 1.00 20.86 ? 16  GLY A CA   1 
ATOM   168  C C    . GLY A 1 20 ? -1.980  5.920   -12.411 1.00 19.31 ? 16  GLY A C    1 
ATOM   169  O O    . GLY A 1 20 ? -1.870  5.711   -11.216 1.00 18.97 ? 16  GLY A O    1 
ATOM   170  N N    . THR A 1 21 ? -1.262  6.830   -13.053 1.00 23.37 ? 17  THR A N    1 
ATOM   171  C CA   . THR A 1 21 ? -0.306  7.681   -12.346 1.00 22.06 ? 17  THR A CA   1 
ATOM   172  C C    . THR A 1 21 ? -1.009  8.499   -11.248 1.00 18.78 ? 17  THR A C    1 
ATOM   173  O O    . THR A 1 21 ? -0.498  8.653   -10.136 1.00 20.12 ? 17  THR A O    1 
ATOM   174  C CB   . THR A 1 21 ? 0.425   8.618   -13.334 1.00 26.82 ? 17  THR A CB   1 
ATOM   175  O OG1  . THR A 1 21 ? 1.211   7.840   -14.251 1.00 32.77 ? 17  THR A OG1  1 
ATOM   176  C CG2  . THR A 1 21 ? 1.336   9.587   -12.599 1.00 32.73 ? 17  THR A CG2  1 
ATOM   177  H H    . THR A 1 21 ? -1.305  6.981   -13.898 1.00 27.94 ? 17  THR A H    1 
ATOM   178  H HA   . THR A 1 21 ? 0.367   7.113   -11.915 1.00 26.37 ? 17  THR A HA   1 
ATOM   179  H HB   . THR A 1 21 ? -0.230  9.134   -13.831 1.00 32.08 ? 17  THR A HB   1 
ATOM   180  H HG1  . THR A 1 21 ? 0.727   7.331   -14.673 1.00 39.22 ? 17  THR A HG1  1 
ATOM   181  H HG21 . THR A 1 21 ? 1.781   10.160  -13.229 1.00 39.18 ? 17  THR A HG21 1 
ATOM   182  H HG22 . THR A 1 21 ? 0.822   10.126  -11.995 1.00 39.18 ? 17  THR A HG22 1 
ATOM   183  H HG23 . THR A 1 21 ? 1.997   9.100   -12.100 1.00 39.18 ? 17  THR A HG23 1 
ATOM   184  N N    . LYS A 1 22 ? -2.194  9.009   -11.554 1.00 21.56 ? 18  LYS A N    1 
ATOM   185  C CA   . LYS A 1 22 ? -2.945  9.780   -10.571 1.00 21.59 ? 18  LYS A CA   1 
ATOM   186  C C    . LYS A 1 22 ? -3.388  8.910   -9.394  1.00 17.36 ? 18  LYS A C    1 
ATOM   187  O O    . LYS A 1 22 ? -3.283  9.305   -8.237  1.00 18.88 ? 18  LYS A O    1 
ATOM   188  C CB   . LYS A 1 22 ? -4.152  10.455  -11.230 1.00 25.55 ? 18  LYS A CB   1 
ATOM   189  C CG   . LYS A 1 22 ? -5.253  10.857  -10.265 1.00 29.97 ? 18  LYS A CG   1 
ATOM   190  C CD   . LYS A 1 22 ? -6.096  9.643   -9.884  1.00 41.67 ? 18  LYS A CD   1 
ATOM   191  C CE   . LYS A 1 22 ? -7.561  9.887   -10.175 1.00 41.29 ? 18  LYS A CE   1 
ATOM   192  N NZ   . LYS A 1 22 ? -8.411  8.972   -9.381  1.00 36.61 ? 18  LYS A NZ   1 
ATOM   193  N N    . ARG A 1 23 ? -3.872  7.715   -9.687  1.00 16.22 ? 19  ARG A N    1 
ATOM   194  C CA   . ARG A 1 23 ? -4.339  6.833   -8.630  1.00 16.18 ? 19  ARG A CA   1 
ATOM   195  C C    . ARG A 1 23 ? -3.169  6.388   -7.742  1.00 15.38 ? 19  ARG A C    1 
ATOM   196  O O    . ARG A 1 23 ? -3.311  6.296   -6.527  1.00 15.70 ? 19  ARG A O    1 
ATOM   197  C CB   . ARG A 1 23 ? -5.111  5.643   -9.223  1.00 14.94 ? 19  ARG A CB   1 
ATOM   198  C CG   . ARG A 1 23 ? -6.415  6.066   -9.935  1.00 16.17 ? 19  ARG A CG   1 
ATOM   199  C CD   . ARG A 1 23 ? -7.273  4.868   -10.317 1.00 17.21 ? 19  ARG A CD   1 
ATOM   200  N NE   . ARG A 1 23 ? -6.627  3.937   -11.241 1.00 16.44 ? 19  ARG A NE   1 
ATOM   201  C CZ   . ARG A 1 23 ? -6.621  4.052   -12.565 1.00 17.92 ? 19  ARG A CZ   1 
ATOM   202  N NH1  . ARG A 1 23 ? -6.022  3.125   -13.304 1.00 20.95 ? 19  ARG A NH1  1 
ATOM   203  N NH2  . ARG A 1 23 ? -7.213  5.080   -13.162 1.00 19.21 ? 19  ARG A NH2  1 
ATOM   204  H H    . ARG A 1 23 ? -3.942  7.392   -10.482 1.00 19.35 ? 19  ARG A H    1 
ATOM   205  H HA   . ARG A 1 23 ? -4.962  7.333   -8.062  1.00 19.31 ? 19  ARG A HA   1 
ATOM   206  H HB2  . ARG A 1 23 ? -4.547  5.194   -9.872  1.00 17.82 ? 19  ARG A HB2  1 
ATOM   207  H HB3  . ARG A 1 23 ? -5.346  5.031   -8.508  1.00 17.82 ? 19  ARG A HB3  1 
ATOM   208  H HG2  . ARG A 1 23 ? -6.934  6.632   -9.342  1.00 19.30 ? 19  ARG A HG2  1 
ATOM   209  H HG3  . ARG A 1 23 ? -6.193  6.549   -10.746 1.00 19.30 ? 19  ARG A HG3  1 
ATOM   210  H HD2  . ARG A 1 23 ? -7.497  4.377   -9.511  1.00 20.55 ? 19  ARG A HD2  1 
ATOM   211  H HD3  . ARG A 1 23 ? -8.085  5.188   -10.740 1.00 20.55 ? 19  ARG A HD3  1 
ATOM   212  H HE   . ARG A 1 23 ? -6.217  3.261   -10.900 1.00 19.62 ? 19  ARG A HE   1 
ATOM   213  H HH11 . ARG A 1 23 ? -5.632  2.459   -12.925 1.00 25.03 ? 19  ARG A HH11 1 
ATOM   214  H HH12 . ARG A 1 23 ? -6.007  3.200   -14.160 1.00 25.03 ? 19  ARG A HH12 1 
ATOM   215  H HH21 . ARG A 1 23 ? -7.611  5.680   -12.691 1.00 22.95 ? 19  ARG A HH21 1 
ATOM   216  H HH22 . ARG A 1 23 ? -7.202  5.145   -14.020 1.00 22.95 ? 19  ARG A HH22 1 
ATOM   217  N N    . LEU A 1 24 ? -2.012  6.112   -8.343  1.00 15.17 ? 20  LEU A N    1 
ATOM   218  C CA   . LEU A 1 24 ? -0.837  5.744   -7.546  1.00 16.11 ? 20  LEU A CA   1 
ATOM   219  C C    . LEU A 1 24 ? -0.453  6.863   -6.576  1.00 15.32 ? 20  LEU A C    1 
ATOM   220  O O    . LEU A 1 24 ? -0.130  6.607   -5.417  1.00 15.29 ? 20  LEU A O    1 
ATOM   221  C CB   . LEU A 1 24 ? 0.354   5.383   -8.443  1.00 17.50 ? 20  LEU A CB   1 
ATOM   222  C CG   . LEU A 1 24 ? 1.669   5.022   -7.733  1.00 16.57 ? 20  LEU A CG   1 
ATOM   223  C CD1  . LEU A 1 24 ? 1.455   3.868   -6.768  1.00 18.10 ? 20  LEU A CD1  1 
ATOM   224  C CD2  . LEU A 1 24 ? 2.764   4.691   -8.747  1.00 20.11 ? 20  LEU A CD2  1 
ATOM   225  H H    . LEU A 1 24 ? -1.880  6.129   -9.193  1.00 18.10 ? 20  LEU A H    1 
ATOM   226  H HA   . LEU A 1 24 ? -1.057  4.952   -7.013  1.00 19.23 ? 20  LEU A HA   1 
ATOM   227  H HB2  . LEU A 1 24 ? 0.103   4.621   -8.986  1.00 20.90 ? 20  LEU A HB2  1 
ATOM   228  H HB3  . LEU A 1 24 ? 0.539   6.141   -9.019  1.00 20.90 ? 20  LEU A HB3  1 
ATOM   229  H HG   . LEU A 1 24 ? 1.966   5.787   -7.217  1.00 19.78 ? 20  LEU A HG   1 
ATOM   230  H HD11 . LEU A 1 24 ? 2.287   3.661   -6.338  1.00 21.61 ? 20  LEU A HD11 1 
ATOM   231  H HD12 . LEU A 1 24 ? 0.802   4.127   -6.112  1.00 21.61 ? 20  LEU A HD12 1 
ATOM   232  H HD13 . LEU A 1 24 ? 1.140   3.105   -7.259  1.00 21.61 ? 20  LEU A HD13 1 
ATOM   233  H HD21 . LEU A 1 24 ? 3.570   4.469   -8.276  1.00 24.03 ? 20  LEU A HD21 1 
ATOM   234  H HD22 . LEU A 1 24 ? 2.481   3.943   -9.280  1.00 24.03 ? 20  LEU A HD22 1 
ATOM   235  H HD23 . LEU A 1 24 ? 2.912   5.455   -9.308  1.00 24.03 ? 20  LEU A HD23 1 
ATOM   236  N N    . ARG A 1 25 ? -0.507  8.109   -7.029  1.00 15.70 ? 21  ARG A N    1 
ATOM   237  C CA   . ARG A 1 25 ? -0.181  9.220   -6.142  1.00 16.49 ? 21  ARG A CA   1 
ATOM   238  C C    . ARG A 1 25 ? -1.119  9.228   -4.924  1.00 14.60 ? 21  ARG A C    1 
ATOM   239  O O    . ARG A 1 25 ? -0.692  9.423   -3.791  1.00 15.67 ? 21  ARG A O    1 
ATOM   240  C CB   . ARG A 1 25 ? -0.258  10.558  -6.891  1.00 20.55 ? 21  ARG A CB   1 
ATOM   241  C CG   . ARG A 1 25 ? -1.671  11.032  -7.195  1.00 35.34 ? 21  ARG A CG   1 
ATOM   242  C CD   . ARG A 1 25 ? -1.696  12.506  -7.586  1.00 38.50 ? 21  ARG A CD   1 
ATOM   243  N NE   . ARG A 1 25 ? -2.814  12.823  -8.471  1.00 44.08 ? 21  ARG A NE   1 
ATOM   244  C CZ   . ARG A 1 25 ? -3.941  13.407  -8.072  1.00 46.11 ? 21  ARG A CZ   1 
ATOM   245  N NH1  . ARG A 1 25 ? -4.901  13.671  -8.953  1.00 47.74 ? 21  ARG A NH1  1 
ATOM   246  N NH2  . ARG A 1 25 ? -4.107  13.720  -6.792  1.00 44.12 ? 21  ARG A NH2  1 
ATOM   247  N N    . LYS A 1 26 ? -2.407  9.019   -5.172  1.00 15.11 ? 22  LYS A N    1 
ATOM   248  C CA   . LYS A 1 26 ? -3.403  9.017   -4.100  1.00 16.08 ? 22  LYS A CA   1 
ATOM   249  C C    . LYS A 1 26 ? -3.255  7.827   -3.161  1.00 13.24 ? 22  LYS A C    1 
ATOM   250  O O    . LYS A 1 26 ? -3.363  7.973   -1.952  1.00 13.80 ? 22  LYS A O    1 
ATOM   251  C CB   . LYS A 1 26 ? -4.816  9.074   -4.683  1.00 17.14 ? 22  LYS A CB   1 
ATOM   252  C CG   . LYS A 1 26 ? -5.080  10.381  -5.407  1.00 18.17 ? 22  LYS A CG   1 
ATOM   253  C CD   . LYS A 1 26 ? -6.456  10.413  -5.999  1.00 20.55 ? 22  LYS A CD   1 
ATOM   254  C CE   . LYS A 1 26 ? -6.765  11.765  -6.582  1.00 26.23 ? 22  LYS A CE   1 
ATOM   255  N NZ   . LYS A 1 26 ? -8.064  11.716  -7.285  1.00 32.09 ? 22  LYS A NZ   1 
ATOM   256  H H    . LYS A 1 26 ? -2.734  8.876   -5.954  1.00 18.03 ? 22  LYS A H    1 
ATOM   257  H HA   . LYS A 1 26 ? -3.277  9.827   -3.564  1.00 19.19 ? 22  LYS A HA   1 
ATOM   258  H HB2  . LYS A 1 26 ? -4.929  8.349   -5.317  1.00 20.46 ? 22  LYS A HB2  1 
ATOM   259  H HB3  . LYS A 1 26 ? -5.461  8.993   -3.963  1.00 20.46 ? 22  LYS A HB3  1 
ATOM   260  H HG2  . LYS A 1 26 ? -5.000  11.117  -4.780  1.00 21.70 ? 22  LYS A HG2  1 
ATOM   261  H HG3  . LYS A 1 26 ? -4.437  10.483  -6.127  1.00 21.70 ? 22  LYS A HG3  1 
ATOM   262  H HD2  . LYS A 1 26 ? -6.518  9.754   -6.706  1.00 24.56 ? 22  LYS A HD2  1 
ATOM   263  H HD3  . LYS A 1 26 ? -7.108  10.225  -5.305  1.00 24.56 ? 22  LYS A HD3  1 
ATOM   264  H HE2  . LYS A 1 26 ? -6.822  12.422  -5.871  1.00 31.37 ? 22  LYS A HE2  1 
ATOM   265  H HE3  . LYS A 1 26 ? -6.076  12.008  -7.220  1.00 31.37 ? 22  LYS A HE3  1 
ATOM   266  H HZ1  . LYS A 1 26 ? -8.251  12.513  -7.634  1.00 38.40 ? 22  LYS A HZ1  1 
ATOM   267  H HZ2  . LYS A 1 26 ? -8.033  11.114  -7.941  1.00 38.40 ? 22  LYS A HZ2  1 
ATOM   268  H HZ3  . LYS A 1 26 ? -8.710  11.490  -6.716  1.00 38.40 ? 22  LYS A HZ3  1 
ATOM   269  N N    . VAL A 1 27 ? -3.026  6.641   -3.712  1.00 13.37 ? 23  VAL A N    1 
ATOM   270  C CA   . VAL A 1 27 ? -2.789  5.467   -2.887  1.00 12.88 ? 23  VAL A CA   1 
ATOM   271  C C    . VAL A 1 27 ? -1.538  5.646   -2.024  1.00 13.11 ? 23  VAL A C    1 
ATOM   272  O O    . VAL A 1 27 ? -1.541  5.281   -0.847  1.00 12.42 ? 23  VAL A O    1 
ATOM   273  C CB   . VAL A 1 27 ? -2.716  4.200   -3.760  1.00 12.81 ? 23  VAL A CB   1 
ATOM   274  C CG1  . VAL A 1 27 ? -2.094  3.016   -3.001  1.00 13.43 ? 23  VAL A CG1  1 
ATOM   275  C CG2  . VAL A 1 27 ? -4.117  3.852   -4.280  1.00 14.61 ? 23  VAL A CG2  1 
ATOM   276  H H    . VAL A 1 27 ? -3.003  6.491   -4.559  1.00 15.94 ? 23  VAL A H    1 
ATOM   277  H HA   . VAL A 1 27 ? -3.550  5.359   -2.279  1.00 15.35 ? 23  VAL A HA   1 
ATOM   278  H HB   . VAL A 1 27 ? -2.148  4.386   -4.537  1.00 15.27 ? 23  VAL A HB   1 
ATOM   279  H HG11 . VAL A 1 27 ? -2.068  2.252   -3.581  1.00 16.01 ? 23  VAL A HG11 1 
ATOM   280  H HG12 . VAL A 1 27 ? -1.203  3.252   -2.730  1.00 16.01 ? 23  VAL A HG12 1 
ATOM   281  H HG13 . VAL A 1 27 ? -2.630  2.823   -2.229  1.00 16.01 ? 23  VAL A HG13 1 
ATOM   282  H HG21 . VAL A 1 27 ? -4.061  3.061   -4.822  1.00 17.43 ? 23  VAL A HG21 1 
ATOM   283  H HG22 . VAL A 1 27 ? -4.698  3.696   -3.532  1.00 17.43 ? 23  VAL A HG22 1 
ATOM   284  H HG23 . VAL A 1 27 ? -4.447  4.586   -4.804  1.00 17.43 ? 23  VAL A HG23 1 
ATOM   285  N N    . ALA A 1 28 ? -0.477  6.203   -2.600  1.00 13.59 ? 24  ALA A N    1 
ATOM   286  C CA   . ALA A 1 28 ? 0.766   6.409   -1.858  1.00 14.37 ? 24  ALA A CA   1 
ATOM   287  C C    . ALA A 1 28 ? 0.525   7.382   -0.690  1.00 12.80 ? 24  ALA A C    1 
ATOM   288  O O    . ALA A 1 28 ? 0.968   7.129   0.424   1.00 14.25 ? 24  ALA A O    1 
ATOM   289  C CB   . ALA A 1 28 ? 1.873   6.927   -2.782  1.00 14.63 ? 24  ALA A CB   1 
ATOM   290  H H    . ALA A 1 28 ? -0.450  6.470   -3.417  1.00 16.20 ? 24  ALA A H    1 
ATOM   291  H HA   . ALA A 1 28 ? 1.060   5.553   -1.483  1.00 17.14 ? 24  ALA A HA   1 
ATOM   292  H HB1  . ALA A 1 28 ? 2.675   7.052   -2.269  1.00 17.45 ? 24  ALA A HB1  1 
ATOM   293  H HB2  . ALA A 1 28 ? 2.027   6.282   -3.476  1.00 17.45 ? 24  ALA A HB2  1 
ATOM   294  H HB3  . ALA A 1 28 ? 1.596   7.762   -3.165  1.00 17.45 ? 24  ALA A HB3  1 
ATOM   295  N N    . LYS A 1 29 ? -0.221  8.455   -0.930  1.00 13.48 ? 25  LYS A N    1 
ATOM   296  C CA   . LYS A 1 29 ? -0.545  9.407   0.134   1.00 14.77 ? 25  LYS A CA   1 
ATOM   297  C C    . LYS A 1 29 ? -1.361  8.744   1.254   1.00 14.39 ? 25  LYS A C    1 
ATOM   298  O O    . LYS A 1 29 ? -1.091  8.931   2.431   1.00 16.33 ? 25  LYS A O    1 
ATOM   299  C CB   . LYS A 1 29 ? -1.297  10.602  -0.448  1.00 18.74 ? 25  LYS A CB   1 
ATOM   300  C CG   . LYS A 1 29 ? -1.595  11.708  0.523   1.00 23.63 ? 25  LYS A CG   1 
ATOM   301  C CD   . LYS A 1 29 ? -2.163  12.895  -0.223  1.00 29.58 ? 25  LYS A CD   1 
ATOM   302  C CE   . LYS A 1 29 ? -3.673  12.983  -0.105  1.00 41.96 ? 25  LYS A CE   1 
ATOM   303  N NZ   . LYS A 1 29 ? -4.176  14.295  -0.624  1.00 45.12 ? 25  LYS A NZ   1 
ATOM   304  H H    . LYS A 1 29 ? -0.552  8.656   -1.698  1.00 16.07 ? 25  LYS A H    1 
ATOM   305  H HA   . LYS A 1 29 ? 0.290   9.740   0.525   1.00 17.61 ? 25  LYS A HA   1 
ATOM   306  H HB2  . LYS A 1 29 ? -0.766  10.980  -1.167  1.00 22.38 ? 25  LYS A HB2  1 
ATOM   307  H HB3  . LYS A 1 29 ? -2.145  10.289  -0.801  1.00 22.38 ? 25  LYS A HB3  1 
ATOM   308  H HG2  . LYS A 1 29 ? -2.251  11.407  1.170   1.00 28.25 ? 25  LYS A HG2  1 
ATOM   309  H HG3  . LYS A 1 29 ? -0.777  11.982  0.965   1.00 28.25 ? 25  LYS A HG3  1 
ATOM   310  H HD2  . LYS A 1 29 ? -1.784  13.709  0.144   1.00 35.39 ? 25  LYS A HD2  1 
ATOM   311  H HD3  . LYS A 1 29 ? -1.938  12.816  -1.163  1.00 35.39 ? 25  LYS A HD3  1 
ATOM   312  H HE2  . LYS A 1 29 ? -4.079  12.272  -0.626  1.00 50.25 ? 25  LYS A HE2  1 
ATOM   313  H HE3  . LYS A 1 29 ? -3.929  12.906  0.828   1.00 50.25 ? 25  LYS A HE3  1 
ATOM   314  H HZ1  . LYS A 1 29 ? -5.063  14.333  -0.550  1.00 54.04 ? 25  LYS A HZ1  1 
ATOM   315  H HZ2  . LYS A 1 29 ? -3.818  14.964  -0.159  1.00 54.04 ? 25  LYS A HZ2  1 
ATOM   316  H HZ3  . LYS A 1 29 ? -3.954  14.388  -1.481  1.00 54.04 ? 25  LYS A HZ3  1 
ATOM   317  N N    . ALA A 1 30 ? -2.356  7.947   0.893   1.00 13.86 ? 26  ALA A N    1 
ATOM   318  C CA   . ALA A 1 30 ? -3.142  7.254   1.901   1.00 14.66 ? 26  ALA A CA   1 
ATOM   319  C C    . ALA A 1 30 ? -2.274  6.306   2.755   1.00 12.54 ? 26  ALA A C    1 
ATOM   320  O O    . ALA A 1 30 ? -2.388  6.292   3.983   1.00 13.49 ? 26  ALA A O    1 
ATOM   321  C CB   . ALA A 1 30 ? -4.273  6.493   1.241   1.00 13.82 ? 26  ALA A CB   1 
ATOM   322  H H    . ALA A 1 30 ? -2.596  7.794   0.081   1.00 16.52 ? 26  ALA A H    1 
ATOM   323  H HA   . ALA A 1 30 ? -3.538  7.918   2.502   1.00 17.49 ? 26  ALA A HA   1 
ATOM   324  H HB1  . ALA A 1 30 ? -4.781  6.040   1.917   1.00 16.48 ? 26  ALA A HB1  1 
ATOM   325  H HB2  . ALA A 1 30 ? -4.834  7.113   0.769   1.00 16.48 ? 26  ALA A HB2  1 
ATOM   326  H HB3  . ALA A 1 30 ? -3.903  5.853   0.627   1.00 16.48 ? 26  ALA A HB3  1 
ATOM   327  N N    . CYS A 1 31 ? -1.419  5.510   2.110   1.00 12.42 ? 27  CYS A N    1 
ATOM   328  C CA   . CYS A 1 31 ? -0.546  4.598   2.850   1.00 12.30 ? 27  CYS A CA   1 
ATOM   329  C C    . CYS A 1 31 ? 0.502   5.306   3.697   1.00 13.35 ? 27  CYS A C    1 
ATOM   330  O O    . CYS A 1 31 ? 0.837   4.816   4.766   1.00 13.15 ? 27  CYS A O    1 
ATOM   331  C CB   . CYS A 1 31 ? 0.124   3.610   1.891   1.00 13.30 ? 27  CYS A CB   1 
ATOM   332  S SG   . CYS A 1 31 ? -1.019  2.429   1.112   1.00 12.89 ? 27  CYS A SG   1 
ATOM   333  H H    . CYS A 1 31 ? -1.327  5.477   1.256   1.00 14.80 ? 27  CYS A H    1 
ATOM   334  H HA   . CYS A 1 31 ? -1.103  4.074   3.462   1.00 14.65 ? 27  CYS A HA   1 
ATOM   335  H HB2  . CYS A 1 31 ? 0.558   4.110   1.182   1.00 15.85 ? 27  CYS A HB2  1 
ATOM   336  H HB3  . CYS A 1 31 ? 0.784   3.098   2.383   1.00 15.85 ? 27  CYS A HB3  1 
ATOM   337  H HG   . CYS A 1 31 ? -0.397  1.706   0.385   1.00 15.36 ? 27  CYS A HG   1 
ATOM   338  N N    . GLN A 1 32 ? 0.989   6.455   3.234   1.00 13.46 ? 28  GLN A N    1 
ATOM   339  C CA   . GLN A 1 32 ? 2.014   7.236   3.950   1.00 16.43 ? 28  GLN A CA   1 
ATOM   340  C C    . GLN A 1 32 ? 1.517   7.690   5.326   1.00 13.88 ? 28  GLN A C    1 
ATOM   341  O O    . GLN A 1 32 ? 2.311   7.900   6.234   1.00 14.01 ? 28  GLN A O    1 
ATOM   342  C CB   . GLN A 1 32 ? 2.434   8.472   3.137   1.00 20.48 ? 28  GLN A CB   1 
ATOM   343  C CG   . GLN A 1 32 ? 3.605   9.320   3.734   1.00 25.99 ? 28  GLN A CG   1 
ATOM   344  C CD   . GLN A 1 32 ? 3.257   10.237  4.939   1.00 25.76 ? 28  GLN A CD   1 
ATOM   345  O OE1  . GLN A 1 32 ? 2.171   10.832  5.029   1.00 25.07 ? 28  GLN A OE1  1 
ATOM   346  N NE2  . GLN A 1 32 ? 4.220   10.371  5.854   1.00 20.89 ? 28  GLN A NE2  1 
ATOM   347  H H    . GLN A 1 32 ? 0.740   6.815   2.494   1.00 16.05 ? 28  GLN A H    1 
ATOM   348  H HA   . GLN A 1 32 ? 2.806   6.675   4.083   1.00 19.61 ? 28  GLN A HA   1 
ATOM   349  H HB2  . GLN A 1 32 ? 2.712   8.177   2.255   1.00 24.47 ? 28  GLN A HB2  1 
ATOM   350  H HB3  . GLN A 1 32 ? 1.666   9.059   3.053   1.00 24.47 ? 28  GLN A HB3  1 
ATOM   351  H HG2  . GLN A 1 32 ? 4.300   8.710   4.029   1.00 31.08 ? 28  GLN A HG2  1 
ATOM   352  H HG3  . GLN A 1 32 ? 3.956   9.890   3.032   1.00 31.08 ? 28  GLN A HG3  1 
ATOM   353  H HE21 . GLN A 1 32 ? 4.970   9.962   5.752   1.00 24.97 ? 28  GLN A HE21 1 
ATOM   354  H HE22 . GLN A 1 32 ? 4.090   10.865  6.545   1.00 24.97 ? 28  GLN A HE22 1 
ATOM   355  N N    . ASN A 1 33 ? 0.202   7.821   5.469   1.00 12.90 ? 29  ASN A N    1 
ATOM   356  C CA   . ASN A 1 33 ? -0.399  8.182   6.751   1.00 13.01 ? 29  ASN A CA   1 
ATOM   357  C C    . ASN A 1 33 ? -0.155  7.106   7.824   1.00 11.83 ? 29  ASN A C    1 
ATOM   358  O O    . ASN A 1 33 ? -0.277  7.384   9.021   1.00 13.89 ? 29  ASN A O    1 
ATOM   359  C CB   . ASN A 1 33 ? -1.891  8.402   6.523   1.00 15.59 ? 29  ASN A CB   1 
ATOM   360  C CG   . ASN A 1 33 ? -2.600  9.064   7.704   1.00 16.00 ? 29  ASN A CG   1 
ATOM   361  O OD1  . ASN A 1 33 ? -2.037  9.874   8.437   1.00 20.89 ? 29  ASN A OD1  1 
ATOM   362  N ND2  . ASN A 1 33 ? -3.863  8.728   7.862   1.00 19.71 ? 29  ASN A ND2  1 
ATOM   363  H H    . ASN A 1 33 ? -0.368  7.706   4.836   1.00 15.38 ? 29  ASN A H    1 
ATOM   364  H HA   . ASN A 1 33 ? -0.009  9.024   7.065   1.00 15.51 ? 29  ASN A HA   1 
ATOM   365  H HB2  . ASN A 1 33 ? -2.008  8.973   5.748   1.00 18.60 ? 29  ASN A HB2  1 
ATOM   366  H HB3  . ASN A 1 33 ? -2.313  7.544   6.366   1.00 18.60 ? 29  ASN A HB3  1 
ATOM   367  H HD21 . ASN A 1 33 ? -4.319  9.065   8.508   1.00 23.55 ? 29  ASN A HD21 1 
ATOM   368  H HD22 . ASN A 1 33 ? -4.231  8.172   7.320   1.00 23.55 ? 29  ASN A HD22 1 
ATOM   369  N N    . TYR A 1 34 ? 0.181   5.885   7.387   1.00 12.14 ? 30  TYR A N    1 
ATOM   370  C CA   . TYR A 1 34 ? 0.323   4.745   8.296   1.00 12.29 ? 30  TYR A CA   1 
ATOM   371  C C    . TYR A 1 34 ? 1.623   3.965   8.117   1.00 12.71 ? 30  TYR A C    1 
ATOM   372  O O    . TYR A 1 34 ? 1.783   2.873   8.667   1.00 14.04 ? 30  TYR A O    1 
ATOM   373  C CB   . TYR A 1 34 ? -0.866  3.777   8.159   1.00 15.25 ? 30  TYR A CB   1 
ATOM   374  C CG   . TYR A 1 34 ? -2.195  4.408   8.556   1.00 14.99 ? 30  TYR A CG   1 
ATOM   375  C CD1  . TYR A 1 34 ? -2.510  4.620   9.890   1.00 16.76 ? 30  TYR A CD1  1 
ATOM   376  C CD2  . TYR A 1 34 ? -3.126  4.772   7.594   1.00 17.04 ? 30  TYR A CD2  1 
ATOM   377  C CE1  . TYR A 1 34 ? -3.708  5.186   10.263  1.00 21.87 ? 30  TYR A CE1  1 
ATOM   378  C CE2  . TYR A 1 34 ? -4.357  5.327   7.958   1.00 20.96 ? 30  TYR A CE2  1 
ATOM   379  C CZ   . TYR A 1 34 ? -4.622  5.532   9.298   1.00 22.08 ? 30  TYR A CZ   1 
ATOM   380  O OH   . TYR A 1 34 ? -5.811  6.091   9.701   1.00 27.03 ? 30  TYR A OH   1 
ATOM   381  N N    . GLY A 1 35 ? 2.554   4.500   7.341   1.00 13.10 ? 31  GLY A N    1 
ATOM   382  C CA   . GLY A 1 35 ? 3.771   3.753   7.060   1.00 12.60 ? 31  GLY A CA   1 
ATOM   383  C C    . GLY A 1 35 ? 4.620   4.329   5.956   1.00 13.36 ? 31  GLY A C    1 
ATOM   384  O O    . GLY A 1 35 ? 4.651   5.540   5.731   1.00 15.26 ? 31  GLY A O    1 
ATOM   385  H H    . GLY A 1 35 ? 2.509   5.277   6.973   1.00 15.61 ? 31  GLY A H    1 
ATOM   386  H HA2  . GLY A 1 35 ? 4.311   3.714   7.865   1.00 15.02 ? 31  GLY A HA2  1 
ATOM   387  H HA3  . GLY A 1 35 ? 3.533   2.846   6.812   1.00 15.02 ? 31  GLY A HA3  1 
ATOM   388  N N    . GLN A 1 36 ? 5.309   3.421   5.261   1.00 13.67 ? 32  GLN A N    1 
ATOM   389  C CA   . GLN A 1 36 ? 6.372   3.778   4.324   1.00 15.91 ? 32  GLN A CA   1 
ATOM   390  C C    . GLN A 1 36 ? 6.213   3.102   2.979   1.00 13.40 ? 32  GLN A C    1 
ATOM   391  O O    . GLN A 1 36 ? 5.730   1.989   2.878   1.00 14.75 ? 32  GLN A O    1 
ATOM   392  C CB   . GLN A 1 36 ? 7.749   3.383   4.883   1.00 24.56 ? 32  GLN A CB   1 
ATOM   393  C CG   . GLN A 1 36 ? 8.178   4.194   6.091   1.00 32.26 ? 32  GLN A CG   1 
ATOM   394  C CD   . GLN A 1 36 ? 9.314   3.554   6.854   1.00 38.25 ? 32  GLN A CD   1 
ATOM   395  O OE1  . GLN A 1 36 ? 9.535   3.862   8.028   1.00 43.01 ? 32  GLN A OE1  1 
ATOM   396  N NE2  . GLN A 1 36 ? 10.049  2.659   6.193   1.00 38.85 ? 32  GLN A NE2  1 
ATOM   397  H H    . GLN A 1 36 ? 5.173   2.574   5.317   1.00 16.30 ? 32  GLN A H    1 
ATOM   398  H HA   . GLN A 1 36 ? 6.365   4.748   4.183   1.00 18.99 ? 32  GLN A HA   1 
ATOM   399  H HB2  . GLN A 1 36 ? 7.724   2.451   5.146   1.00 29.37 ? 32  GLN A HB2  1 
ATOM   400  H HB3  . GLN A 1 36 ? 8.415   3.511   4.189   1.00 29.37 ? 32  GLN A HB3  1 
ATOM   401  H HG2  . GLN A 1 36 ? 8.470   5.070   5.795   1.00 38.61 ? 32  GLN A HG2  1 
ATOM   402  H HG3  . GLN A 1 36 ? 7.424   4.283   6.695   1.00 38.61 ? 32  GLN A HG3  1 
ATOM   403  H HE21 . GLN A 1 36 ? 10.707  2.268   6.586   1.00 46.52 ? 32  GLN A HE21 1 
ATOM   404  H HE22 . GLN A 1 36 ? 9.864   2.471   5.374   1.00 46.52 ? 32  GLN A HE22 1 
ATOM   405  N N    . ARG A 1 37 ? 6.650   3.815   1.953   1.00 14.92 ? 33  ARG A N    1 
ATOM   406  C CA   . ARG A 1 37 ? 6.697   3.328   0.589   1.00 13.56 ? 33  ARG A CA   1 
ATOM   407  C C    . ARG A 1 37 ? 8.064   2.686   0.358   1.00 13.68 ? 33  ARG A C    1 
ATOM   408  O O    . ARG A 1 37 ? 9.091   3.364   0.382   1.00 17.77 ? 33  ARG A O    1 
ATOM   409  C CB   . ARG A 1 37 ? 6.485   4.525   -0.326  1.00 16.18 ? 33  ARG A CB   1 
ATOM   410  C CG   . ARG A 1 37 ? 6.412   4.222   -1.793  1.00 17.11 ? 33  ARG A CG   1 
ATOM   411  C CD   . ARG A 1 37 ? 6.001   5.510   -2.504  1.00 18.00 ? 33  ARG A CD   1 
ATOM   412  N NE   . ARG A 1 37 ? 5.594   5.272   -3.877  1.00 17.43 ? 33  ARG A NE   1 
ATOM   413  C CZ   . ARG A 1 37 ? 5.151   6.218   -4.701  1.00 19.99 ? 33  ARG A CZ   1 
ATOM   414  N NH1  . ARG A 1 37 ? 5.117   7.483   -4.297  1.00 20.25 ? 33  ARG A NH1  1 
ATOM   415  N NH2  . ARG A 1 37 ? 4.781   5.904   -5.940  1.00 24.20 ? 33  ARG A NH2  1 
ATOM   416  H H    . ARG A 1 37 ? 6.939   4.621   2.031   1.00 17.80 ? 33  ARG A H    1 
ATOM   417  H HA   . ARG A 1 37 ? 5.993   2.665   0.435   1.00 16.17 ? 33  ARG A HA   1 
ATOM   418  H HB2  . ARG A 1 37 ? 5.653   4.956   -0.078  1.00 19.31 ? 33  ARG A HB2  1 
ATOM   419  H HB3  . ARG A 1 37 ? 7.220   5.145   -0.194  1.00 19.31 ? 33  ARG A HB3  1 
ATOM   420  H HG2  . ARG A 1 37 ? 7.283   3.944   -2.120  1.00 20.43 ? 33  ARG A HG2  1 
ATOM   421  H HG3  . ARG A 1 37 ? 5.743   3.541   -1.960  1.00 20.43 ? 33  ARG A HG3  1 
ATOM   422  H HD2  . ARG A 1 37 ? 5.253   5.909   -2.033  1.00 21.50 ? 33  ARG A HD2  1 
ATOM   423  H HD3  . ARG A 1 37 ? 6.754   6.122   -2.514  1.00 21.50 ? 33  ARG A HD3  1 
ATOM   424  H HE   . ARG A 1 37 ? 5.652   4.469   -4.180  1.00 20.81 ? 33  ARG A HE   1 
ATOM   425  H HH11 . ARG A 1 37 ? 5.353   7.684   -3.496  1.00 24.19 ? 33  ARG A HH11 1 
ATOM   426  H HH12 . ARG A 1 37 ? 4.839   8.097   -4.831  1.00 24.19 ? 33  ARG A HH12 1 
ATOM   427  H HH21 . ARG A 1 37 ? 4.815   5.086   -6.204  1.00 28.93 ? 33  ARG A HH21 1 
ATOM   428  H HH22 . ARG A 1 37 ? 4.512   6.518   -6.477  1.00 28.93 ? 33  ARG A HH22 1 
ATOM   429  N N    . VAL A 1 38 ? 8.082   1.369   0.177   1.00 12.53 ? 34  VAL A N    1 
ATOM   430  C CA   . VAL A 1 38 ? 9.355   0.633   0.113   1.00 12.15 ? 34  VAL A CA   1 
ATOM   431  C C    . VAL A 1 38 ? 9.779   0.283   -1.321  1.00 13.21 ? 34  VAL A C    1 
ATOM   432  O O    . VAL A 1 38 ? 10.958  0.018   -1.579  1.00 14.49 ? 34  VAL A O    1 
ATOM   433  C CB   . VAL A 1 38 ? 9.325   -0.627  1.008   1.00 12.93 ? 34  VAL A CB   1 
ATOM   434  C CG1  . VAL A 1 38 ? 9.216   -0.248  2.490   1.00 15.37 ? 34  VAL A CG1  1 
ATOM   435  C CG2  . VAL A 1 38 ? 8.198   -1.613  0.584   1.00 12.77 ? 34  VAL A CG2  1 
ATOM   436  H H    . VAL A 1 38 ? 7.383   0.877   0.088   1.00 14.93 ? 34  VAL A H    1 
ATOM   437  H HA   . VAL A 1 38 ? 10.053  1.219   0.475   1.00 14.48 ? 34  VAL A HA   1 
ATOM   438  H HB   . VAL A 1 38 ? 10.176  -1.099  0.895   1.00 15.41 ? 34  VAL A HB   1 
ATOM   439  H HG11 . VAL A 1 38 ? 9.200   -1.049  3.018   1.00 18.34 ? 34  VAL A HG11 1 
ATOM   440  H HG12 . VAL A 1 38 ? 9.975   0.289   2.731   1.00 18.34 ? 34  VAL A HG12 1 
ATOM   441  H HG13 . VAL A 1 38 ? 8.406   0.250   2.626   1.00 18.34 ? 34  VAL A HG13 1 
ATOM   442  H HG21 . VAL A 1 38 ? 8.218   -2.377  1.164   1.00 15.21 ? 34  VAL A HG21 1 
ATOM   443  H HG22 . VAL A 1 38 ? 7.350   -1.168  0.655   1.00 15.21 ? 34  VAL A HG22 1 
ATOM   444  H HG23 . VAL A 1 38 ? 8.349   -1.887  -0.324  1.00 15.21 ? 34  VAL A HG23 1 
ATOM   445  N N    . GLN A 1 39 ? 8.804   0.277   -2.229  1.00 12.44 ? 35  GLN A N    1 
ATOM   446  C CA   . GLN A 1 39 ? 9.041   0.226   -3.669  1.00 12.84 ? 35  GLN A CA   1 
ATOM   447  C C    . GLN A 1 39 ? 8.008   1.139   -4.308  1.00 14.28 ? 35  GLN A C    1 
ATOM   448  O O    . GLN A 1 39 ? 7.153   1.695   -3.612  1.00 13.97 ? 35  GLN A O    1 
ATOM   449  C CB   . GLN A 1 39 ? 8.916   -1.201  -4.215  1.00 12.41 ? 35  GLN A CB   1 
ATOM   450  C CG   . GLN A 1 39 ? 10.020  -2.151  -3.744  1.00 13.14 ? 35  GLN A CG   1 
ATOM   451  C CD   . GLN A 1 39 ? 9.751   -3.592  -4.097  1.00 14.21 ? 35  GLN A CD   1 
ATOM   452  O OE1  . GLN A 1 39 ? 8.735   -4.160  -3.693  1.00 15.04 ? 35  GLN A OE1  1 
ATOM   453  N NE2  . GLN A 1 39 ? 10.666  -4.195  -4.865  1.00 12.94 ? 35  GLN A NE2  1 
ATOM   454  H H    . GLN A 1 39 ? 7.968   0.303   -2.025  1.00 14.82 ? 35  GLN A H    1 
ATOM   455  H HA   . GLN A 1 39 ? 9.936   0.568   -3.873  1.00 15.30 ? 35  GLN A HA   1 
ATOM   456  H HB2  . GLN A 1 39 ? 8.067   -1.572  -3.928  1.00 14.79 ? 35  GLN A HB2  1 
ATOM   457  H HB3  . GLN A 1 39 ? 8.950   -1.168  -5.183  1.00 14.79 ? 35  GLN A HB3  1 
ATOM   458  H HG2  . GLN A 1 39 ? 10.857  -1.892  -4.160  1.00 15.66 ? 35  GLN A HG2  1 
ATOM   459  H HG3  . GLN A 1 39 ? 10.097  -2.089  -2.778  1.00 15.66 ? 35  GLN A HG3  1 
ATOM   460  H HE21 . GLN A 1 39 ? 10.559  -5.018  -5.095  1.00 15.43 ? 35  GLN A HE21 1 
ATOM   461  H HE22 . GLN A 1 39 ? 11.360  -3.763  -5.127  1.00 15.43 ? 35  GLN A HE22 1 
ATOM   462  N N    . ASN A 1 40 ? 8.066   1.295   -5.621  1.00 13.68 ? 36  ASN A N    1 
ATOM   463  C CA   . ASN A 1 40 ? 7.178   2.232   -6.293  1.00 12.55 ? 36  ASN A CA   1 
ATOM   464  C C    . ASN A 1 40 ? 5.720   2.046   -5.901  1.00 13.89 ? 36  ASN A C    1 
ATOM   465  O O    . ASN A 1 40 ? 5.013   3.025   -5.674  1.00 15.80 ? 36  ASN A O    1 
ATOM   466  C CB   . ASN A 1 40 ? 7.317   2.104   -7.803  1.00 15.83 ? 36  ASN A CB   1 
ATOM   467  C CG   . ASN A 1 40 ? 6.673   3.251   -8.542  1.00 25.92 ? 36  ASN A CG   1 
ATOM   468  O OD1  . ASN A 1 40 ? 7.007   4.408   -8.320  1.00 32.22 ? 36  ASN A OD1  1 
ATOM   469  N ND2  . ASN A 1 40 ? 5.746   2.933   -9.429  1.00 28.06 ? 36  ASN A ND2  1 
ATOM   470  H H    . ASN A 1 40 ? 8.606   0.875   -6.144  1.00 16.31 ? 36  ASN A H    1 
ATOM   471  H HA   . ASN A 1 40 ? 7.439   3.143   -6.047  1.00 14.96 ? 36  ASN A HA   1 
ATOM   472  H HB2  . ASN A 1 40 ? 8.258   2.088   -8.034  1.00 18.89 ? 36  ASN A HB2  1 
ATOM   473  H HB3  . ASN A 1 40 ? 6.889   1.283   -8.092  1.00 18.89 ? 36  ASN A HB3  1 
ATOM   474  H HD21 . ASN A 1 40 ? 5.349   3.550   -9.876  1.00 33.57 ? 36  ASN A HD21 1 
ATOM   475  H HD22 . ASN A 1 40 ? 5.539   2.108   -9.558  1.00 33.57 ? 36  ASN A HD22 1 
ATOM   476  N N    . SER A 1 41 ? 5.254   0.808   -5.829  1.00 13.56 ? 37  SER A N    1 
ATOM   477  C CA   . SER A 1 41 ? 3.858   0.581   -5.487  1.00 15.57 ? 37  SER A CA   1 
ATOM   478  C C    . SER A 1 41 ? 3.697   -0.521  -4.440  1.00 12.31 ? 37  SER A C    1 
ATOM   479  O O    . SER A 1 41 ? 2.728   -1.290  -4.466  1.00 12.84 ? 37  SER A O    1 
ATOM   480  C CB   . SER A 1 41 ? 3.043   0.305   -6.745  1.00 23.74 ? 37  SER A CB   1 
ATOM   481  O OG   . SER A 1 41 ? 3.440   -0.890  -7.350  1.00 23.51 ? 37  SER A OG   1 
ATOM   482  H H    . SER A 1 41 ? 5.714   0.095   -5.970  1.00 16.16 ? 37  SER A H    1 
ATOM   483  H HA   . SER A 1 41 ? 3.506   1.405   -5.092  1.00 18.58 ? 37  SER A HA   1 
ATOM   484  H HB2  . SER A 1 41 ? 2.105   0.240   -6.504  1.00 28.38 ? 37  SER A HB2  1 
ATOM   485  H HB3  . SER A 1 41 ? 3.172   1.034   -7.371  1.00 28.38 ? 37  SER A HB3  1 
ATOM   486  H HG   . SER A 1 41 ? 2.993   -1.026  -8.024  1.00 28.10 ? 37  SER A HG   1 
ATOM   487  N N    . VAL A 1 42 ? 4.630   -0.553  -3.491  1.00 11.98 ? 38  VAL A N    1 
ATOM   488  C CA   . VAL A 1 42 ? 4.554   -1.453  -2.341  1.00 11.54 ? 38  VAL A CA   1 
ATOM   489  C C    . VAL A 1 42 ? 4.745   -0.615  -1.067  1.00 12.46 ? 38  VAL A C    1 
ATOM   490  O O    . VAL A 1 42 ? 5.674   0.183   -0.975  1.00 12.01 ? 38  VAL A O    1 
ATOM   491  C CB   . VAL A 1 42 ? 5.608   -2.575  -2.419  1.00 11.73 ? 38  VAL A CB   1 
ATOM   492  C CG1  . VAL A 1 42 ? 5.536   -3.471  -1.185  1.00 12.48 ? 38  VAL A CG1  1 
ATOM   493  C CG2  . VAL A 1 42 ? 5.442   -3.383  -3.707  1.00 12.94 ? 38  VAL A CG2  1 
ATOM   494  H H    . VAL A 1 42 ? 5.330   -0.054  -3.491  1.00 14.27 ? 38  VAL A H    1 
ATOM   495  H HA   . VAL A 1 42 ? 3.666   -1.865  -2.310  1.00 13.74 ? 38  VAL A HA   1 
ATOM   496  H HB   . VAL A 1 42 ? 6.499   -2.167  -2.437  1.00 13.97 ? 38  VAL A HB   1 
ATOM   497  H HG11 . VAL A 1 42 ? 6.200   -4.159  -1.260  1.00 14.87 ? 38  VAL A HG11 1 
ATOM   498  H HG12 . VAL A 1 42 ? 5.702   -2.939  -0.403  1.00 14.87 ? 38  VAL A HG12 1 
ATOM   499  H HG13 . VAL A 1 42 ? 4.661   -3.864  -1.134  1.00 14.87 ? 38  VAL A HG13 1 
ATOM   500  H HG21 . VAL A 1 42 ? 6.109   -4.074  -3.730  1.00 15.42 ? 38  VAL A HG21 1 
ATOM   501  H HG22 . VAL A 1 42 ? 4.565   -3.773  -3.719  1.00 15.42 ? 38  VAL A HG22 1 
ATOM   502  H HG23 . VAL A 1 42 ? 5.551   -2.797  -4.460  1.00 15.42 ? 38  VAL A HG23 1 
ATOM   503  N N    . PHE A 1 43 ? 3.862   -0.842  -0.092  1.00 11.24 ? 39  PHE A N    1 
ATOM   504  C CA   . PHE A 1 43 ? 3.788   -0.022  1.113   1.00 11.92 ? 39  PHE A CA   1 
ATOM   505  C C    . PHE A 1 43 ? 3.752   -0.930  2.333   1.00 12.05 ? 39  PHE A C    1 
ATOM   506  O O    . PHE A 1 43 ? 3.102   -1.991  2.315   1.00 13.59 ? 39  PHE A O    1 
ATOM   507  C CB   . PHE A 1 43 ? 2.529   0.861   1.050   1.00 13.60 ? 39  PHE A CB   1 
ATOM   508  C CG   . PHE A 1 43 ? 2.423   1.647   -0.233  1.00 13.20 ? 39  PHE A CG   1 
ATOM   509  C CD1  . PHE A 1 43 ? 1.788   1.112   -1.345  1.00 13.06 ? 39  PHE A CD1  1 
ATOM   510  C CD2  . PHE A 1 43 ? 2.969   2.920   -0.324  1.00 13.69 ? 39  PHE A CD2  1 
ATOM   511  C CE1  . PHE A 1 43 ? 1.718   1.820   -2.524  1.00 15.14 ? 39  PHE A CE1  1 
ATOM   512  C CE2  . PHE A 1 43 ? 2.903   3.627   -1.511  1.00 15.17 ? 39  PHE A CE2  1 
ATOM   513  C CZ   . PHE A 1 43 ? 2.289   3.072   -2.609  1.00 15.92 ? 39  PHE A CZ   1 
ATOM   514  H H    . PHE A 1 43 ? 3.285   -1.480  -0.109  1.00 13.38 ? 39  PHE A H    1 
ATOM   515  H HA   . PHE A 1 43 ? 4.576   0.556   1.172   1.00 14.19 ? 39  PHE A HA   1 
ATOM   516  H HB2  . PHE A 1 43 ? 1.744   0.296   1.120   1.00 16.21 ? 39  PHE A HB2  1 
ATOM   517  H HB3  . PHE A 1 43 ? 2.549   1.491   1.787   1.00 16.21 ? 39  PHE A HB3  1 
ATOM   518  H HD1  . PHE A 1 43 ? 1.423   0.258   -1.299  1.00 15.56 ? 39  PHE A HD1  1 
ATOM   519  H HD2  . PHE A 1 43 ? 3.406   3.288   0.409   1.00 16.32 ? 39  PHE A HD2  1 
ATOM   520  H HE1  . PHE A 1 43 ? 1.296   1.450   -3.265  1.00 18.06 ? 39  PHE A HE1  1 
ATOM   521  H HE2  . PHE A 1 43 ? 3.275   4.478   -1.567  1.00 18.10 ? 39  PHE A HE2  1 
ATOM   522  H HZ   . PHE A 1 43 ? 2.223   3.558   -3.399  1.00 19.00 ? 39  PHE A HZ   1 
ATOM   523  N N    . GLU A 1 44 ? 4.478   -0.527  3.371   1.00 10.99 ? 40  GLU A N    1 
ATOM   524  C CA   . GLU A 1 44 ? 4.484   -1.205  4.652   1.00 11.06 ? 40  GLU A CA   1 
ATOM   525  C C    . GLU A 1 44 ? 3.850   -0.299  5.683   1.00 10.71 ? 40  GLU A C    1 
ATOM   526  O O    . GLU A 1 44 ? 4.316   0.821   5.924   1.00 13.33 ? 40  GLU A O    1 
ATOM   527  C CB   . GLU A 1 44 ? 5.910   -1.550  5.089   1.00 12.70 ? 40  GLU A CB   1 
ATOM   528  C CG   . GLU A 1 44 ? 6.553   -2.629  4.202   1.00 13.06 ? 40  GLU A CG   1 
ATOM   529  C CD   . GLU A 1 44 ? 7.983   -2.984  4.569   1.00 15.75 ? 40  GLU A CD   1 
ATOM   530  O OE1  . GLU A 1 44 ? 8.552   -2.331  5.462   1.00 18.00 ? 40  GLU A OE1  1 
ATOM   531  O OE2  . GLU A 1 44 ? 8.525   -3.912  3.933   1.00 15.07 ? 40  GLU A OE2  1 
ATOM   532  H H    . GLU A 1 44 ? 4.990   0.164   3.351   1.00 13.09 ? 40  GLU A H    1 
ATOM   533  H HA   . GLU A 1 44 ? 3.962   -2.032  4.593   1.00 13.17 ? 40  GLU A HA   1 
ATOM   534  H HB2  . GLU A 1 44 ? 6.459   -0.752  5.037   1.00 15.14 ? 40  GLU A HB2  1 
ATOM   535  H HB3  . GLU A 1 44 ? 5.891   -1.883  6.000   1.00 15.14 ? 40  GLU A HB3  1 
ATOM   536  H HG2  . GLU A 1 44 ? 6.024   -3.439  4.267   1.00 15.56 ? 40  GLU A HG2  1 
ATOM   537  H HG3  . GLU A 1 44 ? 6.555   -2.314  3.284   1.00 15.56 ? 40  GLU A HG3  1 
ATOM   538  N N    . CYS A 1 45 ? 2.755   -0.771  6.261   1.00 11.78 ? 41  CYS A N    1 
ATOM   539  C CA   . CYS A 1 45 ? 1.997   0.015   7.235   1.00 12.08 ? 41  CYS A CA   1 
ATOM   540  C C    . CYS A 1 45 ? 1.921   -0.705  8.573   1.00 12.39 ? 41  CYS A C    1 
ATOM   541  O O    . CYS A 1 45 ? 1.851   -1.935  8.618   1.00 14.17 ? 41  CYS A O    1 
ATOM   542  C CB   . CYS A 1 45 ? 0.584   0.316   6.716   1.00 11.75 ? 41  CYS A CB   1 
ATOM   543  S SG   . CYS A 1 45 ? 0.569   1.244   5.149   1.00 14.26 ? 41  CYS A SG   1 
ATOM   544  H H    . CYS A 1 45 ? 2.425   -1.550  6.110   1.00 14.03 ? 41  CYS A H    1 
ATOM   545  H HA   . CYS A 1 45 ? 2.454   0.871   7.379   1.00 14.39 ? 41  CYS A HA   1 
ATOM   546  H HB2  . CYS A 1 45 ? 0.117   -0.522  6.570   1.00 13.99 ? 41  CYS A HB2  1 
ATOM   547  H HB3  . CYS A 1 45 ? 0.112   0.845   7.379   1.00 13.99 ? 41  CYS A HB3  1 
ATOM   548  H HG   . CYS A 1 45 ? 1.130   2.293   5.311   1.00 17.01 ? 41  CYS A HG   1 
ATOM   549  N N    . ILE A 1 46 ? 1.938   0.064   9.655   1.00 11.72 ? 42  ILE A N    1 
ATOM   550  C CA   . ILE A 1 46 ? 1.781   -0.483  10.988  1.00 12.50 ? 42  ILE A CA   1 
ATOM   551  C C    . ILE A 1 46 ? 0.523   0.160   11.592  1.00 12.68 ? 42  ILE A C    1 
ATOM   552  O O    . ILE A 1 46 ? 0.444   1.389   11.732  1.00 13.36 ? 42  ILE A O    1 
ATOM   553  C CB   . ILE A 1 46 ? 3.020   -0.228  11.853  1.00 16.74 ? 42  ILE A CB   1 
ATOM   554  C CG1  . ILE A 1 46 ? 4.229   -0.896  11.191  1.00 20.16 ? 42  ILE A CG1  1 
ATOM   555  C CG2  . ILE A 1 46 ? 2.783   -0.767  13.242  1.00 21.09 ? 42  ILE A CG2  1 
ATOM   556  C CD1  . ILE A 1 46 ? 5.563   -0.639  11.867  1.00 26.59 ? 42  ILE A CD1  1 
ATOM   557  H H    . ILE A 1 46 ? 2.039   0.918   9.640   1.00 13.96 ? 42  ILE A H    1 
ATOM   558  H HA   . ILE A 1 46 ? 1.638   -1.451  10.928  1.00 14.90 ? 42  ILE A HA   1 
ATOM   559  H HB   . ILE A 1 46 ? 3.177   0.728   11.907  1.00 19.98 ? 42  ILE A HB   1 
ATOM   560  H HG12 . ILE A 1 46 ? 4.086   -1.855  11.185  1.00 24.08 ? 42  ILE A HG12 1 
ATOM   561  H HG13 . ILE A 1 46 ? 4.298   -0.572  10.279  1.00 24.08 ? 42  ILE A HG13 1 
ATOM   562  H HG21 . ILE A 1 46 ? 3.563   -0.604  13.778  1.00 25.20 ? 42  ILE A HG21 1 
ATOM   563  H HG22 . ILE A 1 46 ? 2.023   -0.321  13.624  1.00 25.20 ? 42  ILE A HG22 1 
ATOM   564  H HG23 . ILE A 1 46 ? 2.615   -1.711  13.185  1.00 25.20 ? 42  ILE A HG23 1 
ATOM   565  H HD11 . ILE A 1 46 ? 6.253   -1.096  11.381  1.00 31.81 ? 42  ILE A HD11 1 
ATOM   566  H HD12 . ILE A 1 46 ? 5.734   0.306   11.870  1.00 31.81 ? 42  ILE A HD12 1 
ATOM   567  H HD13 . ILE A 1 46 ? 5.524   -0.966  12.768  1.00 31.81 ? 42  ILE A HD13 1 
ATOM   568  N N    . VAL A 1 47 ? -0.452  -0.680  11.920  1.00 12.24 ? 43  VAL A N    1 
ATOM   569  C CA   . VAL A 1 47 ? -1.803  -0.234  12.174  1.00 12.70 ? 43  VAL A CA   1 
ATOM   570  C C    . VAL A 1 47 ? -2.476  -1.065  13.252  1.00 11.95 ? 43  VAL A C    1 
ATOM   571  O O    . VAL A 1 47 ? -2.181  -2.261  13.410  1.00 13.49 ? 43  VAL A O    1 
ATOM   572  C CB   . VAL A 1 47 ? -2.684  -0.287  10.877  1.00 13.09 ? 43  VAL A CB   1 
ATOM   573  C CG1  . VAL A 1 47 ? -2.331  0.842   9.939   1.00 13.77 ? 43  VAL A CG1  1 
ATOM   574  C CG2  . VAL A 1 47 ? -2.593  -1.651  10.187  1.00 13.99 ? 43  VAL A CG2  1 
ATOM   575  H H    . VAL A 1 47 ? -0.347  -1.530  12.002  1.00 14.59 ? 43  VAL A H    1 
ATOM   576  H HA   . VAL A 1 47 ? -1.777  0.696   12.484  1.00 15.13 ? 43  VAL A HA   1 
ATOM   577  H HB   . VAL A 1 47 ? -3.620  -0.161  11.139  1.00 15.60 ? 43  VAL A HB   1 
ATOM   578  H HG11 . VAL A 1 47 ? -2.886  0.783   9.157   1.00 16.42 ? 43  VAL A HG11 1 
ATOM   579  H HG12 . VAL A 1 47 ? -2.484  1.678   10.385  1.00 16.42 ? 43  VAL A HG12 1 
ATOM   580  H HG13 . VAL A 1 47 ? -1.407  0.766   9.692   1.00 16.42 ? 43  VAL A HG13 1 
ATOM   581  H HG21 . VAL A 1 47 ? -3.144  -1.641  9.402   1.00 16.68 ? 43  VAL A HG21 1 
ATOM   582  H HG22 . VAL A 1 47 ? -1.678  -1.818  9.945   1.00 16.68 ? 43  VAL A HG22 1 
ATOM   583  H HG23 . VAL A 1 47 ? -2.899  -2.328  10.795  1.00 16.68 ? 43  VAL A HG23 1 
ATOM   584  N N    . ASP A 1 48 ? -3.407  -0.454  13.992  1.00 11.76 ? 44  ASP A N    1 
ATOM   585  C CA   . ASP A 1 48 ? -4.340  -1.243  14.791  1.00 12.16 ? 44  ASP A CA   1 
ATOM   586  C C    . ASP A 1 48 ? -5.525  -1.684  13.913  1.00 12.74 ? 44  ASP A C    1 
ATOM   587  O O    . ASP A 1 48 ? -5.550  -1.392  12.723  1.00 12.76 ? 44  ASP A O    1 
ATOM   588  C CB   . ASP A 1 48 ? -4.771  -0.512  16.077  1.00 13.97 ? 44  ASP A CB   1 
ATOM   589  C CG   . ASP A 1 48 ? -5.609  0.737   15.811  1.00 14.05 ? 44  ASP A CG   1 
ATOM   590  O OD1  . ASP A 1 48 ? -6.168  0.857   14.716  1.00 13.72 ? 44  ASP A OD1  1 
ATOM   591  O OD2  . ASP A 1 48 ? -5.698  1.616   16.707  1.00 14.41 ? 44  ASP A OD2  1 
ATOM   592  H H    . ASP A 1 48 ? -3.515  0.396   14.045  1.00 14.00 ? 44  ASP A H    1 
ATOM   593  H HA   . ASP A 1 48 ? -3.877  -2.060  15.073  1.00 14.49 ? 44  ASP A HA   1 
ATOM   594  H HB2  . ASP A 1 48 ? -5.302  -1.117  16.619  1.00 16.66 ? 44  ASP A HB2  1 
ATOM   595  H HB3  . ASP A 1 48 ? -3.978  -0.239  16.566  1.00 16.66 ? 44  ASP A HB3  1 
ATOM   596  N N    . SER A 1 49 ? -6.505  -2.363  14.497  1.00 14.97 ? 45  SER A N    1 
ATOM   597  C CA   . SER A 1 49 ? -7.597  -2.933  13.705  1.00 16.26 ? 45  SER A CA   1 
ATOM   598  C C    . SER A 1 49 ? -8.475  -1.846  13.086  1.00 14.92 ? 45  SER A C    1 
ATOM   599  O O    . SER A 1 49 ? -8.941  -1.972  11.954  1.00 15.96 ? 45  SER A O    1 
ATOM   600  C CB   . SER A 1 49 ? -8.461  -3.827  14.588  1.00 20.59 ? 45  SER A CB   1 
ATOM   601  O OG   . SER A 1 49 ? -7.741  -4.974  14.974  1.00 27.83 ? 45  SER A OG   1 
ATOM   602  H H    . SER A 1 49 ? -6.565  -2.509  15.342  1.00 17.86 ? 45  SER A H    1 
ATOM   603  H HA   . SER A 1 49 ? -7.225  -3.479  12.981  1.00 19.40 ? 45  SER A HA   1 
ATOM   604  H HB2  . SER A 1 49 ? -8.722  -3.334  15.381  1.00 24.60 ? 45  SER A HB2  1 
ATOM   605  H HB3  . SER A 1 49 ? -9.248  -4.099  14.091  1.00 24.60 ? 45  SER A HB3  1 
ATOM   606  H HG   . SER A 1 49 ? -6.986  -4.953  14.653  1.00 33.29 ? 45  SER A HG   1 
ATOM   607  N N    . THR A 1 50 ? -8.693  -0.776  13.834  1.00 13.78 ? 46  THR A N    1 
ATOM   608  C CA   . THR A 1 50 ? -9.544  0.318   13.379  1.00 13.44 ? 46  THR A CA   1 
ATOM   609  C C    . THR A 1 50 ? -8.886  1.037   12.207  1.00 13.70 ? 46  THR A C    1 
ATOM   610  O O    . THR A 1 50 ? -9.515  1.320   11.195  1.00 14.15 ? 46  THR A O    1 
ATOM   611  C CB   . THR A 1 50 ? -9.816  1.282   14.534  1.00 14.27 ? 46  THR A CB   1 
ATOM   612  O OG1  . THR A 1 50 ? -10.451 0.553   15.592  1.00 17.58 ? 46  THR A OG1  1 
ATOM   613  C CG2  . THR A 1 50 ? -10.692 2.456   14.082  1.00 16.63 ? 46  THR A CG2  1 
ATOM   614  H H    . THR A 1 50 ? -8.360  -0.656  14.617  1.00 16.43 ? 46  THR A H    1 
ATOM   615  H HA   . THR A 1 50 ? -10.401 -0.044  13.073  1.00 16.02 ? 46  THR A HA   1 
ATOM   616  H HB   . THR A 1 50 ? -8.973  1.640   14.854  1.00 17.02 ? 46  THR A HB   1 
ATOM   617  H HG1  . THR A 1 50 ? -10.606 1.054   16.223  1.00 20.99 ? 46  THR A HG1  1 
ATOM   618  H HG21 . THR A 1 50 ? -10.852 3.048   14.820  1.00 19.85 ? 46  THR A HG21 1 
ATOM   619  H HG22 . THR A 1 50 ? -10.253 2.941   13.381  1.00 19.85 ? 46  THR A HG22 1 
ATOM   620  H HG23 . THR A 1 50 ? -11.535 2.130   13.756  1.00 19.85 ? 46  THR A HG23 1 
ATOM   621  N N    . GLN A 1 51 ? -7.591  1.306   12.344  1.00 11.42 ? 47  GLN A N    1 
ATOM   622  C CA   . GLN A 1 51 ? -6.820  1.986   11.314  1.00 11.33 ? 47  GLN A CA   1 
ATOM   623  C C    . GLN A 1 51 ? -6.733  1.114   10.047  1.00 9.96  ? 47  GLN A C    1 
ATOM   624  O O    . GLN A 1 51 ? -6.820  1.616   8.921   1.00 12.15 ? 47  GLN A O    1 
ATOM   625  C CB   . GLN A 1 51 ? -5.417  2.331   11.834  1.00 12.12 ? 47  GLN A CB   1 
ATOM   626  C CG   . GLN A 1 51 ? -5.437  3.401   12.916  1.00 11.98 ? 47  GLN A CG   1 
ATOM   627  C CD   . GLN A 1 51 ? -4.126  3.461   13.666  1.00 11.70 ? 47  GLN A CD   1 
ATOM   628  O OE1  . GLN A 1 51 ? -3.375  2.478   13.736  1.00 12.58 ? 47  GLN A OE1  1 
ATOM   629  N NE2  . GLN A 1 51 ? -3.854  4.615   14.272  1.00 12.44 ? 47  GLN A NE2  1 
ATOM   630  H H    . GLN A 1 51 ? -7.130  1.100   13.040  1.00 13.59 ? 47  GLN A H    1 
ATOM   631  H HA   . GLN A 1 51 ? -7.271  2.823   11.076  1.00 13.49 ? 47  GLN A HA   1 
ATOM   632  H HB2  . GLN A 1 51 ? -5.014  1.533   12.208  1.00 14.44 ? 47  GLN A HB2  1 
ATOM   633  H HB3  . GLN A 1 51 ? -4.879  2.660   11.097  1.00 14.44 ? 47  GLN A HB3  1 
ATOM   634  H HG2  . GLN A 1 51 ? -5.592  4.267   12.506  1.00 14.27 ? 47  GLN A HG2  1 
ATOM   635  H HG3  . GLN A 1 51 ? -6.141  3.199   13.551  1.00 14.27 ? 47  GLN A HG3  1 
ATOM   636  H HE21 . GLN A 1 51 ? -3.121  4.706   14.714  1.00 14.82 ? 47  GLN A HE21 1 
ATOM   637  H HE22 . GLN A 1 51 ? -4.409  5.269   14.221  1.00 14.82 ? 47  GLN A HE22 1 
ATOM   638  N N    . LEU A 1 52 ? -6.568  -0.196  10.205  1.00 10.91 ? 48  LEU A N    1 
ATOM   639  C CA   . LEU A 1 52 ? -6.531  -1.075  9.042   1.00 13.04 ? 48  LEU A CA   1 
ATOM   640  C C    . LEU A 1 52 ? -7.829  -0.975  8.242   1.00 11.54 ? 48  LEU A C    1 
ATOM   641  O O    . LEU A 1 52 ? -7.808  -0.850  7.016   1.00 12.25 ? 48  LEU A O    1 
ATOM   642  C CB   . LEU A 1 52 ? -6.286  -2.515  9.471   1.00 13.27 ? 48  LEU A CB   1 
ATOM   643  C CG   . LEU A 1 52 ? -6.331  -3.530  8.329   1.00 15.25 ? 48  LEU A CG   1 
ATOM   644  C CD1  . LEU A 1 52 ? -5.368  -3.145  7.217   1.00 17.25 ? 48  LEU A CD1  1 
ATOM   645  C CD2  . LEU A 1 52 ? -6.027  -4.903  8.881   1.00 18.93 ? 48  LEU A CD2  1 
ATOM   646  H H    . LEU A 1 52 ? -6.476  -0.595  10.961  1.00 12.98 ? 48  LEU A H    1 
ATOM   647  H HA   . LEU A 1 52 ? -5.793  -0.801  8.459   1.00 15.55 ? 48  LEU A HA   1 
ATOM   648  H HB2  . LEU A 1 52 ? -5.409  -2.573  9.882   1.00 15.82 ? 48  LEU A HB2  1 
ATOM   649  H HB3  . LEU A 1 52 ? -6.965  -2.768  10.116  1.00 15.82 ? 48  LEU A HB3  1 
ATOM   650  H HG   . LEU A 1 52 ? -7.226  -3.547  7.958   1.00 18.20 ? 48  LEU A HG   1 
ATOM   651  H HD11 . LEU A 1 52 ? -5.421  -3.801  6.519   1.00 20.60 ? 48  LEU A HD11 1 
ATOM   652  H HD12 . LEU A 1 52 ? -5.615  -2.282  6.876   1.00 20.60 ? 48  LEU A HD12 1 
ATOM   653  H HD13 . LEU A 1 52 ? -4.477  -3.114  7.572   1.00 20.60 ? 48  LEU A HD13 1 
ATOM   654  H HD21 . LEU A 1 52 ? -6.055  -5.541  8.163   1.00 22.61 ? 48  LEU A HD21 1 
ATOM   655  H HD22 . LEU A 1 52 ? -5.153  -4.894  9.277   1.00 22.61 ? 48  LEU A HD22 1 
ATOM   656  H HD23 . LEU A 1 52 ? -6.685  -5.126  9.543   1.00 22.61 ? 48  LEU A HD23 1 
ATOM   657  N N    . THR A 1 53 ? -8.967  -1.046  8.926   1.00 12.30 ? 49  THR A N    1 
ATOM   658  C CA   . THR A 1 53 ? -10.261 -0.920  8.257   1.00 13.24 ? 49  THR A CA   1 
ATOM   659  C C    . THR A 1 53 ? -10.397 0.415   7.543   1.00 12.36 ? 49  THR A C    1 
ATOM   660  O O    . THR A 1 53 ? -10.781 0.473   6.375   1.00 13.17 ? 49  THR A O    1 
ATOM   661  C CB   . THR A 1 53 ? -11.409 -1.173  9.244   1.00 12.76 ? 49  THR A CB   1 
ATOM   662  O OG1  . THR A 1 53 ? -11.339 -2.554  9.627   1.00 14.68 ? 49  THR A OG1  1 
ATOM   663  C CG2  . THR A 1 53 ? -12.773 -0.897  8.597   1.00 14.67 ? 49  THR A CG2  1 
ATOM   664  H H    . THR A 1 53 ? -9.018  -1.167  9.775   1.00 14.65 ? 49  THR A H    1 
ATOM   665  H HA   . THR A 1 53 ? -10.315 -1.618  7.572   1.00 15.78 ? 49  THR A HA   1 
ATOM   666  H HB   . THR A 1 53 ? -11.307 -0.607  10.024  1.00 15.21 ? 49  THR A HB   1 
ATOM   667  H HG1  . THR A 1 53 ? -11.941 -2.729  10.156  1.00 17.51 ? 49  THR A HG1  1 
ATOM   668  H HG21 . THR A 1 53 ? -13.475 -1.062  9.231   1.00 17.50 ? 49  THR A HG21 1 
ATOM   669  H HG22 . THR A 1 53 ? -12.820 0.018   8.309   1.00 17.50 ? 49  THR A HG22 1 
ATOM   670  H HG23 . THR A 1 53 ? -12.898 -1.470  7.837   1.00 17.50 ? 49  THR A HG23 1 
ATOM   671  N N    . SER A 1 54 ? -10.034 1.492   8.223   1.00 12.71 ? 50  SER A N    1 
ATOM   672  C CA   . SER A 1 54 ? -10.140 2.815   7.640   1.00 12.80 ? 50  SER A CA   1 
ATOM   673  C C    . SER A 1 54 ? -9.281  2.900   6.369   1.00 13.38 ? 50  SER A C    1 
ATOM   674  O O    . SER A 1 54 ? -9.725  3.391   5.322   1.00 13.34 ? 50  SER A O    1 
ATOM   675  C CB   . SER A 1 54 ? -9.673  3.875   8.646   1.00 17.60 ? 50  SER A CB   1 
ATOM   676  O OG   . SER A 1 54 ? -9.813  5.149   8.064   1.00 20.49 ? 50  SER A OG   1 
ATOM   677  H H    . SER A 1 54 ? -9.723  1.481   9.024   1.00 15.15 ? 50  SER A H    1 
ATOM   678  H HA   . SER A 1 54 ? -11.073 2.998   7.402   1.00 15.26 ? 50  SER A HA   1 
ATOM   679  H HB2  . SER A 1 54 ? -10.220 3.824   9.445   1.00 21.02 ? 50  SER A HB2  1 
ATOM   680  H HB3  . SER A 1 54 ? -8.740  3.723   8.864   1.00 21.02 ? 50  SER A HB3  1 
ATOM   681  H HG   . SER A 1 54 ? -9.566  5.727   8.592   1.00 24.48 ? 50  SER A HG   1 
ATOM   682  N N    . LEU A 1 55 ? -8.030  2.452   6.479   1.00 12.85 ? 51  LEU A N    1 
ATOM   683  C CA   . LEU A 1 55 ? -7.098  2.502   5.358   1.00 13.77 ? 51  LEU A CA   1 
ATOM   684  C C    . LEU A 1 55 ? -7.608  1.636   4.194   1.00 11.37 ? 51  LEU A C    1 
ATOM   685  O O    . LEU A 1 55 ? -7.592  2.058   3.040   1.00 12.38 ? 51  LEU A O    1 
ATOM   686  C CB   . LEU A 1 55 ? -5.717  2.027   5.797   1.00 12.72 ? 51  LEU A CB   1 
ATOM   687  C CG   . LEU A 1 55 ? -4.695  1.889   4.663   1.00 15.02 ? 51  LEU A CG   1 
ATOM   688  C CD1  . LEU A 1 55 ? -4.487  3.211   3.927   1.00 15.50 ? 51  LEU A CD1  1 
ATOM   689  C CD2  . LEU A 1 55 ? -3.369  1.341   5.203   1.00 14.98 ? 51  LEU A CD2  1 
ATOM   690  H H    . LEU A 1 55 ? -7.696  2.114   7.196   1.00 15.31 ? 51  LEU A H    1 
ATOM   691  H HA   . LEU A 1 55 ? -7.020  3.426   5.044   1.00 16.42 ? 51  LEU A HA   1 
ATOM   692  H HB2  . LEU A 1 55 ? -5.360  2.662   6.437   1.00 15.16 ? 51  LEU A HB2  1 
ATOM   693  H HB3  . LEU A 1 55 ? -5.807  1.157   6.217   1.00 15.16 ? 51  LEU A HB3  1 
ATOM   694  H HG   . LEU A 1 55 ? -5.035  1.249   4.020   1.00 17.92 ? 51  LEU A HG   1 
ATOM   695  H HD11 . LEU A 1 55 ? -3.843  3.080   3.228   1.00 18.49 ? 51  LEU A HD11 1 
ATOM   696  H HD12 . LEU A 1 55 ? -5.325  3.494   3.552   1.00 18.49 ? 51  LEU A HD12 1 
ATOM   697  H HD13 . LEU A 1 55 ? -4.168  3.868   4.550   1.00 18.49 ? 51  LEU A HD13 1 
ATOM   698  H HD21 . LEU A 1 55 ? -2.745  1.263   4.478   1.00 17.87 ? 51  LEU A HD21 1 
ATOM   699  H HD22 . LEU A 1 55 ? -3.027  1.947   5.865   1.00 17.87 ? 51  LEU A HD22 1 
ATOM   700  H HD23 . LEU A 1 55 ? -3.524  0.478   5.596   1.00 17.87 ? 51  LEU A HD23 1 
ATOM   701  N N    . LYS A 1 56 ? -8.087  0.437   4.494   1.00 12.24 ? 52  LYS A N    1 
ATOM   702  C CA   . LYS A 1 56 ? -8.536  -0.486  3.451   1.00 12.65 ? 52  LYS A CA   1 
ATOM   703  C C    . LYS A 1 56 ? -9.760  0.059   2.694   1.00 13.05 ? 52  LYS A C    1 
ATOM   704  O O    . LYS A 1 56 ? -9.833  -0.062  1.466   1.00 12.66 ? 52  LYS A O    1 
ATOM   705  C CB   . LYS A 1 56 ? -8.833  -1.870  4.038   1.00 12.88 ? 52  LYS A CB   1 
ATOM   706  C CG   . LYS A 1 56 ? -9.230  -2.906  2.989   1.00 16.62 ? 52  LYS A CG   1 
ATOM   707  C CD   . LYS A 1 56 ? -10.765 -2.960  2.785   1.00 21.57 ? 52  LYS A CD   1 
ATOM   708  C CE   . LYS A 1 56 ? -11.538 -3.425  4.049   1.00 22.86 ? 52  LYS A CE   1 
ATOM   709  N NZ   . LYS A 1 56 ? -11.145 -4.828  4.462   1.00 16.51 ? 52  LYS A NZ   1 
ATOM   710  H H    . LYS A 1 56 ? -8.163  0.129   5.294   1.00 14.59 ? 52  LYS A H    1 
ATOM   711  H HA   . LYS A 1 56 ? -7.812  -0.593  2.800   1.00 15.07 ? 52  LYS A HA   1 
ATOM   712  H HB2  . LYS A 1 56 ? -8.039  -2.194  4.491   1.00 15.35 ? 52  LYS A HB2  1 
ATOM   713  H HB3  . LYS A 1 56 ? -9.564  -1.791  4.670   1.00 15.35 ? 52  LYS A HB3  1 
ATOM   714  H HG2  . LYS A 1 56 ? -8.820  -2.676  2.140   1.00 19.83 ? 52  LYS A HG2  1 
ATOM   715  H HG3  . LYS A 1 56 ? -8.931  -3.783  3.277   1.00 19.83 ? 52  LYS A HG3  1 
ATOM   716  H HD2  . LYS A 1 56 ? -11.082 -2.074  2.551   1.00 25.78 ? 52  LYS A HD2  1 
ATOM   717  H HD3  . LYS A 1 56 ? -10.964 -3.583  2.068   1.00 25.78 ? 52  LYS A HD3  1 
ATOM   718  H HE2  . LYS A 1 56 ? -11.337 -2.825  4.785   1.00 27.32 ? 52  LYS A HE2  1 
ATOM   719  H HE3  . LYS A 1 56 ? -12.489 -3.419  3.862   1.00 27.32 ? 52  LYS A HE3  1 
ATOM   720  H HZ1  . LYS A 1 56 ? -11.602 -5.070  5.187   1.00 19.71 ? 52  LYS A HZ1  1 
ATOM   721  H HZ2  . LYS A 1 56 ? -11.324 -5.400  3.803   1.00 19.71 ? 52  LYS A HZ2  1 
ATOM   722  H HZ3  . LYS A 1 56 ? -10.274 -4.859  4.644   1.00 19.71 ? 52  LYS A HZ3  1 
ATOM   723  N N    . LEU A 1 57 ? -10.710 0.660   3.415   1.00 11.78 ? 53  LEU A N    1 
ATOM   724  C CA   . LEU A 1 57 ? -11.861 1.332   2.782   1.00 14.02 ? 53  LEU A CA   1 
ATOM   725  C C    . LEU A 1 57 ? -11.382 2.454   1.863   1.00 12.36 ? 53  LEU A C    1 
ATOM   726  O O    . LEU A 1 57 ? -11.834 2.594   0.735   1.00 12.59 ? 53  LEU A O    1 
ATOM   727  C CB   . LEU A 1 57 ? -12.808 1.914   3.852   1.00 14.73 ? 53  LEU A CB   1 
ATOM   728  C CG   . LEU A 1 57 ? -14.000 1.078   4.307   1.00 20.03 ? 53  LEU A CG   1 
ATOM   729  C CD1  . LEU A 1 57 ? -13.635 -0.363  4.626   1.00 18.99 ? 53  LEU A CD1  1 
ATOM   730  C CD2  . LEU A 1 57 ? -14.619 1.769   5.525   1.00 18.90 ? 53  LEU A CD2  1 
ATOM   731  H H    . LEU A 1 57 ? -10.715 0.695   4.274   1.00 14.02 ? 53  LEU A H    1 
ATOM   732  H HA   . LEU A 1 57 ? -12.362 0.684   2.245   1.00 16.72 ? 53  LEU A HA   1 
ATOM   733  H HB2  . LEU A 1 57 ? -12.279 2.101   4.643   1.00 17.57 ? 53  LEU A HB2  1 
ATOM   734  H HB3  . LEU A 1 57 ? -13.165 2.748   3.508   1.00 17.57 ? 53  LEU A HB3  1 
ATOM   735  H HG   . LEU A 1 57 ? -14.665 1.069   3.601   1.00 23.93 ? 53  LEU A HG   1 
ATOM   736  H HD11 . LEU A 1 57 ? -14.426 -0.831  4.904   1.00 22.68 ? 53  LEU A HD11 1 
ATOM   737  H HD12 . LEU A 1 57 ? -13.273 -0.774  3.838   1.00 22.68 ? 53  LEU A HD12 1 
ATOM   738  H HD13 . LEU A 1 57 ? -12.985 -0.372  5.331   1.00 22.68 ? 53  LEU A HD13 1 
ATOM   739  H HD21 . LEU A 1 57 ? -15.373 1.256   5.825   1.00 22.58 ? 53  LEU A HD21 1 
ATOM   740  H HD22 . LEU A 1 57 ? -13.961 1.823   6.221   1.00 22.58 ? 53  LEU A HD22 1 
ATOM   741  H HD23 . LEU A 1 57 ? -14.903 2.651   5.273   1.00 22.58 ? 53  LEU A HD23 1 
ATOM   742  N N    . GLU A 1 58 ? -10.444 3.252   2.350   1.00 12.36 ? 54  GLU A N    1 
ATOM   743  C CA   . GLU A 1 58 ? -9.914  4.345   1.559   1.00 13.57 ? 54  GLU A CA   1 
ATOM   744  C C    . GLU A 1 58 ? -9.231  3.832   0.284   1.00 13.01 ? 54  GLU A C    1 
ATOM   745  O O    . GLU A 1 58 ? -9.486  4.332   -0.805  1.00 13.24 ? 54  GLU A O    1 
ATOM   746  C CB   . GLU A 1 58 ? -8.935  5.158   2.409   1.00 15.13 ? 54  GLU A CB   1 
ATOM   747  C CG   . GLU A 1 58 ? -8.387  6.369   1.710   1.00 21.20 ? 54  GLU A CG   1 
ATOM   748  C CD   . GLU A 1 58 ? -7.541  7.250   2.624   1.00 22.58 ? 54  GLU A CD   1 
ATOM   749  O OE1  . GLU A 1 58 ? -7.337  8.430   2.276   1.00 25.80 ? 54  GLU A OE1  1 
ATOM   750  O OE2  . GLU A 1 58 ? -7.058  6.763   3.682   1.00 25.58 ? 54  GLU A OE2  1 
ATOM   751  H H    . GLU A 1 58 ? -10.099 3.181   3.134   1.00 14.73 ? 54  GLU A H    1 
ATOM   752  H HA   . GLU A 1 58 ? -10.650 4.936   1.294   1.00 16.17 ? 54  GLU A HA   1 
ATOM   753  H HB2  . GLU A 1 58 ? -9.393  5.459   3.210   1.00 18.05 ? 54  GLU A HB2  1 
ATOM   754  H HB3  . GLU A 1 58 ? -8.186  4.591   2.651   1.00 18.05 ? 54  GLU A HB3  1 
ATOM   755  H HG2  . GLU A 1 58 ? -7.830  6.082   0.971   1.00 25.34 ? 54  GLU A HG2  1 
ATOM   756  H HG3  . GLU A 1 58 ? -9.126  6.905   1.380   1.00 25.34 ? 54  GLU A HG3  1 
ATOM   757  N N    . LEU A 1 59 ? -8.355  2.837   0.417   1.00 12.20 ? 55  LEU A N    1 
ATOM   758  C CA   . LEU A 1 59 ? -7.671  2.283   -0.752  1.00 12.64 ? 55  LEU A CA   1 
ATOM   759  C C    . LEU A 1 59 ? -8.650  1.672   -1.758  1.00 11.88 ? 55  LEU A C    1 
ATOM   760  O O    . LEU A 1 59 ? -8.521  1.889   -2.962  1.00 13.49 ? 55  LEU A O    1 
ATOM   761  C CB   . LEU A 1 59 ? -6.646  1.226   -0.330  1.00 13.38 ? 55  LEU A CB   1 
ATOM   762  C CG   . LEU A 1 59 ? -5.500  1.775   0.539   1.00 15.07 ? 55  LEU A CG   1 
ATOM   763  C CD1  . LEU A 1 59 ? -4.510  0.654   0.867   1.00 15.84 ? 55  LEU A CD1  1 
ATOM   764  C CD2  . LEU A 1 59 ? -4.822  2.941   -0.163  1.00 18.11 ? 55  LEU A CD2  1 
ATOM   765  H H    . LEU A 1 59 ? -8.141  2.469   1.164   1.00 14.54 ? 55  LEU A H    1 
ATOM   766  H HA   . LEU A 1 59 ? -7.188  3.005   -1.206  1.00 15.06 ? 55  LEU A HA   1 
ATOM   767  H HB2  . LEU A 1 59 ? -7.100  0.538   0.180   1.00 15.95 ? 55  LEU A HB2  1 
ATOM   768  H HB3  . LEU A 1 59 ? -6.252  0.838   -1.127  1.00 15.95 ? 55  LEU A HB3  1 
ATOM   769  H HG   . LEU A 1 59 ? -5.868  2.102   1.375   1.00 17.98 ? 55  LEU A HG   1 
ATOM   770  H HD11 . LEU A 1 59 ? -3.803  1.012   1.408   1.00 18.90 ? 55  LEU A HD11 1 
ATOM   771  H HD12 . LEU A 1 59 ? -4.971  -0.039  1.346   1.00 18.90 ? 55  LEU A HD12 1 
ATOM   772  H HD13 . LEU A 1 59 ? -4.152  0.305   0.048   1.00 18.90 ? 55  LEU A HD13 1 
ATOM   773  H HD21 . LEU A 1 59 ? -4.111  3.268   0.393   1.00 21.63 ? 55  LEU A HD21 1 
ATOM   774  H HD22 . LEU A 1 59 ? -4.468  2.637   -1.002  1.00 21.63 ? 55  LEU A HD22 1 
ATOM   775  H HD23 . LEU A 1 59 ? -5.469  3.634   -0.311  1.00 21.63 ? 55  LEU A HD23 1 
ATOM   776  N N    . THR A 1 60 ? -9.648  0.944   -1.263  1.00 12.08 ? 56  THR A N    1 
ATOM   777  C CA   . THR A 1 60 ? -10.608 0.307   -2.158  1.00 13.15 ? 56  THR A CA   1 
ATOM   778  C C    . THR A 1 60 ? -11.278 1.407   -2.981  1.00 12.67 ? 56  THR A C    1 
ATOM   779  O O    . THR A 1 60 ? -11.496 1.255   -4.179  1.00 13.24 ? 56  THR A O    1 
ATOM   780  C CB   . THR A 1 60 ? -11.678 -0.499  -1.397  1.00 12.91 ? 56  THR A CB   1 
ATOM   781  O OG1  . THR A 1 60 ? -11.068 -1.522  -0.595  1.00 12.73 ? 56  THR A OG1  1 
ATOM   782  C CG2  . THR A 1 60 ? -12.682 -1.146  -2.391  1.00 12.80 ? 56  THR A CG2  1 
ATOM   783  H H    . THR A 1 60 ? -9.789  0.804   -0.426  1.00 14.39 ? 56  THR A H    1 
ATOM   784  H HA   . THR A 1 60 ? -10.137 -0.299  -2.769  1.00 15.67 ? 56  THR A HA   1 
ATOM   785  H HB   . THR A 1 60 ? -12.173 0.102   -0.818  1.00 15.39 ? 56  THR A HB   1 
ATOM   786  H HG1  . THR A 1 60 ? -10.558 -1.184  -0.048  1.00 15.18 ? 56  THR A HG1  1 
ATOM   787  H HG21 . THR A 1 60 ? -13.344 -1.646  -1.909  1.00 15.25 ? 56  THR A HG21 1 
ATOM   788  H HG22 . THR A 1 60 ? -13.119 -0.464  -2.905  1.00 15.25 ? 56  THR A HG22 1 
ATOM   789  H HG23 . THR A 1 60 ? -12.217 -1.738  -2.987  1.00 15.25 ? 56  THR A HG23 1 
ATOM   790  N N    . SER A 1 61 ? -11.551 2.544   -2.338  1.00 12.74 ? 57  SER A N    1 
ATOM   791  C CA   . SER A 1 61 ? -12.299 3.615   -2.993  1.00 14.34 ? 57  SER A CA   1 
ATOM   792  C C    . SER A 1 61 ? -11.458 4.344   -4.051  1.00 13.99 ? 57  SER A C    1 
ATOM   793  O O    . SER A 1 61 ? -11.988 4.935   -4.977  1.00 16.84 ? 57  SER A O    1 
ATOM   794  C CB   . SER A 1 61 ? -12.832 4.614   -1.953  1.00 18.12 ? 57  SER A CB   1 
ATOM   795  O OG   . SER A 1 61 ? -11.821 5.531   -1.589  1.00 21.70 ? 57  SER A OG   1 
ATOM   796  N N    . LEU A 1 62 ? -10.131 4.275   -3.922  1.00 13.19 ? 58  LEU A N    1 
ATOM   797  C CA   . LEU A 1 62 ? -9.232  5.022   -4.803  1.00 12.95 ? 58  LEU A CA   1 
ATOM   798  C C    . LEU A 1 62 ? -8.868  4.314   -6.104  1.00 12.61 ? 58  LEU A C    1 
ATOM   799  O O    . LEU A 1 62 ? -8.488  4.967   -7.077  1.00 16.26 ? 58  LEU A O    1 
ATOM   800  C CB   . LEU A 1 62 ? -7.936  5.366   -4.072  1.00 13.22 ? 58  LEU A CB   1 
ATOM   801  C CG   . LEU A 1 62 ? -8.035  6.400   -2.956  1.00 13.96 ? 58  LEU A CG   1 
ATOM   802  C CD1  . LEU A 1 62 ? -6.727  6.405   -2.175  1.00 14.48 ? 58  LEU A CD1  1 
ATOM   803  C CD2  . LEU A 1 62 ? -8.373  7.809   -3.481  1.00 18.95 ? 58  LEU A CD2  1 
ATOM   804  H H    . LEU A 1 62 ? -9.726  3.803   -3.330  1.00 15.72 ? 58  LEU A H    1 
ATOM   805  H HA   . LEU A 1 62 ? -9.667  5.867   -5.042  1.00 15.43 ? 58  LEU A HA   1 
ATOM   806  H HB2  . LEU A 1 62 ? -7.586  4.552   -3.679  1.00 15.75 ? 58  LEU A HB2  1 
ATOM   807  H HB3  . LEU A 1 62 ? -7.303  5.706   -4.724  1.00 15.75 ? 58  LEU A HB3  1 
ATOM   808  H HG   . LEU A 1 62 ? -8.741  6.135   -2.347  1.00 16.65 ? 58  LEU A HG   1 
ATOM   809  H HD11 . LEU A 1 62 ? -6.785  7.056   -1.471  1.00 17.27 ? 58  LEU A HD11 1 
ATOM   810  H HD12 . LEU A 1 62 ? -6.582  5.532   -1.803  1.00 17.27 ? 58  LEU A HD12 1 
ATOM   811  H HD13 . LEU A 1 62 ? -6.008  6.630   -2.771  1.00 17.27 ? 58  LEU A HD13 1 
ATOM   812  H HD21 . LEU A 1 62 ? -8.421  8.416   -2.739  1.00 22.64 ? 58  LEU A HD21 1 
ATOM   813  H HD22 . LEU A 1 62 ? -7.684  8.089   -4.089  1.00 22.64 ? 58  LEU A HD22 1 
ATOM   814  H HD23 . LEU A 1 62 ? -9.218  7.778   -3.936  1.00 22.64 ? 58  LEU A HD23 1 
ATOM   815  N N    . ILE A 1 63 ? -8.917  2.982   -6.130  1.00 13.59 ? 59  ILE A N    1 
ATOM   816  C CA   . ILE A 1 63 ? -8.442  2.245   -7.300  1.00 14.49 ? 59  ILE A CA   1 
ATOM   817  C C    . ILE A 1 63 ? -9.514  2.181   -8.386  1.00 13.17 ? 59  ILE A C    1 
ATOM   818  O O    . ILE A 1 63 ? -10.687 2.451   -8.132  1.00 16.73 ? 59  ILE A O    1 
ATOM   819  C CB   . ILE A 1 63 ? -7.940  0.822   -6.918  1.00 15.78 ? 59  ILE A CB   1 
ATOM   820  C CG1  . ILE A 1 63 ? -9.085  -0.134  -6.555  1.00 15.14 ? 59  ILE A CG1  1 
ATOM   821  C CG2  . ILE A 1 63 ? -6.895  0.914   -5.808  1.00 14.60 ? 59  ILE A CG2  1 
ATOM   822  C CD1  . ILE A 1 63 ? -8.683  -1.625  -6.567  1.00 18.23 ? 59  ILE A CD1  1 
ATOM   823  H H    . ILE A 1 63 ? -9.217  2.488   -5.493  1.00 16.20 ? 59  ILE A H    1 
ATOM   824  H HA   . ILE A 1 63 ? -7.678  2.729   -7.676  1.00 17.28 ? 59  ILE A HA   1 
ATOM   825  H HB   . ILE A 1 63 ? -7.497  0.454   -7.700  1.00 18.83 ? 59  ILE A HB   1 
ATOM   826  H HG12 . ILE A 1 63 ? -9.400  0.082   -5.663  1.00 18.07 ? 59  ILE A HG12 1 
ATOM   827  H HG13 . ILE A 1 63 ? -9.805  -0.016  -7.194  1.00 18.07 ? 59  ILE A HG13 1 
ATOM   828  H HG21 . ILE A 1 63 ? -6.596  0.028   -5.587  1.00 17.41 ? 59  ILE A HG21 1 
ATOM   829  H HG22 . ILE A 1 63 ? -6.155  1.441   -6.119  1.00 17.41 ? 59  ILE A HG22 1 
ATOM   830  H HG23 . ILE A 1 63 ? -7.293  1.328   -5.039  1.00 17.41 ? 59  ILE A HG23 1 
ATOM   831  H HD11 . ILE A 1 63 ? -9.446  -2.157  -6.330  1.00 21.77 ? 59  ILE A HD11 1 
ATOM   832  H HD12 . ILE A 1 63 ? -8.379  -1.860  -7.447  1.00 21.77 ? 59  ILE A HD12 1 
ATOM   833  H HD13 . ILE A 1 63 ? -7.978  -1.763  -5.929  1.00 21.77 ? 59  ILE A HD13 1 
ATOM   834  N N    . ASP A 1 64 ? -9.086  1.857   -9.603  1.00 15.17 ? 60  ASP A N    1 
ATOM   835  C CA   . ASP A 1 64 ? -9.998  1.501   -10.681 1.00 15.08 ? 60  ASP A CA   1 
ATOM   836  C C    . ASP A 1 64 ? -10.068 -0.021  -10.699 1.00 15.67 ? 60  ASP A C    1 
ATOM   837  O O    . ASP A 1 64 ? -9.088  -0.688  -11.027 1.00 17.09 ? 60  ASP A O    1 
ATOM   838  C CB   . ASP A 1 64 ? -9.497  2.046   -12.025 1.00 18.65 ? 60  ASP A CB   1 
ATOM   839  C CG   . ASP A 1 64 ? -10.428 1.725   -13.173 1.00 17.85 ? 60  ASP A CG   1 
ATOM   840  O OD1  . ASP A 1 64 ? -10.947 0.598   -13.226 1.00 18.93 ? 60  ASP A OD1  1 
ATOM   841  O OD2  . ASP A 1 64 ? -10.640 2.606   -14.035 1.00 25.46 ? 60  ASP A OD2  1 
ATOM   842  H H    . ASP A 1 64 ? -8.257  1.837   -9.831  1.00 18.10 ? 60  ASP A H    1 
ATOM   843  H HA   . ASP A 1 64 ? -10.891 1.861   -10.501 1.00 17.99 ? 60  ASP A HA   1 
ATOM   844  H HB2  . ASP A 1 64 ? -9.418  3.011   -11.965 1.00 22.27 ? 60  ASP A HB2  1 
ATOM   845  H HB3  . ASP A 1 64 ? -8.632  1.654   -12.222 1.00 22.27 ? 60  ASP A HB3  1 
ATOM   846  N N    . GLU A 1 65 ? -11.199 -0.580  -10.307 1.00 15.61 ? 61  GLU A N    1 
ATOM   847  C CA   . GLU A 1 65 ? -11.268 -2.026  -10.120 1.00 16.86 ? 61  GLU A CA   1 
ATOM   848  C C    . GLU A 1 65 ? -11.281 -2.840  -11.399 1.00 17.39 ? 61  GLU A C    1 
ATOM   849  O O    . GLU A 1 65 ? -11.102 -4.057  -11.353 1.00 24.68 ? 61  GLU A O    1 
ATOM   850  C CB   . GLU A 1 65 ? -12.463 -2.404  -9.261  1.00 19.61 ? 61  GLU A CB   1 
ATOM   851  C CG   . GLU A 1 65 ? -12.312 -1.882  -7.869  1.00 23.77 ? 61  GLU A CG   1 
ATOM   852  C CD   . GLU A 1 65 ? -13.109 -2.642  -6.851  1.00 19.75 ? 61  GLU A CD   1 
ATOM   853  O OE1  . GLU A 1 65 ? -13.799 -3.608  -7.219  1.00 27.99 ? 61  GLU A OE1  1 
ATOM   854  O OE2  . GLU A 1 65 ? -13.022 -2.261  -5.668  1.00 18.37 ? 61  GLU A OE2  1 
ATOM   855  H H    . GLU A 1 65 ? -11.930 -0.159  -10.144 1.00 18.62 ? 61  GLU A H    1 
ATOM   856  H HA   . GLU A 1 65 ? -10.467 -2.297  -9.625  1.00 20.13 ? 61  GLU A HA   1 
ATOM   857  H HB2  . GLU A 1 65 ? -13.268 -2.023  -9.645  1.00 23.42 ? 61  GLU A HB2  1 
ATOM   858  H HB3  . GLU A 1 65 ? -12.534 -3.370  -9.219  1.00 23.42 ? 61  GLU A HB3  1 
ATOM   859  H HG2  . GLU A 1 65 ? -11.378 -1.935  -7.615  1.00 28.42 ? 61  GLU A HG2  1 
ATOM   860  H HG3  . GLU A 1 65 ? -12.607 -0.958  -7.848  1.00 28.42 ? 61  GLU A HG3  1 
ATOM   861  N N    . GLU A 1 66 ? -11.483 -2.189  -12.540 1.00 16.42 ? 62  GLU A N    1 
ATOM   862  C CA   . GLU A 1 66 ? -11.361 -2.891  -13.818 1.00 19.32 ? 62  GLU A CA   1 
ATOM   863  C C    . GLU A 1 66 ? -9.911  -2.990  -14.271 1.00 18.52 ? 62  GLU A C    1 
ATOM   864  O O    . GLU A 1 66 ? -9.563  -3.919  -14.993 1.00 22.28 ? 62  GLU A O    1 
ATOM   865  C CB   . GLU A 1 66 ? -12.183 -2.188  -14.892 1.00 18.61 ? 62  GLU A CB   1 
ATOM   866  C CG   . GLU A 1 66 ? -13.663 -2.223  -14.602 1.00 22.65 ? 62  GLU A CG   1 
ATOM   867  C CD   . GLU A 1 66 ? -14.474 -1.334  -15.512 1.00 30.38 ? 62  GLU A CD   1 
ATOM   868  O OE1  . GLU A 1 66 ? -15.707 -1.331  -15.345 1.00 36.59 ? 62  GLU A OE1  1 
ATOM   869  O OE2  . GLU A 1 66 ? -13.891 -0.644  -16.378 1.00 31.94 ? 62  GLU A OE2  1 
ATOM   870  H H    . GLU A 1 66 ? -11.688 -1.356  -12.605 1.00 19.60 ? 62  GLU A H    1 
ATOM   871  H HA   . GLU A 1 66 ? -11.710 -3.801  -13.716 1.00 23.07 ? 62  GLU A HA   1 
ATOM   872  H HB2  . GLU A 1 66 ? -11.909 -1.260  -14.943 1.00 22.23 ? 62  GLU A HB2  1 
ATOM   873  H HB3  . GLU A 1 66 ? -12.032 -2.627  -15.743 1.00 22.23 ? 62  GLU A HB3  1 
ATOM   874  H HG2  . GLU A 1 66 ? -13.983 -3.133  -14.713 1.00 27.07 ? 62  GLU A HG2  1 
ATOM   875  H HG3  . GLU A 1 66 ? -13.811 -1.930  -13.691 1.00 27.07 ? 62  GLU A HG3  1 
ATOM   876  N N    . LYS A 1 67 ? -9.080  -2.037  -13.849 1.00 18.19 ? 63  LYS A N    1 
ATOM   877  C CA   . LYS A 1 67 ? -7.736  -1.873  -14.406 1.00 21.16 ? 63  LYS A CA   1 
ATOM   878  C C    . LYS A 1 67 ? -6.612  -2.113  -13.412 1.00 18.44 ? 63  LYS A C    1 
ATOM   879  O O    . LYS A 1 67 ? -5.471  -2.312  -13.835 1.00 22.61 ? 63  LYS A O    1 
ATOM   880  C CB   . LYS A 1 67 ? -7.571  -0.458  -14.965 1.00 23.30 ? 63  LYS A CB   1 
ATOM   881  C CG   . LYS A 1 67 ? -8.500  -0.126  -16.101 1.00 26.11 ? 63  LYS A CG   1 
ATOM   882  C CD   . LYS A 1 67 ? -7.792  0.653   -17.183 1.00 40.01 ? 63  LYS A CD   1 
ATOM   883  C CE   . LYS A 1 67 ? -7.401  2.040   -16.718 1.00 42.93 ? 63  LYS A CE   1 
ATOM   884  N NZ   . LYS A 1 67 ? -7.858  3.049   -17.722 1.00 47.89 ? 63  LYS A NZ   1 
ATOM   885  H H    . LYS A 1 67 ? -9.273  -1.467  -13.234 1.00 21.73 ? 63  LYS A H    1 
ATOM   886  H HA   . LYS A 1 67 ? -7.622  -2.505  -15.147 1.00 25.29 ? 63  LYS A HA   1 
ATOM   887  H HB2  . LYS A 1 67 ? -7.738  0.179   -14.253 1.00 27.85 ? 63  LYS A HB2  1 
ATOM   888  H HB3  . LYS A 1 67 ? -6.662  -0.357  -15.289 1.00 27.85 ? 63  LYS A HB3  1 
ATOM   889  H HG2  . LYS A 1 67 ? -8.837  -0.949  -16.490 1.00 31.22 ? 63  LYS A HG2  1 
ATOM   890  H HG3  . LYS A 1 67 ? -9.234  0.413   -15.767 1.00 31.22 ? 63  LYS A HG3  1 
ATOM   891  H HD2  . LYS A 1 67 ? -6.984  0.181   -17.440 1.00 47.91 ? 63  LYS A HD2  1 
ATOM   892  H HD3  . LYS A 1 67 ? -8.383  0.745   -17.948 1.00 47.91 ? 63  LYS A HD3  1 
ATOM   893  H HE2  . LYS A 1 67 ? -7.829  2.232   -15.868 1.00 51.41 ? 63  LYS A HE2  1 
ATOM   894  H HE3  . LYS A 1 67 ? -6.436  2.098   -16.636 1.00 51.41 ? 63  LYS A HE3  1 
ATOM   895  H HZ1  . LYS A 1 67 ? -7.631  3.867   -17.456 1.00 57.36 ? 63  LYS A HZ1  1 
ATOM   896  H HZ2  . LYS A 1 67 ? -7.478  2.886   -18.511 1.00 57.36 ? 63  LYS A HZ2  1 
ATOM   897  H HZ3  . LYS A 1 67 ? -8.742  3.008   -17.814 1.00 57.36 ? 63  LYS A HZ3  1 
ATOM   898  N N    . ASP A 1 68 ? -6.939  -2.077  -12.117 1.00 15.18 ? 64  ASP A N    1 
ATOM   899  C CA   . ASP A 1 68 ? -5.958  -2.169  -11.029 1.00 15.63 ? 64  ASP A CA   1 
ATOM   900  C C    . ASP A 1 68 ? -6.314  -3.316  -10.084 1.00 16.08 ? 64  ASP A C    1 
ATOM   901  O O    . ASP A 1 68 ? -7.469  -3.759  -10.051 1.00 15.13 ? 64  ASP A O    1 
ATOM   902  C CB   . ASP A 1 68 ? -5.961  -0.927  -10.113 1.00 16.33 ? 64  ASP A CB   1 
ATOM   903  C CG   . ASP A 1 68 ? -5.849  0.400   -10.830 1.00 14.73 ? 64  ASP A CG   1 
ATOM   904  O OD1  . ASP A 1 68 ? -6.168  1.402   -10.145 1.00 14.66 ? 64  ASP A OD1  1 
ATOM   905  O OD2  . ASP A 1 68 ? -5.448  0.487   -12.016 1.00 17.54 ? 64  ASP A OD2  1 
ATOM   906  H H    . ASP A 1 68 ? -7.748  -1.997  -11.836 1.00 18.11 ? 64  ASP A H    1 
ATOM   907  H HA   . ASP A 1 68 ? -5.057  -2.308  -11.388 1.00 18.66 ? 64  ASP A HA   1 
ATOM   908  H HB2  . ASP A 1 68 ? -6.791  -0.918  -9.609  1.00 19.49 ? 64  ASP A HB2  1 
ATOM   909  H HB3  . ASP A 1 68 ? -5.212  -0.994  -9.501  1.00 19.49 ? 64  ASP A HB3  1 
ATOM   910  N N    . SER A 1 69 ? -5.351  -3.736  -9.264  1.00 14.72 ? 65  SER A N    1 
ATOM   911  C CA   . SER A 1 69 ? -5.657  -4.529  -8.076  1.00 14.66 ? 65  SER A CA   1 
ATOM   912  C C    . SER A 1 69 ? -4.758  -4.152  -6.895  1.00 14.37 ? 65  SER A C    1 
ATOM   913  O O    . SER A 1 69 ? -3.660  -3.623  -7.082  1.00 14.98 ? 65  SER A O    1 
ATOM   914  C CB   . SER A 1 69 ? -5.538  -6.040  -8.356  1.00 16.22 ? 65  SER A CB   1 
ATOM   915  O OG   . SER A 1 69 ? -4.184  -6.430  -8.489  1.00 16.10 ? 65  SER A OG   1 
ATOM   916  H H    . SER A 1 69 ? -4.513  -3.574  -9.373  1.00 17.55 ? 65  SER A H    1 
ATOM   917  H HA   . SER A 1 69 ? -6.584  -4.349  -7.812  1.00 17.48 ? 65  SER A HA   1 
ATOM   918  H HB2  . SER A 1 69 ? -5.937  -6.529  -7.619  1.00 19.36 ? 65  SER A HB2  1 
ATOM   919  H HB3  . SER A 1 69 ? -6.007  -6.245  -9.180  1.00 19.36 ? 65  SER A HB3  1 
ATOM   920  H HG   . SER A 1 69 ? -4.137  -7.235  -8.637  1.00 19.21 ? 65  SER A HG   1 
ATOM   921  N N    . LEU A 1 70 ? -5.238  -4.459  -5.689  1.00 13.52 ? 66  LEU A N    1 
ATOM   922  C CA   . LEU A 1 70 ? -4.503  -4.343  -4.432  1.00 13.04 ? 66  LEU A CA   1 
ATOM   923  C C    . LEU A 1 70 ? -4.526  -5.679  -3.751  1.00 12.75 ? 66  LEU A C    1 
ATOM   924  O O    . LEU A 1 70 ? -5.566  -6.349  -3.751  1.00 13.72 ? 66  LEU A O    1 
ATOM   925  C CB   . LEU A 1 70 ? -5.220  -3.402  -3.462  1.00 19.13 ? 66  LEU A CB   1 
ATOM   926  C CG   . LEU A 1 70 ? -5.330  -1.907  -3.704  1.00 17.60 ? 66  LEU A CG   1 
ATOM   927  C CD1  . LEU A 1 70 ? -6.534  -1.306  -2.975  1.00 19.70 ? 66  LEU A CD1  1 
ATOM   928  C CD2  . LEU A 1 70 ? -4.045  -1.209  -3.280  1.00 16.85 ? 66  LEU A CD2  1 
ATOM   929  H H    . LEU A 1 70 ? -6.038  -4.755  -5.572  1.00 16.12 ? 66  LEU A H    1 
ATOM   930  H HA   . LEU A 1 70 ? -3.580  -4.049  -4.580  1.00 15.54 ? 66  LEU A HA   1 
ATOM   931  H HB2  . LEU A 1 70 ? -6.130  -3.725  -3.376  1.00 22.85 ? 66  LEU A HB2  1 
ATOM   932  H HB3  . LEU A 1 70 ? -4.781  -3.499  -2.601  1.00 22.85 ? 66  LEU A HB3  1 
ATOM   933  H HG   . LEU A 1 70 ? -5.450  -1.752  -4.654  1.00 21.01 ? 66  LEU A HG   1 
ATOM   934  H HD11 . LEU A 1 70 ? -6.568  -0.363  -3.153  1.00 23.53 ? 66  LEU A HD11 1 
ATOM   935  H HD12 . LEU A 1 70 ? -7.335  -1.729  -3.294  1.00 23.53 ? 66  LEU A HD12 1 
ATOM   936  H HD13 . LEU A 1 70 ? -6.436  -1.458  -2.032  1.00 23.53 ? 66  LEU A HD13 1 
ATOM   937  H HD21 . LEU A 1 70 ? -4.134  -0.267  -3.440  1.00 20.11 ? 66  LEU A HD21 1 
ATOM   938  H HD22 . LEU A 1 70 ? -3.898  -1.371  -2.345  1.00 20.11 ? 66  LEU A HD22 1 
ATOM   939  H HD23 . LEU A 1 70 ? -3.315  -1.563  -3.793  1.00 20.11 ? 66  LEU A HD23 1 
ATOM   940  N N    . ARG A 1 71 ? -3.417  -6.046  -3.123  1.00 11.28 ? 67  ARG A N    1 
ATOM   941  C CA   . ARG A 1 71 ? -3.436  -7.138  -2.153  1.00 10.96 ? 67  ARG A CA   1 
ATOM   942  C C    . ARG A 1 71 ? -2.990  -6.602  -0.798  1.00 11.06 ? 67  ARG A C    1 
ATOM   943  O O    . ARG A 1 71 ? -2.048  -5.814  -0.702  1.00 12.99 ? 67  ARG A O    1 
ATOM   944  C CB   . ARG A 1 71 ? -2.605  -8.338  -2.626  1.00 10.98 ? 67  ARG A CB   1 
ATOM   945  C CG   . ARG A 1 71 ? -3.210  -8.973  -3.873  1.00 11.63 ? 67  ARG A CG   1 
ATOM   946  C CD   . ARG A 1 71 ? -2.378  -10.135 -4.461  1.00 12.09 ? 67  ARG A CD   1 
ATOM   947  N NE   . ARG A 1 71 ? -2.288  -11.329 -3.625  1.00 12.10 ? 67  ARG A NE   1 
ATOM   948  C CZ   . ARG A 1 71 ? -3.164  -12.329 -3.645  1.00 12.11 ? 67  ARG A CZ   1 
ATOM   949  N NH1  . ARG A 1 71 ? -4.262  -12.223 -4.378  1.00 15.09 ? 67  ARG A NH1  1 
ATOM   950  N NH2  . ARG A 1 71 ? -2.967  -13.414 -2.904  1.00 14.36 ? 67  ARG A NH2  1 
ATOM   951  H H    . ARG A 1 71 ? -2.644  -5.684  -3.236  1.00 13.43 ? 67  ARG A H    1 
ATOM   952  H HA   . ARG A 1 71 ? -4.361  -7.446  -2.055  1.00 13.04 ? 67  ARG A HA   1 
ATOM   953  H HB2  . ARG A 1 71 ? -1.707  -8.041  -2.840  1.00 13.07 ? 67  ARG A HB2  1 
ATOM   954  H HB3  . ARG A 1 71 ? -2.581  -9.007  -1.925  1.00 13.07 ? 67  ARG A HB3  1 
ATOM   955  H HG2  . ARG A 1 71 ? -4.088  -9.321  -3.650  1.00 13.85 ? 67  ARG A HG2  1 
ATOM   956  H HG3  . ARG A 1 71 ? -3.293  -8.292  -4.559  1.00 13.85 ? 67  ARG A HG3  1 
ATOM   957  H HD2  . ARG A 1 71 ? -2.777  -10.401 -5.305  1.00 14.40 ? 67  ARG A HD2  1 
ATOM   958  H HD3  . ARG A 1 71 ? -1.474  -9.819  -4.615  1.00 14.40 ? 67  ARG A HD3  1 
ATOM   959  H HE   . ARG A 1 71 ? -1.623  -11.389 -3.083  1.00 14.41 ? 67  ARG A HE   1 
ATOM   960  H HH11 . ARG A 1 71 ? -4.383  -11.529 -4.873  1.00 18.00 ? 67  ARG A HH11 1 
ATOM   961  H HH12 . ARG A 1 71 ? -4.840  -12.860 -4.383  1.00 18.00 ? 67  ARG A HH12 1 
ATOM   962  H HH21 . ARG A 1 71 ? -2.268  -13.474 -2.407  1.00 17.13 ? 67  ARG A HH21 1 
ATOM   963  H HH22 . ARG A 1 71 ? -3.559  -14.038 -2.890  1.00 17.13 ? 67  ARG A HH22 1 
ATOM   964  N N    . ILE A 1 72 ? -3.681  -7.056  0.237   1.00 11.13 ? 68  ILE A N    1 
ATOM   965  C CA   . ILE A 1 72 ? -3.415  -6.631  1.598   1.00 12.00 ? 68  ILE A CA   1 
ATOM   966  C C    . ILE A 1 72 ? -3.032  -7.858  2.412   1.00 12.38 ? 68  ILE A C    1 
ATOM   967  O O    . ILE A 1 72 ? -3.859  -8.768  2.628   1.00 14.96 ? 68  ILE A O    1 
ATOM   968  C CB   . ILE A 1 72 ? -4.642  -5.926  2.228   1.00 14.39 ? 68  ILE A CB   1 
ATOM   969  C CG1  . ILE A 1 72 ? -5.051  -4.713  1.353   1.00 19.64 ? 68  ILE A CG1  1 
ATOM   970  C CG2  . ILE A 1 72 ? -4.336  -5.524  3.663   1.00 16.35 ? 68  ILE A CG2  1 
ATOM   971  C CD1  . ILE A 1 72 ? -6.174  -3.846  1.926   1.00 24.66 ? 68  ILE A CD1  1 
ATOM   972  H H    . ILE A 1 72 ? -4.324  -7.624  0.172   1.00 13.25 ? 68  ILE A H    1 
ATOM   973  H HA   . ILE A 1 72 ? -2.660  -6.006  1.603   1.00 14.29 ? 68  ILE A HA   1 
ATOM   974  H HB   . ILE A 1 72 ? -5.381  -6.554  2.240   1.00 17.16 ? 68  ILE A HB   1 
ATOM   975  H HG12 . ILE A 1 72 ? -4.275  -4.144  1.232   1.00 23.46 ? 68  ILE A HG12 1 
ATOM   976  H HG13 . ILE A 1 72 ? -5.349  -5.044  0.490   1.00 23.46 ? 68  ILE A HG13 1 
ATOM   977  H HG21 . ILE A 1 72 ? -5.106  -5.089  4.035   1.00 19.52 ? 68  ILE A HG21 1 
ATOM   978  H HG22 . ILE A 1 72 ? -4.128  -6.312  4.169   1.00 19.52 ? 68  ILE A HG22 1 
ATOM   979  H HG23 . ILE A 1 72 ? -3.587  -4.924  3.666   1.00 19.52 ? 68  ILE A HG23 1 
ATOM   980  H HD11 . ILE A 1 72 ? -6.355  -3.126  1.316   1.00 29.48 ? 68  ILE A HD11 1 
ATOM   981  H HD12 . ILE A 1 72 ? -6.960  -4.385  2.038   1.00 29.48 ? 68  ILE A HD12 1 
ATOM   982  H HD13 . ILE A 1 72 ? -5.894  -3.493  2.774   1.00 29.48 ? 68  ILE A HD13 1 
ATOM   983  N N    . TYR A 1 73 ? -1.762  -7.897  2.814   1.00 11.68 ? 69  TYR A N    1 
ATOM   984  C CA   . TYR A 1 73 ? -1.206  -9.000  3.597   1.00 11.90 ? 69  TYR A CA   1 
ATOM   985  C C    . TYR A 1 73 ? -1.055  -8.592  5.050   1.00 12.95 ? 69  TYR A C    1 
ATOM   986  O O    . TYR A 1 73 ? -0.372  -7.613  5.360   1.00 13.51 ? 69  TYR A O    1 
ATOM   987  C CB   . TYR A 1 73 ? 0.179   -9.386  3.061   1.00 13.71 ? 69  TYR A CB   1 
ATOM   988  C CG   . TYR A 1 73 ? 0.189   -9.960  1.668   1.00 12.79 ? 69  TYR A CG   1 
ATOM   989  C CD1  . TYR A 1 73 ? 0.195   -11.335 1.465   1.00 15.44 ? 69  TYR A CD1  1 
ATOM   990  C CD2  . TYR A 1 73 ? 0.229   -9.136  0.559   1.00 12.56 ? 69  TYR A CD2  1 
ATOM   991  C CE1  . TYR A 1 73 ? 0.206   -11.872 0.191   1.00 13.59 ? 69  TYR A CE1  1 
ATOM   992  C CE2  . TYR A 1 73 ? 0.240   -9.664  -0.724  1.00 12.76 ? 69  TYR A CE2  1 
ATOM   993  C CZ   . TYR A 1 73 ? 0.229   -11.032 -0.903  1.00 12.39 ? 69  TYR A CZ   1 
ATOM   994  O OH   . TYR A 1 73 ? 0.232   -11.572 -2.173  1.00 13.50 ? 69  TYR A OH   1 
ATOM   995  H H    . TYR A 1 73 ? -1.188  -7.281  2.638   1.00 13.90 ? 69  TYR A H    1 
ATOM   996  H HA   . TYR A 1 73 ? -1.798  -9.780  3.544   1.00 14.17 ? 69  TYR A HA   1 
ATOM   997  H HB2  . TYR A 1 73 ? 0.738   -8.593  3.054   1.00 16.34 ? 69  TYR A HB2  1 
ATOM   998  H HB3  . TYR A 1 73 ? 0.564   -10.050 3.655   1.00 16.34 ? 69  TYR A HB3  1 
ATOM   999  H HD1  . TYR A 1 73 ? 0.172   -11.905 2.201   1.00 18.42 ? 69  TYR A HD1  1 
ATOM   1000 H HD2  . TYR A 1 73 ? 0.229   -8.213  0.674   1.00 14.97 ? 69  TYR A HD2  1 
ATOM   1001 H HE1  . TYR A 1 73 ? 0.197   -12.795 0.072   1.00 16.20 ? 69  TYR A HE1  1 
ATOM   1002 H HE2  . TYR A 1 73 ? 0.254   -9.097  -1.461  1.00 15.20 ? 69  TYR A HE2  1 
ATOM   1003 H HH   . TYR A 1 73 ? 0.907   -11.337 -2.575  1.00 16.10 ? 69  TYR A HH   1 
ATOM   1004 N N    . ARG A 1 74 ? -1.648  -9.371  5.941   1.00 13.55 ? 70  ARG A N    1 
ATOM   1005 C CA   . ARG A 1 74 ? -1.502  -9.157  7.366   1.00 14.20 ? 70  ARG A CA   1 
ATOM   1006 C C    . ARG A 1 74 ? -0.354  -10.022 7.886   1.00 14.94 ? 70  ARG A C    1 
ATOM   1007 O O    . ARG A 1 74 ? -0.453  -11.257 7.899   1.00 18.47 ? 70  ARG A O    1 
ATOM   1008 C CB   . ARG A 1 74 ? -2.813  -9.483  8.080   1.00 16.07 ? 70  ARG A CB   1 
ATOM   1009 C CG   . ARG A 1 74 ? -3.945  -8.566  7.642   1.00 17.81 ? 70  ARG A CG   1 
ATOM   1010 C CD   . ARG A 1 74 ? -5.243  -8.875  8.362   1.00 23.41 ? 70  ARG A CD   1 
ATOM   1011 N NE   . ARG A 1 74 ? -6.388  -8.415  7.578   1.00 24.32 ? 70  ARG A NE   1 
ATOM   1012 C CZ   . ARG A 1 74 ? -7.611  -8.204  8.068   1.00 23.79 ? 70  ARG A CZ   1 
ATOM   1013 N NH1  . ARG A 1 74 ? -8.588  -7.796  7.265   1.00 24.11 ? 70  ARG A NH1  1 
ATOM   1014 N NH2  . ARG A 1 74 ? -7.863  -8.381  9.366   1.00 27.04 ? 70  ARG A NH2  1 
ATOM   1015 N N    . LEU A 1 75 ? 0.752   -9.392  8.269   1.00 19.54 ? 71  LEU A N    1 
ATOM   1016 C CA   . LEU A 1 75 ? 1.945   -10.126 8.706   1.00 24.27 ? 71  LEU A CA   1 
ATOM   1017 C C    . LEU A 1 75 ? 2.020   -10.350 10.215  1.00 27.49 ? 71  LEU A C    1 
ATOM   1018 O O    . LEU A 1 75 ? 2.930   -11.020 10.692  1.00 33.34 ? 71  LEU A O    1 
ATOM   1019 C CB   . LEU A 1 75 ? 3.230   -9.457  8.209   1.00 21.21 ? 71  LEU A CB   1 
ATOM   1020 C CG   . LEU A 1 75 ? 3.365   -9.086  6.724   1.00 28.91 ? 71  LEU A CG   1 
ATOM   1021 C CD1  . LEU A 1 75 ? 4.833   -8.947  6.351   1.00 26.80 ? 71  LEU A CD1  1 
ATOM   1022 C CD2  . LEU A 1 75 ? 2.684   -10.062 5.807   1.00 25.37 ? 71  LEU A CD2  1 
ATOM   1023 N N    . GLY A 1 76 ? 1.075   -9.806  10.970  1.00 27.00 ? 72  GLY A N    1 
ATOM   1024 C CA   . GLY A 1 76 ? 1.017   -10.058 12.402  1.00 32.88 ? 72  GLY A CA   1 
ATOM   1025 C C    . GLY A 1 76 ? 1.684   -9.002  13.267  1.00 28.45 ? 72  GLY A C    1 
ATOM   1026 O O    . GLY A 1 76 ? 2.150   -7.979  12.762  1.00 22.78 ? 72  GLY A O    1 
ATOM   1027 N N    . TYR A 1 79 ? 6.274   -9.010  14.069  1.00 35.46 ? 75  TYR A N    1 
ATOM   1028 C CA   . TYR A 1 79 ? 7.043   -9.362  12.878  1.00 34.36 ? 75  TYR A CA   1 
ATOM   1029 C C    . TYR A 1 79 ? 8.458   -8.767  12.889  1.00 34.59 ? 75  TYR A C    1 
ATOM   1030 O O    . TYR A 1 79 ? 9.453   -9.501  12.854  1.00 35.84 ? 75  TYR A O    1 
ATOM   1031 C CB   . TYR A 1 79 ? 6.302   -8.926  11.613  1.00 28.20 ? 75  TYR A CB   1 
ATOM   1032 C CG   . TYR A 1 79 ? 6.879   -9.550  10.361  1.00 30.84 ? 75  TYR A CG   1 
ATOM   1033 C CD1  . TYR A 1 79 ? 7.893   -8.917  9.641   1.00 27.86 ? 75  TYR A CD1  1 
ATOM   1034 C CD2  . TYR A 1 79 ? 6.422   -10.785 9.904   1.00 27.15 ? 75  TYR A CD2  1 
ATOM   1035 C CE1  . TYR A 1 79 ? 8.428   -9.502  8.500   1.00 26.38 ? 75  TYR A CE1  1 
ATOM   1036 C CE2  . TYR A 1 79 ? 6.952   -11.367 8.765   1.00 26.53 ? 75  TYR A CE2  1 
ATOM   1037 C CZ   . TYR A 1 79 ? 7.952   -10.718 8.070   1.00 26.34 ? 75  TYR A CZ   1 
ATOM   1038 O OH   . TYR A 1 79 ? 8.494   -11.286 6.939   1.00 25.19 ? 75  TYR A OH   1 
ATOM   1039 N N    . THR A 1 81 ? 11.185  -10.687 11.274  1.00 30.00 ? 77  THR A N    1 
ATOM   1040 C CA   . THR A 1 81 ? 11.950  -11.448 10.294  1.00 30.00 ? 77  THR A CA   1 
ATOM   1041 C C    . THR A 1 81 ? 12.514  -10.528 9.214   1.00 30.00 ? 77  THR A C    1 
ATOM   1042 O O    . THR A 1 81 ? 11.791  -9.769  8.592   1.00 30.00 ? 77  THR A O    1 
ATOM   1043 C CB   . THR A 1 81 ? 11.086  -12.542 9.683   1.00 30.00 ? 77  THR A CB   1 
ATOM   1044 N N    . LYS A 1 82 ? 13.819  -10.588 8.998   1.00 29.12 ? 78  LYS A N    1 
ATOM   1045 C CA   . LYS A 1 82 ? 14.437  -9.714  8.019   1.00 26.75 ? 78  LYS A CA   1 
ATOM   1046 C C    . LYS A 1 82 ? 13.814  -9.885  6.635   1.00 23.26 ? 78  LYS A C    1 
ATOM   1047 O O    . LYS A 1 82 ? 13.706  -10.987 6.130   1.00 22.02 ? 78  LYS A O    1 
ATOM   1048 C CB   . LYS A 1 82 ? 15.955  -9.939  7.974   1.00 30.32 ? 78  LYS A CB   1 
ATOM   1049 C CG   . LYS A 1 82 ? 16.684  -9.175  9.063   1.00 37.30 ? 78  LYS A CG   1 
ATOM   1050 C CD   . LYS A 1 82 ? 18.163  -9.480  9.092   1.00 38.67 ? 78  LYS A CD   1 
ATOM   1051 C CE   . LYS A 1 82 ? 18.600  -9.901  10.482  1.00 41.13 ? 78  LYS A CE   1 
ATOM   1052 N NZ   . LYS A 1 82 ? 17.755  -11.004 11.016  1.00 43.34 ? 78  LYS A NZ   1 
ATOM   1053 N N    . VAL A 1 83 ? 13.397  -8.774  6.042   1.00 26.92 ? 79  VAL A N    1 
ATOM   1054 C CA   . VAL A 1 83 ? 12.970  -8.747  4.653   1.00 21.30 ? 79  VAL A CA   1 
ATOM   1055 C C    . VAL A 1 83 ? 14.233  -8.391  3.880   1.00 16.02 ? 79  VAL A C    1 
ATOM   1056 O O    . VAL A 1 83 ? 14.945  -7.468  4.267   1.00 27.10 ? 79  VAL A O    1 
ATOM   1057 C CB   . VAL A 1 83 ? 11.915  -7.638  4.459   1.00 17.30 ? 79  VAL A CB   1 
ATOM   1058 C CG1  . VAL A 1 83 ? 11.595  -7.423  2.978   1.00 15.85 ? 79  VAL A CG1  1 
ATOM   1059 C CG2  . VAL A 1 83 ? 10.675  -7.939  5.292   1.00 21.88 ? 79  VAL A CG2  1 
ATOM   1060 N N    . GLU A 1 84 ? 14.513  -9.091  2.789   1.00 14.15 ? 80  GLU A N    1 
ATOM   1061 C CA   . GLU A 1 84 ? 15.697  -8.781  1.985   1.00 14.68 ? 80  GLU A CA   1 
ATOM   1062 C C    . GLU A 1 84 ? 15.315  -7.866  0.816   1.00 13.51 ? 80  GLU A C    1 
ATOM   1063 O O    . GLU A 1 84 ? 14.399  -8.161  0.057   1.00 14.64 ? 80  GLU A O    1 
ATOM   1064 C CB   . GLU A 1 84 ? 16.426  -10.046 1.481   1.00 18.06 ? 80  GLU A CB   1 
ATOM   1065 C CG   . GLU A 1 84 ? 17.674  -9.675  0.701   1.00 20.96 ? 80  GLU A CG   1 
ATOM   1066 C CD   . GLU A 1 84 ? 18.630  -10.822 0.392   1.00 20.82 ? 80  GLU A CD   1 
ATOM   1067 O OE1  . GLU A 1 84 ? 18.354  -12.004 0.750   1.00 19.36 ? 80  GLU A OE1  1 
ATOM   1068 O OE2  . GLU A 1 84 ? 19.681  -10.511 -0.221  1.00 17.53 ? 80  GLU A OE2  1 
ATOM   1069 H H    . GLU A 1 84 ? 14.042  -9.745  2.492   1.00 16.87 ? 80  GLU A H    1 
ATOM   1070 H HA   . GLU A 1 84 ? 16.329  -8.286  2.548   1.00 17.51 ? 80  GLU A HA   1 
ATOM   1071 H HB2  . GLU A 1 84 ? 16.689  -10.591 2.239   1.00 21.56 ? 80  GLU A HB2  1 
ATOM   1072 H HB3  . GLU A 1 84 ? 15.836  -10.546 0.894   1.00 21.56 ? 80  GLU A HB3  1 
ATOM   1073 H HG2  . GLU A 1 84 ? 17.402  -9.289  -0.146  1.00 25.05 ? 80  GLU A HG2  1 
ATOM   1074 H HG3  . GLU A 1 84 ? 18.169  -9.015  1.213   1.00 25.05 ? 80  GLU A HG3  1 
ATOM   1075 N N    . HIS A 1 85 ? 16.009  -6.740  0.714   1.00 12.89 ? 81  HIS A N    1 
ATOM   1076 C CA   . HIS A 1 85 ? 15.835  -5.797  -0.380  1.00 11.70 ? 81  HIS A CA   1 
ATOM   1077 C C    . HIS A 1 85 ? 17.037  -5.949  -1.313  1.00 12.63 ? 81  HIS A C    1 
ATOM   1078 O O    . HIS A 1 85 ? 18.193  -5.855  -0.890  1.00 14.95 ? 81  HIS A O    1 
ATOM   1079 C CB   . HIS A 1 85 ? 15.755  -4.360  0.141   1.00 12.87 ? 81  HIS A CB   1 
ATOM   1080 C CG   . HIS A 1 85 ? 15.424  -3.355  -0.921  1.00 13.15 ? 81  HIS A CG   1 
ATOM   1081 N ND1  . HIS A 1 85 ? 14.150  -2.866  -1.124  1.00 13.22 ? 81  HIS A ND1  1 
ATOM   1082 C CD2  . HIS A 1 85 ? 16.194  -2.804  -1.887  1.00 15.28 ? 81  HIS A CD2  1 
ATOM   1083 C CE1  . HIS A 1 85 ? 14.161  -2.021  -2.138  1.00 13.97 ? 81  HIS A CE1  1 
ATOM   1084 N NE2  . HIS A 1 85 ? 15.385  -1.978  -2.629  1.00 15.91 ? 81  HIS A NE2  1 
ATOM   1085 H H    . HIS A 1 85 ? 16.604  -6.495  1.283   1.00 15.36 ? 81  HIS A H    1 
ATOM   1086 H HA   . HIS A 1 85 ? 15.016  -6.004  -0.876  1.00 13.93 ? 81  HIS A HA   1 
ATOM   1087 H HB2  . HIS A 1 85 ? 15.066  -4.311  0.822   1.00 15.34 ? 81  HIS A HB2  1 
ATOM   1088 H HB3  . HIS A 1 85 ? 16.612  -4.117  0.524   1.00 15.34 ? 81  HIS A HB3  1 
ATOM   1089 H HD1  . HIS A 1 85 ? 13.462  -3.059  -0.644  1.00 15.75 ? 81  HIS A HD1  1 
ATOM   1090 H HD2  . HIS A 1 85 ? 17.103  -2.951  -2.018  1.00 18.23 ? 81  HIS A HD2  1 
ATOM   1091 H HE1  . HIS A 1 85 ? 13.427  -1.554  -2.466  1.00 16.66 ? 81  HIS A HE1  1 
ATOM   1092 H HE2  . HIS A 1 85 ? 15.641  -1.497  -3.294  1.00 18.99 ? 81  HIS A HE2  1 
ATOM   1093 N N    . ILE A 1 86 ? 16.752  -6.186  -2.585  1.00 12.10 ? 82  ILE A N    1 
ATOM   1094 C CA   . ILE A 1 86 ? 17.783  -6.472  -3.582  1.00 12.85 ? 82  ILE A CA   1 
ATOM   1095 C C    . ILE A 1 86 ? 17.647  -5.467  -4.716  1.00 13.72 ? 82  ILE A C    1 
ATOM   1096 O O    . ILE A 1 86 ? 16.572  -5.345  -5.304  1.00 14.67 ? 82  ILE A O    1 
ATOM   1097 C CB   . ILE A 1 86 ? 17.618  -7.929  -4.123  1.00 14.56 ? 82  ILE A CB   1 
ATOM   1098 C CG1  . ILE A 1 86 ? 17.652  -8.927  -2.966  1.00 15.21 ? 82  ILE A CG1  1 
ATOM   1099 C CG2  . ILE A 1 86 ? 18.687  -8.281  -5.162  1.00 16.32 ? 82  ILE A CG2  1 
ATOM   1100 C CD1  . ILE A 1 86 ? 17.256  -10.328 -3.365  1.00 16.56 ? 82  ILE A CD1  1 
ATOM   1101 H H    . ILE A 1 86 ? 15.954  -6.189  -2.906  1.00 14.41 ? 82  ILE A H    1 
ATOM   1102 H HA   . ILE A 1 86 ? 18.672  -6.380  -3.179  1.00 15.32 ? 82  ILE A HA   1 
ATOM   1103 H HB   . ILE A 1 86 ? 16.750  -7.995  -4.550  1.00 17.36 ? 82  ILE A HB   1 
ATOM   1104 H HG12 . ILE A 1 86 ? 18.553  -8.964  -2.609  1.00 18.14 ? 82  ILE A HG12 1 
ATOM   1105 H HG13 . ILE A 1 86 ? 17.037  -8.630  -2.277  1.00 18.14 ? 82  ILE A HG13 1 
ATOM   1106 H HG21 . ILE A 1 86 ? 18.544  -9.181  -5.463  1.00 19.48 ? 82  ILE A HG21 1 
ATOM   1107 H HG22 . ILE A 1 86 ? 18.614  -7.672  -5.901  1.00 19.48 ? 82  ILE A HG22 1 
ATOM   1108 H HG23 . ILE A 1 86 ? 19.554  -8.204  -4.758  1.00 19.48 ? 82  ILE A HG23 1 
ATOM   1109 H HD11 . ILE A 1 86 ? 17.300  -10.897 -2.592  1.00 19.77 ? 82  ILE A HD11 1 
ATOM   1110 H HD12 . ILE A 1 86 ? 16.361  -10.313 -3.710  1.00 19.77 ? 82  ILE A HD12 1 
ATOM   1111 H HD13 . ILE A 1 86 ? 17.862  -10.644 -4.039  1.00 19.77 ? 82  ILE A HD13 1 
ATOM   1112 N N    . GLY A 1 87 ? 18.715  -4.734  -5.023  1.00 16.92 ? 83  GLY A N    1 
ATOM   1113 C CA   . GLY A 1 87 ? 18.667  -3.750  -6.090  1.00 19.50 ? 83  GLY A CA   1 
ATOM   1114 C C    . GLY A 1 87 ? 18.442  -2.330  -5.576  1.00 18.51 ? 83  GLY A C    1 
ATOM   1115 O O    . GLY A 1 87 ? 18.640  -2.052  -4.395  1.00 27.48 ? 83  GLY A O    1 
ATOM   1116 N N    . ALA A 1 88 ? 18.001  -1.443  -6.458  1.00 24.13 ? 84  ALA A N    1 
ATOM   1117 C CA   . ALA A 1 88 ? 17.988  -0.002  -6.190  1.00 31.07 ? 84  ALA A CA   1 
ATOM   1118 C C    . ALA A 1 88 ? 16.761  0.558   -5.453  1.00 36.83 ? 84  ALA A C    1 
ATOM   1119 O O    . ALA A 1 88 ? 15.927  -0.186  -4.919  1.00 30.11 ? 84  ALA A O    1 
ATOM   1120 C CB   . ALA A 1 88 ? 18.156  0.742   -7.489  1.00 36.15 ? 84  ALA A CB   1 
ATOM   1121 N N    . LYS A 1 89 ? 16.723  1.895   -5.419  1.00 42.24 ? 85  LYS A N    1 
ATOM   1122 C CA   . LYS A 1 89 ? 15.536  2.744   -5.166  1.00 37.17 ? 85  LYS A CA   1 
ATOM   1123 C C    . LYS A 1 89 ? 14.713  2.448   -3.913  1.00 35.82 ? 85  LYS A C    1 
ATOM   1124 O O    . LYS A 1 89 ? 15.218  1.836   -2.967  1.00 45.58 ? 85  LYS A O    1 
ATOM   1125 C CB   . LYS A 1 89 ? 14.629  2.764   -6.403  1.00 41.80 ? 85  LYS A CB   1 
ATOM   1126 C CG   . LYS A 1 89 ? 14.493  4.139   -7.049  1.00 42.25 ? 85  LYS A CG   1 
ATOM   1127 C CD   . LYS A 1 89 ? 15.595  4.392   -8.061  1.00 39.68 ? 85  LYS A CD   1 
ATOM   1128 C CE   . LYS A 1 89 ? 16.275  5.733   -7.829  1.00 44.21 ? 85  LYS A CE   1 
ATOM   1129 N NZ   . LYS A 1 89 ? 17.484  5.870   -8.697  1.00 47.99 ? 85  LYS A NZ   1 
ATOM   1130 N N    . PRO A 1 90 ? 13.430  2.879   -3.892  1.00 39.33 ? 86  PRO A N    1 
ATOM   1131 C CA   . PRO A 1 90 ? 12.604  3.518   -4.932  1.00 38.82 ? 86  PRO A CA   1 
ATOM   1132 C C    . PRO A 1 90 ? 12.680  5.044   -5.008  1.00 41.88 ? 86  PRO A C    1 
ATOM   1133 O O    . PRO A 1 90 ? 13.168  5.711   -4.089  1.00 41.59 ? 86  PRO A O    1 
ATOM   1134 C CB   . PRO A 1 90 ? 11.182  3.120   -4.523  1.00 38.51 ? 86  PRO A CB   1 
ATOM   1135 C CG   . PRO A 1 90 ? 11.242  3.094   -3.038  1.00 34.17 ? 86  PRO A CG   1 
ATOM   1136 C CD   . PRO A 1 90 ? 12.636  2.582   -2.686  1.00 37.04 ? 86  PRO A CD   1 
ATOM   1137 N N    . SER A 1 91 ? 12.178  5.579   -6.120  1.00 41.20 ? 87  SER A N    1 
ATOM   1138 C CA   . SER A 1 91 ? 12.012  7.019   -6.298  1.00 43.67 ? 87  SER A CA   1 
ATOM   1139 C C    . SER A 1 91 ? 10.737  7.497   -5.608  1.00 45.32 ? 87  SER A C    1 
ATOM   1140 O O    . SER A 1 91 ? 10.791  8.181   -4.586  1.00 47.06 ? 87  SER A O    1 
ATOM   1141 C CB   . SER A 1 91 ? 11.945  7.371   -7.785  1.00 44.86 ? 87  SER A CB   1 
ATOM   1142 O OG   . SER A 1 91 ? 13.124  8.031   -8.217  1.00 48.16 ? 87  SER A OG   1 
HETATM 1143 O O    . HOH B 2 .  ? 6.567   -1.449  -7.106  1.00 16.21 ? 101 HOH A O    1 
HETATM 1144 O O    . HOH B 2 .  ? -7.843  3.333   16.453  1.00 17.31 ? 102 HOH A O    1 
HETATM 1145 O O    . HOH B 2 .  ? -4.686  7.548   5.097   1.00 15.93 ? 103 HOH A O    1 
HETATM 1146 O O    . HOH B 2 .  ? 0.344   10.879  9.213   1.00 14.80 ? 104 HOH A O    1 
HETATM 1147 O O    . HOH B 2 .  ? -12.322 1.967   10.989  1.00 16.61 ? 105 HOH A O    1 
HETATM 1148 O O    . HOH B 2 .  ? -0.712  3.425   13.422  1.00 15.37 ? 106 HOH A O    1 
HETATM 1149 O O    . HOH B 2 .  ? -8.310  -0.602  16.874  1.00 18.70 ? 107 HOH A O    1 
HETATM 1150 O O    . HOH B 2 .  ? 20.351  -7.666  -0.759  1.00 18.53 ? 108 HOH A O    1 
HETATM 1151 O O    . HOH B 2 .  ? -3.558  -7.703  -10.765 1.00 20.47 ? 109 HOH A O    1 
HETATM 1152 O O    . HOH B 2 .  ? -5.020  10.020  -0.882  1.00 19.46 ? 110 HOH A O    1 
HETATM 1153 O O    . HOH B 2 .  ? 5.943   7.931   6.306   1.00 21.23 ? 111 HOH A O    1 
HETATM 1154 O O    . HOH B 2 .  ? 18.125  -6.211  2.653   1.00 22.69 ? 112 HOH A O    1 
HETATM 1155 O O    . HOH B 2 .  ? 1.530   12.727  7.580   1.00 23.22 ? 113 HOH A O    1 
HETATM 1156 O O    . HOH B 2 .  ? -11.733 5.383   5.287   1.00 22.92 ? 114 HOH A O    1 
HETATM 1157 O O    . HOH B 2 .  ? 12.976  0.678   0.310   1.00 25.65 ? 115 HOH A O    1 
HETATM 1158 O O    . HOH B 2 .  ? -5.935  -9.064  4.471   1.00 23.62 ? 116 HOH A O    1 
HETATM 1159 O O    . HOH B 2 .  ? -5.835  -3.699  17.097  1.00 28.65 ? 117 HOH A O    1 
HETATM 1160 O O    . HOH B 2 .  ? -8.639  -4.603  5.887   1.00 25.23 ? 118 HOH A O    1 
HETATM 1161 O O    . HOH B 2 .  ? 3.348   -3.978  -6.468  1.00 25.28 ? 119 HOH A O    1 
HETATM 1162 O O    . HOH B 2 .  ? -9.142  4.932   12.056  1.00 27.40 ? 120 HOH A O    1 
HETATM 1163 O O    . HOH B 2 .  ? 1.605   10.754  -2.978  1.00 28.37 ? 121 HOH A O    1 
HETATM 1164 O O    . HOH B 2 .  ? 19.513  -3.577  -0.435  1.00 28.31 ? 122 HOH A O    1 
HETATM 1165 O O    . HOH B 2 .  ? 18.060  -12.766 3.039   1.00 34.61 ? 123 HOH A O    1 
HETATM 1166 O O    . HOH B 2 .  ? 6.135   0.864   8.268   1.00 26.53 ? 124 HOH A O    1 
HETATM 1167 O O    . HOH B 2 .  ? -5.221  10.147  1.916   1.00 29.95 ? 125 HOH A O    1 
HETATM 1168 O O    . HOH B 2 .  ? -13.679 2.871   8.719   1.00 25.86 ? 126 HOH A O    1 
HETATM 1169 O O    . HOH B 2 .  ? 7.669   6.553   2.387   1.00 24.39 ? 127 HOH A O    1 
HETATM 1170 O O    . HOH B 2 .  ? -13.070 1.425   16.650  1.00 35.16 ? 128 HOH A O    1 
HETATM 1171 O O    . HOH B 2 .  ? -0.309  11.085  4.008   1.00 26.69 ? 129 HOH A O    1 
HETATM 1172 O O    . HOH B 2 .  ? -12.014 4.767   11.708  1.00 28.33 ? 130 HOH A O    1 
HETATM 1173 O O    . HOH B 2 .  ? -14.615 0.977   14.477  1.00 35.91 ? 131 HOH A O    1 
HETATM 1174 O O    . HOH B 2 .  ? 3.769   9.962   -5.006  1.00 38.93 ? 132 HOH A O    1 
HETATM 1175 O O    . HOH B 2 .  ? -7.515  6.028   6.164   1.00 25.76 ? 133 HOH A O    1 
HETATM 1176 O O    . HOH B 2 .  ? 2.205   8.529   -9.777  1.00 31.08 ? 134 HOH A O    1 
HETATM 1177 O O    . HOH B 2 .  ? 2.151   -1.437  -10.070 1.00 30.76 ? 135 HOH A O    1 
HETATM 1178 O O    . HOH B 2 .  ? -8.658  7.517   -12.423 1.00 30.21 ? 136 HOH A O    1 
HETATM 1179 O O    . HOH B 2 .  ? 3.532   6.169   0.635   1.00 24.55 ? 137 HOH A O    1 
HETATM 1180 O O    . HOH B 2 .  ? -8.819  7.579   -7.438  1.00 27.42 ? 138 HOH A O    1 
HETATM 1181 O O    . HOH B 2 .  ? 7.367   -3.939  -6.407  1.00 23.68 ? 139 HOH A O    1 
HETATM 1182 O O    . HOH B 2 .  ? 3.537   8.220   -7.316  1.00 32.99 ? 140 HOH A O    1 
HETATM 1183 O O    . HOH B 2 .  ? -13.228 5.148   7.665   1.00 33.44 ? 141 HOH A O    1 
HETATM 1184 O O    . HOH B 2 .  ? 16.173  -13.369 1.632   1.00 27.70 ? 142 HOH A O    1 
HETATM 1185 O O    . HOH B 2 .  ? -9.797  -2.872  17.724  1.00 44.10 ? 143 HOH A O    1 
HETATM 1186 O O    . HOH B 2 .  ? -0.749  -12.961 9.946   1.00 29.95 ? 144 HOH A O    1 
HETATM 1187 O O    . HOH B 2 .  ? -3.711  0.297   -14.324 1.00 38.21 ? 145 HOH A O    1 
HETATM 1188 O O    . HOH B 2 .  ? 2.633   10.415  -0.558  1.00 33.63 ? 146 HOH A O    1 
HETATM 1189 O O    . HOH B 2 .  ? -3.299  -3.983  -13.484 1.00 36.77 ? 147 HOH A O    1 
HETATM 1190 O O    . HOH B 2 .  ? 10.668  -3.371  6.470   1.00 32.54 ? 148 HOH A O    1 
HETATM 1191 O O    . HOH B 2 .  ? -6.274  -8.975  11.642  1.00 32.82 ? 149 HOH A O    1 
HETATM 1192 O O    . HOH B 2 .  ? -6.868  10.713  6.171   1.00 45.13 ? 150 HOH A O    1 
HETATM 1193 O O    . HOH B 2 .  ? 6.171   8.870   -1.968  1.00 31.19 ? 151 HOH A O    1 
HETATM 1194 O O    . HOH B 2 .  ? 20.846  -3.854  -3.146  1.00 27.18 ? 152 HOH A O    1 
HETATM 1195 O O    . HOH B 2 .  ? 6.907   2.958   9.154   1.00 29.77 ? 153 HOH A O    1 
HETATM 1196 O O    . HOH B 2 .  ? 4.434   -3.343  -9.067  0.50 49.81 ? 154 HOH A O    1 
HETATM 1197 O O    . HOH B 2 .  ? 4.514   0.296   -9.832  1.00 34.35 ? 155 HOH A O    1 
HETATM 1198 O O    . HOH B 2 .  ? 8.659   -0.025  6.966   1.00 37.69 ? 156 HOH A O    1 
HETATM 1199 O O    . HOH B 2 .  ? -10.799 -8.678  9.829   1.00 30.00 ? 157 HOH A O    1 
HETATM 1200 O O    . HOH B 2 .  ? -13.554 1.201   -10.184 1.00 29.06 ? 158 HOH A O    1 
HETATM 1201 O O    . HOH B 2 .  ? -6.114  11.532  8.553   1.00 36.26 ? 159 HOH A O    1 
HETATM 1202 O O    . HOH B 2 .  ? 15.383  -12.697 10.348  1.00 35.58 ? 160 HOH A O    1 
HETATM 1203 O O    . HOH B 2 .  ? -5.089  -5.560  -13.041 1.00 38.63 ? 161 HOH A O    1 
HETATM 1204 O O    . HOH B 2 .  ? 11.108  -11.506 5.600   1.00 20.29 ? 162 HOH A O    1 
HETATM 1205 O O    . HOH B 2 .  ? -6.311  7.490   -18.129 1.00 24.28 ? 163 HOH A O    1 
HETATM 1206 O O    . HOH B 2 .  ? -6.694  -14.129 -4.545  1.00 45.28 ? 164 HOH A O    1 
HETATM 1207 O O    . HOH B 2 .  ? 6.163   -13.087 12.985  1.00 40.30 ? 165 HOH A O    1 
HETATM 1208 O O    . HOH B 2 .  ? -7.276  5.118   -16.264 1.00 43.60 ? 166 HOH A O    1 
HETATM 1209 O O    . HOH B 2 .  ? 0.423   13.352  -3.087  1.00 46.65 ? 167 HOH A O    1 
HETATM 1210 O O    . HOH B 2 .  ? 4.178   -9.618  15.674  1.00 38.79 ? 168 HOH A O    1 
HETATM 1211 O O    . HOH B 2 .  ? 4.104   7.649   -14.266 1.00 47.71 ? 169 HOH A O    1 
HETATM 1212 O O    . HOH B 2 .  ? 13.872  -6.258  7.533   1.00 31.38 ? 170 HOH A O    1 
HETATM 1213 O O    . HOH B 2 .  ? 9.285   -5.208  7.587   1.00 38.63 ? 171 HOH A O    1 
HETATM 1214 O O    . HOH B 2 .  ? -1.249  -8.286  11.035  1.00 30.05 ? 172 HOH A O    1 
HETATM 1215 O O    . HOH B 2 .  ? -12.339 1.702   -16.069 1.00 42.23 ? 173 HOH A O    1 
HETATM 1216 O O    . HOH B 2 .  ? 2.018   -6.813  18.612  1.00 42.70 ? 174 HOH A O    1 
HETATM 1217 O O    . HOH B 2 .  ? -4.349  0.966   -16.621 1.00 46.22 ? 175 HOH A O    1 
HETATM 1218 O O    . HOH B 2 .  ? -1.670  -11.843 12.481  1.00 40.02 ? 176 HOH A O    1 
HETATM 1219 O O    . HOH B 2 .  ? 4.141   -11.512 13.453  1.00 37.83 ? 177 HOH A O    1 
HETATM 1220 O O    . HOH B 2 .  ? 2.255   -3.233  -11.776 1.00 44.40 ? 178 HOH A O    1 
HETATM 1221 O O    . HOH B 2 .  ? -5.002  -2.565  -16.548 1.00 42.67 ? 179 HOH A O    1 
HETATM 1222 O O    . HOH B 2 .  ? -0.568  3.667   -20.245 1.00 48.04 ? 180 HOH A O    1 
HETATM 1223 O O    . HOH B 2 .  ? -0.754  12.215  -17.181 1.00 38.54 ? 181 HOH A O    1 
HETATM 1224 O O    . HOH B 2 .  ? 9.418   -11.994 12.953  1.00 41.73 ? 182 HOH A O    1 
HETATM 1225 O O    . HOH B 2 .  ? 15.147  -13.381 6.707   1.00 42.69 ? 183 HOH A O    1 
HETATM 1226 O O    . HOH B 2 .  ? -12.638 6.376   9.677   1.00 50.84 ? 184 HOH A O    1 
HETATM 1227 O O    . HOH B 2 .  ? -6.750  -2.611  19.504  1.00 44.93 ? 185 HOH A O    1 
HETATM 1228 O O    . HOH B 2 .  ? -11.308 5.031   -12.590 1.00 48.40 ? 186 HOH A O    1 
HETATM 1229 O O    . HOH B 2 .  ? 4.061   7.369   -11.448 1.00 49.25 ? 187 HOH A O    1 
HETATM 1230 O O    . HOH B 2 .  ? -11.650 8.300   -1.373  1.00 47.22 ? 188 HOH A O    1 
HETATM 1231 O O    . HOH B 2 .  ? 2.217   -5.506  20.333  1.00 48.52 ? 189 HOH A O    1 
HETATM 1232 O O    . HOH B 2 .  ? -11.566 -2.121  15.788  1.00 48.02 ? 190 HOH A O    1 
HETATM 1233 O O    . HOH B 2 .  ? -7.969  -6.941  12.869  1.00 25.61 ? 191 HOH A O    1 
HETATM 1234 O O    . HOH B 2 .  ? 4.539   8.305   0.188   1.00 41.28 ? 192 HOH A O    1 
HETATM 1235 O O    . HOH B 2 .  ? -2.836  -14.886 9.018   1.00 37.85 ? 193 HOH A O    1 
HETATM 1236 O O    . HOH B 2 .  ? -14.808 5.688   -5.949  1.00 47.14 ? 194 HOH A O    1 
HETATM 1237 O O    . HOH B 2 .  ? -12.516 7.821   -3.693  1.00 50.06 ? 195 HOH A O    1 
HETATM 1238 O O    . HOH B 2 .  ? 11.523  -6.954  9.270   1.00 42.38 ? 196 HOH A O    1 
HETATM 1239 O O    . HOH B 2 .  ? 19.078  0.076   -2.181  1.00 49.37 ? 197 HOH A O    1 
HETATM 1240 O O    . HOH B 2 .  ? -4.243  -6.309  15.349  1.00 47.60 ? 198 HOH A O    1 
HETATM 1241 O O    . HOH B 2 .  ? -1.672  -6.030  -14.477 1.00 50.91 ? 199 HOH A O    1 
HETATM 1242 O O    . HOH B 2 .  ? -8.216  8.900   6.731   1.00 50.88 ? 200 HOH A O    1 
HETATM 1243 O O    . HOH B 2 .  ? -13.375 -2.424  16.890  1.00 50.75 ? 201 HOH A O    1 
HETATM 1244 O O    . HOH B 2 .  ? 9.094   -4.547  9.767   1.00 53.05 ? 202 HOH A O    1 
# 
loop_
_atom_site_anisotrop.id 
_atom_site_anisotrop.type_symbol 
_atom_site_anisotrop.pdbx_label_atom_id 
_atom_site_anisotrop.pdbx_label_alt_id 
_atom_site_anisotrop.pdbx_label_comp_id 
_atom_site_anisotrop.pdbx_label_asym_id 
_atom_site_anisotrop.pdbx_label_seq_id 
_atom_site_anisotrop.pdbx_PDB_ins_code 
_atom_site_anisotrop.U[1][1] 
_atom_site_anisotrop.U[2][2] 
_atom_site_anisotrop.U[3][3] 
_atom_site_anisotrop.U[1][2] 
_atom_site_anisotrop.U[1][3] 
_atom_site_anisotrop.U[2][3] 
_atom_site_anisotrop.pdbx_auth_seq_id 
_atom_site_anisotrop.pdbx_auth_comp_id 
_atom_site_anisotrop.pdbx_auth_asym_id 
_atom_site_anisotrop.pdbx_auth_atom_id 
1    N N   . HIS A 3  ? 0.5262 0.5974 0.5111 -0.0350 0.0462  0.0134  -1 HIS A N   
2    C CA  . HIS A 3  ? 0.6295 0.1906 0.4120 -0.0643 0.0637  0.0187  -1 HIS A CA  
3    C C   . HIS A 3  ? 0.5084 0.1911 0.3354 -0.0103 0.0619  0.0242  -1 HIS A C   
4    O O   . HIS A 3  ? 0.5129 0.2385 0.3174 -0.0116 0.0975  -0.0362 -1 HIS A O   
5    C CB  . HIS A 3  ? 0.6843 0.3740 0.3801 -0.0470 0.2404  0.0559  -1 HIS A CB  
6    C CG  . HIS A 3  ? 0.4820 0.1758 0.4422 -0.0502 0.0219  0.0980  -1 HIS A CG  
7    N ND1 . HIS A 3  ? 0.5466 0.3814 0.3405 0.0325  0.0038  -0.0790 -1 HIS A ND1 
8    C CD2 . HIS A 3  ? 0.4585 0.3034 0.2173 -0.0022 0.0200  -0.1263 -1 HIS A CD2 
9    C CE1 . HIS A 3  ? 0.4192 0.1325 0.4264 -0.0109 0.0542  -0.0134 -1 HIS A CE1 
10   N NE2 . HIS A 3  ? 0.3026 0.3239 0.2659 0.0100  0.1263  -0.0099 -1 HIS A NE2 
11   N N   . MET A 4  ? 0.5732 0.1956 0.1654 0.0930  -0.0513 -0.0150 0  MET A N   
12   C CA  . MET A 4  ? 0.4452 0.2319 0.1915 0.0473  -0.0008 -0.0876 0  MET A CA  
13   C C   . MET A 4  ? 0.3429 0.2116 0.2640 0.0909  -0.0351 0.0010  0  MET A C   
14   O O   . MET A 4  ? 0.6471 0.2785 0.2687 0.1834  -0.1066 -0.0650 0  MET A O   
15   C CB  . MET A 4  ? 0.4465 0.2024 0.3136 0.1270  -0.1181 -0.0269 0  MET A CB  
16   C CG  . MET A 4  ? 0.3871 0.1723 0.3693 0.0907  -0.1179 -0.0098 0  MET A CG  
17   S SD  . MET A 4  ? 0.2352 0.2086 0.2068 0.0132  0.0080  -0.0152 0  MET A SD  
18   C CE  . MET A 4  ? 0.2416 0.2184 0.2621 -0.0108 0.0572  -0.0561 0  MET A CE  
19   N N   . MET A 5  ? 0.2613 0.1658 0.1256 0.0300  0.0253  -0.0150 1  MET A N   
20   C CA  . MET A 5  ? 0.2462 0.1853 0.2441 0.0130  0.0380  0.0479  1  MET A CA  
21   C C   . MET A 5  ? 0.2534 0.2156 0.1503 0.0640  0.0240  -0.0113 1  MET A C   
22   O O   . MET A 5  ? 0.2316 0.1954 0.2439 0.0689  0.0509  0.0424  1  MET A O   
23   C CB  . MET A 5  ? 0.3067 0.2702 0.2876 -0.1343 0.0528  -0.1096 1  MET A CB  
24   C CG  . MET A 5  ? 0.4298 0.3874 0.4649 0.0275  -0.1109 -0.0419 1  MET A CG  
25   S SD  . MET A 5  ? 0.4936 0.3058 0.6366 0.0994  -0.2203 -0.0898 1  MET A SD  
26   C CE  . MET A 5  ? 0.3849 0.3353 0.5075 0.0429  -0.0907 -0.0658 1  MET A CE  
27   N N   . LEU A 6  ? 0.2672 0.2317 0.1224 0.0792  0.0205  0.0380  2  LEU A N   
28   C CA  . LEU A 6  ? 0.1770 0.1958 0.1849 0.0444  -0.0302 -0.0364 2  LEU A CA  
29   C C   . LEU A 6  ? 0.1828 0.1899 0.1413 0.0602  -0.0049 -0.0094 2  LEU A C   
30   O O   . LEU A 6  ? 0.2455 0.1494 0.2042 0.0377  -0.0128 -0.0086 2  LEU A O   
31   C CB  . LEU A 6  ? 0.1796 0.3612 0.1983 0.0785  0.0321  -0.0176 2  LEU A CB  
32   C CG  . LEU A 6  ? 0.2249 0.1695 0.4321 0.0331  0.0200  0.0300  2  LEU A CG  
33   C CD1 . LEU A 6  ? 0.2194 0.3772 0.3518 0.1456  0.0036  0.0181  2  LEU A CD1 
34   C CD2 . LEU A 6  ? 0.1756 0.3340 0.2830 0.0732  0.0330  0.0230  2  LEU A CD2 
35   N N   . VAL A 7  ? 0.1647 0.1675 0.1507 0.0266  -0.0414 -0.0230 3  VAL A N   
36   C CA  . VAL A 7  ? 0.1478 0.1543 0.2172 0.0085  0.0159  0.0189  3  VAL A CA  
37   C C   . VAL A 7  ? 0.1605 0.1212 0.1944 0.0014  -0.0299 0.0009  3  VAL A C   
38   O O   . VAL A 7  ? 0.2218 0.1783 0.1697 -0.0253 0.0090  -0.0273 3  VAL A O   
39   C CB  . VAL A 7  ? 0.1434 0.3470 0.1734 -0.0374 -0.0098 0.0250  3  VAL A CB  
40   C CG1 . VAL A 7  ? 0.2179 0.3142 0.2966 0.0216  -0.0238 -0.0528 3  VAL A CG1 
41   C CG2 . VAL A 7  ? 0.1684 0.2519 0.3090 0.0526  -0.0051 0.0222  3  VAL A CG2 
51   N N   . LEU A 8  ? 0.1552 0.1322 0.1469 0.0033  -0.0125 0.0212  4  LEU A N   
52   C CA  . LEU A 8  ? 0.1905 0.1169 0.1808 -0.0186 0.0137  -0.0200 4  LEU A CA  
53   C C   . LEU A 8  ? 0.1440 0.1825 0.1171 -0.0211 -0.0053 0.0019  4  LEU A C   
54   O O   . LEU A 8  ? 0.1466 0.1715 0.1723 -0.0256 -0.0191 0.0185  4  LEU A O   
55   C CB  . LEU A 8  ? 0.1995 0.1617 0.1999 -0.0347 0.0483  -0.0197 4  LEU A CB  
56   C CG  . LEU A 8  ? 0.2527 0.2582 0.2222 0.0355  -0.0461 0.0486  4  LEU A CG  
57   C CD1 . LEU A 8  ? 0.1897 0.1955 0.4661 -0.0389 0.0623  0.0641  4  LEU A CD1 
58   C CD2 . LEU A 8  ? 0.1739 0.2440 0.3768 0.0067  -0.0100 -0.0090 4  LEU A CD2 
70   N N   . ILE A 9  ? 0.1226 0.1657 0.1710 0.0056  -0.0007 -0.0026 5  ILE A N   
71   C CA  . ILE A 9  ? 0.1592 0.1413 0.2010 0.0135  0.0233  -0.0076 5  ILE A CA  
72   C C   . ILE A 9  ? 0.1139 0.1669 0.1409 0.0042  -0.0091 -0.0115 5  ILE A C   
73   O O   . ILE A 9  ? 0.1138 0.1917 0.1608 -0.0078 -0.0057 -0.0078 5  ILE A O   
74   C CB  . ILE A 9  ? 0.2158 0.1953 0.1731 0.0582  -0.0550 -0.0532 5  ILE A CB  
75   C CG1 . ILE A 9  ? 0.3061 0.2799 0.2202 0.0916  0.0009  -0.0888 5  ILE A CG1 
76   C CG2 . ILE A 9  ? 0.2114 0.2026 0.1561 0.0149  -0.0068 -0.0502 5  ILE A CG2 
77   C CD1 . ILE A 9  ? 0.6247 0.1985 0.3173 -0.0337 0.0280  -0.0599 5  ILE A CD1 
89   N N   . THR A 10 ? 0.1336 0.1440 0.1483 -0.0074 0.0300  0.0129  6  THR A N   
90   C CA  . THR A 10 ? 0.1329 0.1437 0.1397 0.0023  -0.0212 0.0059  6  THR A CA  
91   C C   . THR A 10 ? 0.1652 0.1584 0.1295 0.0184  0.0159  0.0315  6  THR A C   
92   O O   . THR A 10 ? 0.1374 0.1523 0.1589 -0.0144 0.0075  0.0131  6  THR A O   
93   C CB  . THR A 10 ? 0.1578 0.1623 0.1568 0.0228  0.0077  -0.0184 6  THR A CB  
94   O OG1 . THR A 10 ? 0.1406 0.1566 0.1625 -0.0057 -0.0058 -0.0066 6  THR A OG1 
95   C CG2 . THR A 10 ? 0.1385 0.1767 0.1634 0.0393  -0.0199 -0.0150 6  THR A CG2 
103  N N   . TYR A 11 ? 0.1293 0.1420 0.1568 0.0142  0.0047  0.0246  7  TYR A N   
104  C CA  . TYR A 11 ? 0.1383 0.1435 0.1379 0.0026  0.0068  0.0264  7  TYR A CA  
105  C C   . TYR A 11 ? 0.1756 0.1274 0.1705 -0.0145 0.0203  0.0080  7  TYR A C   
106  O O   . TYR A 11 ? 0.1953 0.1928 0.1828 -0.0334 0.0467  -0.0027 7  TYR A O   
107  C CB  . TYR A 11 ? 0.1687 0.1599 0.1250 0.0079  0.0077  0.0150  7  TYR A CB  
108  C CG  . TYR A 11 ? 0.1687 0.2024 0.1542 0.0114  0.0176  -0.0123 7  TYR A CG  
109  C CD1 . TYR A 11 ? 0.2073 0.1276 0.1703 0.0350  -0.0020 0.0207  7  TYR A CD1 
110  C CD2 . TYR A 11 ? 0.2094 0.1387 0.1485 -0.0108 -0.0226 0.0035  7  TYR A CD2 
111  C CE1 . TYR A 11 ? 0.2227 0.1237 0.1792 0.0067  0.0261  0.0313  7  TYR A CE1 
112  C CE2 . TYR A 11 ? 0.2349 0.1572 0.1745 0.0183  -0.0104 0.0311  7  TYR A CE2 
113  C CZ  . TYR A 11 ? 0.1906 0.1787 0.1724 0.0573  -0.0303 0.0316  7  TYR A CZ  
114  O OH  . TYR A 11 ? 0.2817 0.1583 0.1951 0.0521  -0.0298 0.0199  7  TYR A OH  
124  N N   . ASP A 12 ? 0.1587 0.1763 0.1711 -0.0089 -0.0003 0.0217  8  ASP A N   
125  C CA  . ASP A 12 ? 0.1831 0.1842 0.1277 0.0057  -0.0147 0.0143  8  ASP A CA  
126  C C   . ASP A 12 ? 0.2168 0.1826 0.2024 0.0595  0.0070  0.0326  8  ASP A C   
127  O O   . ASP A 12 ? 0.1729 0.2549 0.2006 0.0362  0.0145  0.0590  8  ASP A O   
128  C CB  . ASP A 12 ? 0.2011 0.2079 0.1194 0.0281  -0.0290 -0.0070 8  ASP A CB  
129  C CG  . ASP A 12 ? 0.1919 0.2009 0.1997 -0.0052 -0.0392 0.0383  8  ASP A CG  
130  O OD1 . ASP A 12 ? 0.3859 0.2209 0.2272 -0.0043 0.0673  -0.0538 8  ASP A OD1 
131  O OD2 . ASP A 12 ? 0.1802 0.2047 0.2507 0.0250  -0.0283 0.0065  8  ASP A OD2 
132  N N   . VAL A 13 ? 0.2826 0.1705 0.2235 0.0704  -0.0668 0.0279  9  VAL A N   
133  C CA  . VAL A 13 ? 0.2543 0.1994 0.2759 -0.0185 0.0482  -0.0114 9  VAL A CA  
134  C C   . VAL A 13 ? 0.4195 0.4175 0.3751 0.0838  0.0160  -0.0044 9  VAL A C   
135  O O   . VAL A 13 ? 0.5078 0.4102 0.2737 0.0334  0.1144  -0.0173 9  VAL A O   
136  C CB  . VAL A 13 ? 0.2171 0.2100 0.2779 0.0581  0.0461  0.0627  9  VAL A CB  
137  C CG1 . VAL A 13 ? 0.3176 0.2160 0.3369 0.0422  0.0076  0.0194  9  VAL A CG1 
138  C CG2 . VAL A 13 ? 0.3147 0.2259 0.2494 0.0370  0.0338  0.0615  9  VAL A CG2 
148  N N   . SER A 17 ? 0.6097 0.6573 0.4396 0.0357  0.0036  0.0633  13 SER A N   
149  C CA  . SER A 17 ? 0.6315 0.5481 0.5031 0.0061  0.0307  0.0521  13 SER A CA  
150  C C   . SER A 17 ? 0.5608 0.5094 0.5228 0.0191  -0.0004 0.0412  13 SER A C   
151  O O   . SER A 17 ? 0.6260 0.5587 0.4899 0.0078  -0.0097 0.0786  13 SER A O   
152  C CB  . SER A 17 ? 0.6358 0.6609 0.4794 -0.0069 0.0265  0.0415  13 SER A CB  
153  O OG  . SER A 17 ? 0.7167 0.7198 0.3726 -0.0003 -0.0074 -0.0100 13 SER A OG  
154  N N   . MET A 18 ? 0.6425 0.4998 0.4761 0.0361  0.0498  0.0334  14 MET A N   
155  C CA  . MET A 18 ? 0.6435 0.4660 0.4093 0.0072  -0.0093 0.0643  14 MET A CA  
156  C C   . MET A 18 ? 0.5564 0.3833 0.4166 0.0016  -0.0373 0.0692  14 MET A C   
157  O O   . MET A 18 ? 0.4649 0.3038 0.6434 0.0027  -0.0267 0.1879  14 MET A O   
158  C CB  . MET A 18 ? 0.5967 0.5517 0.4094 0.0464  -0.0599 0.0937  14 MET A CB  
159  C CG  . MET A 18 ? 0.6012 0.5949 0.4830 -0.0145 -0.0644 0.0516  14 MET A CG  
160  S SD  . MET A 18 ? 0.7792 0.7110 0.7505 0.0014  -0.0267 0.0383  14 MET A SD  
161  C CE  . MET A 18 ? 0.5542 0.5787 0.5158 -0.0015 -0.0164 0.0916  14 MET A CE  
162  N N   . GLY A 19 ? 0.5139 0.3972 0.3862 -0.0013 0.0301  0.1380  15 GLY A N   
163  C CA  . GLY A 19 ? 0.4445 0.3420 0.1877 -0.0214 0.0478  0.1091  15 GLY A CA  
164  C C   . GLY A 19 ? 0.3402 0.2697 0.2821 0.0733  -0.1218 0.0556  15 GLY A C   
165  O O   . GLY A 19 ? 0.3219 0.3266 0.1837 -0.0183 -0.0255 0.0560  15 GLY A O   
166  N N   . GLY A 20 ? 0.3202 0.3211 0.2816 -0.0313 -0.0020 0.0744  16 GLY A N   
167  C CA  . GLY A 20 ? 0.3145 0.2783 0.1997 -0.0081 0.0197  0.0181  16 GLY A CA  
168  C C   . GLY A 20 ? 0.3006 0.2128 0.2202 -0.0197 0.0390  0.0331  16 GLY A C   
169  O O   . GLY A 20 ? 0.2919 0.2381 0.1910 0.0060  0.0053  0.0518  16 GLY A O   
170  N N   . THR A 21 ? 0.3811 0.2732 0.2337 0.0029  0.0224  0.0666  17 THR A N   
171  C CA  . THR A 21 ? 0.2955 0.3202 0.2225 0.0144  0.0725  0.1124  17 THR A CA  
172  C C   . THR A 21 ? 0.2082 0.1821 0.3231 0.0169  0.0110  0.0518  17 THR A C   
173  O O   . THR A 21 ? 0.2960 0.2272 0.2412 -0.0191 -0.0205 0.0749  17 THR A O   
174  C CB  . THR A 21 ? 0.4341 0.3058 0.2792 -0.0010 0.0360  0.0001  17 THR A CB  
175  O OG1 . THR A 21 ? 0.4144 0.4610 0.3697 -0.0552 0.1310  0.0914  17 THR A OG1 
176  C CG2 . THR A 21 ? 0.4759 0.3523 0.4156 -0.0805 0.1168  0.0824  17 THR A CG2 
184  N N   . LYS A 22 ? 0.3570 0.1979 0.2642 0.0425  0.0412  0.0950  18 LYS A N   
185  C CA  . LYS A 22 ? 0.3232 0.1574 0.3398 0.0634  -0.0187 0.0881  18 LYS A CA  
186  C C   . LYS A 22 ? 0.2655 0.1469 0.2470 0.0138  -0.0158 0.0611  18 LYS A C   
187  O O   . LYS A 22 ? 0.2914 0.1593 0.2666 -0.0194 -0.0013 0.0238  18 LYS A O   
188  C CB  . LYS A 22 ? 0.3737 0.2070 0.3901 0.0394  0.0482  0.1220  18 LYS A CB  
189  C CG  . LYS A 22 ? 0.4207 0.3017 0.4163 0.0253  0.0285  0.1192  18 LYS A CG  
190  C CD  . LYS A 22 ? 0.5356 0.5017 0.5461 0.0552  0.0011  0.0628  18 LYS A CD  
191  C CE  . LYS A 22 ? 0.4711 0.4702 0.6276 0.0826  -0.0299 0.0490  18 LYS A CE  
192  N NZ  . LYS A 22 ? 0.4447 0.4896 0.4567 0.1468  -0.0185 0.1001  18 LYS A NZ  
193  N N   . ARG A 23 ? 0.3079 0.1434 0.1648 0.0067  -0.0367 0.0633  19 ARG A N   
194  C CA  . ARG A 23 ? 0.2782 0.1657 0.1711 0.0542  0.0082  0.0783  19 ARG A CA  
195  C C   . ARG A 23 ? 0.2110 0.1554 0.2177 0.0263  0.0176  0.0334  19 ARG A C   
196  O O   . ARG A 23 ? 0.2211 0.2072 0.1684 -0.0122 -0.0023 0.0208  19 ARG A O   
197  C CB  . ARG A 23 ? 0.2540 0.1369 0.1766 -0.0284 -0.0010 0.0083  19 ARG A CB  
198  C CG  . ARG A 23 ? 0.2152 0.2096 0.1894 0.0475  -0.0137 0.0827  19 ARG A CG  
199  C CD  . ARG A 23 ? 0.2689 0.1843 0.2006 0.0149  -0.0176 -0.0078 19 ARG A CD  
200  N NE  . ARG A 23 ? 0.2393 0.2084 0.1769 -0.0148 -0.0338 0.0233  19 ARG A NE  
201  C CZ  . ARG A 23 ? 0.2592 0.2339 0.1879 -0.0031 -0.0146 0.0248  19 ARG A CZ  
202  N NH1 . ARG A 23 ? 0.3497 0.2885 0.1576 0.0554  -0.0193 0.0219  19 ARG A NH1 
203  N NH2 . ARG A 23 ? 0.3009 0.2256 0.2034 0.0169  -0.0051 0.0637  19 ARG A NH2 
217  N N   . LEU A 24 ? 0.2224 0.1609 0.1930 0.0236  -0.0311 0.0479  20 LEU A N   
218  C CA  . LEU A 24 ? 0.2473 0.1643 0.2005 0.0004  0.0525  0.0534  20 LEU A CA  
219  C C   . LEU A 24 ? 0.2209 0.1790 0.1823 0.0350  -0.0269 0.0816  20 LEU A C   
220  O O   . LEU A 24 ? 0.1860 0.1967 0.1983 -0.0055 -0.0131 0.0484  20 LEU A O   
221  C CB  . LEU A 24 ? 0.2478 0.1976 0.2197 -0.0066 0.0407  0.0402  20 LEU A CB  
222  C CG  . LEU A 24 ? 0.1920 0.2603 0.1773 0.0008  -0.0118 0.0716  20 LEU A CG  
223  C CD1 . LEU A 24 ? 0.1937 0.2390 0.2549 0.0067  -0.0011 0.0755  20 LEU A CD1 
224  C CD2 . LEU A 24 ? 0.2152 0.3237 0.2252 0.0343  0.0809  0.0554  20 LEU A CD2 
236  N N   . ARG A 25 ? 0.2176 0.1809 0.1982 -0.0043 0.0071  0.0343  21 ARG A N   
237  C CA  . ARG A 25 ? 0.2273 0.1966 0.2024 -0.0190 0.0413  0.0889  21 ARG A CA  
238  C C   . ARG A 25 ? 0.1959 0.1742 0.1848 -0.0126 -0.0106 0.0377  21 ARG A C   
239  O O   . ARG A 25 ? 0.2223 0.1720 0.2013 -0.0251 -0.0006 0.0349  21 ARG A O   
240  C CB  . ARG A 25 ? 0.2784 0.2138 0.2887 -0.0185 -0.0445 0.0316  21 ARG A CB  
241  C CG  . ARG A 25 ? 0.5128 0.4164 0.4134 -0.0447 -0.0052 0.0475  21 ARG A CG  
242  C CD  . ARG A 25 ? 0.5214 0.4335 0.5081 0.0677  -0.0245 0.0869  21 ARG A CD  
243  N NE  . ARG A 25 ? 0.5428 0.6221 0.5098 0.0468  0.0171  0.0248  21 ARG A NE  
244  C CZ  . ARG A 25 ? 0.6018 0.6118 0.5383 0.0274  -0.0083 0.0270  21 ARG A CZ  
245  N NH1 . ARG A 25 ? 0.6496 0.5728 0.5915 0.0540  -0.0542 0.0554  21 ARG A NH1 
246  N NH2 . ARG A 25 ? 0.7171 0.4798 0.4796 0.0434  0.0437  -0.0425 21 ARG A NH2 
247  N N   . LYS A 26 ? 0.2181 0.1655 0.1906 -0.0039 -0.0077 0.0657  22 LYS A N   
248  C CA  . LYS A 26 ? 0.2171 0.1408 0.2529 -0.0195 0.0282  0.0274  22 LYS A CA  
249  C C   . LYS A 26 ? 0.1764 0.1519 0.1748 0.0153  -0.0227 0.0186  22 LYS A C   
250  O O   . LYS A 26 ? 0.1808 0.1610 0.1826 -0.0083 -0.0043 -0.0017 22 LYS A O   
251  C CB  . LYS A 26 ? 0.2047 0.1789 0.2677 0.0259  -0.0096 0.1154  22 LYS A CB  
252  C CG  . LYS A 26 ? 0.2170 0.2401 0.2332 0.0293  0.0118  0.1173  22 LYS A CG  
253  C CD  . LYS A 26 ? 0.3109 0.2123 0.2577 -0.0201 -0.0854 0.1068  22 LYS A CD  
254  C CE  . LYS A 26 ? 0.2423 0.3511 0.4032 0.0162  -0.1041 0.1444  22 LYS A CE  
255  N NZ  . LYS A 26 ? 0.3924 0.3470 0.4798 0.0140  -0.0501 0.0833  22 LYS A NZ  
269  N N   . VAL A 27 ? 0.1735 0.1522 0.1826 0.0010  0.0164  0.0243  23 VAL A N   
270  C CA  . VAL A 27 ? 0.1537 0.1535 0.1824 -0.0131 -0.0022 0.0054  23 VAL A CA  
271  C C   . VAL A 27 ? 0.1897 0.1355 0.1728 0.0097  0.0441  0.0201  23 VAL A C   
272  O O   . VAL A 27 ? 0.1942 0.1289 0.1490 -0.0129 0.0126  0.0127  23 VAL A O   
273  C CB  . VAL A 27 ? 0.1922 0.1374 0.1572 -0.0177 0.0350  0.0078  23 VAL A CB  
274  C CG1 . VAL A 27 ? 0.1884 0.1370 0.1850 0.0047  0.0013  0.0303  23 VAL A CG1 
275  C CG2 . VAL A 27 ? 0.1666 0.1844 0.2042 -0.0008 -0.0265 0.0163  23 VAL A CG2 
285  N N   . ALA A 28 ? 0.1726 0.1809 0.1629 0.0229  0.0146  0.0464  24 ALA A N   
286  C CA  . ALA A 28 ? 0.1692 0.1610 0.2157 0.0346  0.0355  0.0107  24 ALA A CA  
287  C C   . ALA A 28 ? 0.1718 0.1123 0.2022 0.0113  0.0388  0.0541  24 ALA A C   
288  O O   . ALA A 28 ? 0.1790 0.1977 0.1645 0.0066  0.0063  0.0353  24 ALA A O   
289  C CB  . ALA A 28 ? 0.1406 0.2058 0.2094 -0.0066 -0.0059 0.0357  24 ALA A CB  
295  N N   . LYS A 29 ? 0.1802 0.1315 0.2005 -0.0199 -0.0053 -0.0040 25 LYS A N   
296  C CA  . LYS A 29 ? 0.1919 0.1266 0.2426 0.0146  0.0236  -0.0163 25 LYS A CA  
297  C C   . LYS A 29 ? 0.1810 0.1792 0.1865 -0.0227 0.0169  -0.0003 25 LYS A C   
298  O O   . LYS A 29 ? 0.2068 0.1799 0.2338 -0.0124 -0.0025 -0.0348 25 LYS A O   
299  C CB  . LYS A 29 ? 0.3001 0.1213 0.2906 0.0134  -0.0023 -0.0473 25 LYS A CB  
300  C CG  . LYS A 29 ? 0.3393 0.2301 0.3285 0.0926  -0.0440 -0.0803 25 LYS A CG  
301  C CD  . LYS A 29 ? 0.4802 0.1795 0.4642 0.0738  0.0164  -0.0842 25 LYS A CD  
302  C CE  . LYS A 29 ? 0.5695 0.4364 0.5884 0.0903  -0.0104 0.0240  25 LYS A CE  
303  N NZ  . LYS A 29 ? 0.6590 0.4401 0.6154 0.1038  -0.0323 0.0421  25 LYS A NZ  
317  N N   . ALA A 30 ? 0.1766 0.1558 0.1941 -0.0163 -0.0003 -0.0055 26 ALA A N   
318  C CA  . ALA A 30 ? 0.1868 0.1456 0.2247 -0.0069 0.0397  -0.0169 26 ALA A CA  
319  C C   . ALA A 30 ? 0.1437 0.1373 0.1955 -0.0095 -0.0181 -0.0117 26 ALA A C   
320  O O   . ALA A 30 ? 0.1619 0.1812 0.1696 -0.0081 0.0193  -0.0304 26 ALA A O   
321  C CB  . ALA A 30 ? 0.1555 0.2076 0.1622 0.0123  -0.0155 0.0374  26 ALA A CB  
327  N N   . CYS A 31 ? 0.1786 0.1391 0.1544 0.0255  0.0092  -0.0229 27 CYS A N   
328  C CA  . CYS A 31 ? 0.1733 0.1500 0.1440 0.0095  0.0107  0.0084  27 CYS A CA  
329  C C   . CYS A 31 ? 0.1946 0.2040 0.1087 0.0101  0.0170  -0.0038 27 CYS A C   
330  O O   . CYS A 31 ? 0.1560 0.1895 0.1543 0.0030  0.0086  -0.0420 27 CYS A O   
331  C CB  . CYS A 31 ? 0.1556 0.1528 0.1970 0.0306  -0.0032 -0.0351 27 CYS A CB  
332  S SG  . CYS A 31 ? 0.1657 0.1615 0.1624 -0.0044 0.0063  -0.0159 27 CYS A SG  
338  N N   . GLN A 32 ? 0.1913 0.1939 0.1263 0.0078  0.0091  0.0092  28 GLN A N   
339  C CA  . GLN A 32 ? 0.1846 0.2431 0.1967 -0.0222 -0.0125 -0.0518 28 GLN A CA  
340  C C   . GLN A 32 ? 0.1616 0.1365 0.2294 -0.0072 0.0450  -0.0306 28 GLN A C   
341  O O   . GLN A 32 ? 0.1864 0.1694 0.1767 -0.0168 -0.0089 -0.0280 28 GLN A O   
342  C CB  . GLN A 32 ? 0.2527 0.3196 0.2059 -0.1131 0.0114  -0.0218 28 GLN A CB  
343  C CG  . GLN A 32 ? 0.2651 0.4431 0.2794 -0.0857 0.0211  -0.0722 28 GLN A CG  
344  C CD  . GLN A 32 ? 0.3569 0.3134 0.3083 -0.0026 -0.0275 -0.0369 28 GLN A CD  
345  O OE1 . GLN A 32 ? 0.4225 0.2344 0.2957 -0.0369 -0.0711 -0.0273 28 GLN A OE1 
346  N NE2 . GLN A 32 ? 0.3159 0.2375 0.2404 -0.0417 -0.0163 -0.0549 28 GLN A NE2 
355  N N   . ASN A 33 ? 0.1788 0.1372 0.1742 -0.0024 0.0038  -0.0131 29 ASN A N   
356  C CA  . ASN A 33 ? 0.1493 0.1385 0.2066 0.0060  0.0137  -0.0129 29 ASN A CA  
357  C C   . ASN A 33 ? 0.1144 0.1306 0.2043 -0.0198 0.0149  -0.0597 29 ASN A C   
358  O O   . ASN A 33 ? 0.1962 0.1571 0.1746 0.0019  0.0347  -0.0481 29 ASN A O   
359  C CB  . ASN A 33 ? 0.1569 0.1885 0.2469 0.0116  0.0468  -0.0812 29 ASN A CB  
360  C CG  . ASN A 33 ? 0.1734 0.1717 0.2628 0.0004  -0.0321 -0.0038 29 ASN A CG  
361  O OD1 . ASN A 33 ? 0.1672 0.2996 0.3266 0.0151  -0.0096 -0.1460 29 ASN A OD1 
362  N ND2 . ASN A 33 ? 0.2002 0.2318 0.3168 -0.0468 0.0871  -0.0922 29 ASN A ND2 
369  N N   . TYR A 34 ? 0.1571 0.1571 0.1471 -0.0095 0.0146  -0.0238 30 TYR A N   
370  C CA  . TYR A 34 ? 0.1477 0.1479 0.1714 -0.0099 0.0191  0.0017  30 TYR A CA  
371  C C   . TYR A 34 ? 0.1452 0.1818 0.1560 -0.0165 0.0480  -0.0233 30 TYR A C   
372  O O   . TYR A 34 ? 0.2100 0.1520 0.1714 0.0111  0.0316  0.0066  30 TYR A O   
373  C CB  . TYR A 34 ? 0.1695 0.1691 0.2408 -0.0214 0.0357  -0.0358 30 TYR A CB  
374  C CG  . TYR A 34 ? 0.1753 0.1727 0.2214 -0.0077 0.0331  -0.0172 30 TYR A CG  
375  C CD1 . TYR A 34 ? 0.2396 0.1628 0.2343 -0.0309 0.0409  0.0340  30 TYR A CD1 
376  C CD2 . TYR A 34 ? 0.1770 0.1750 0.2954 -0.0455 -0.0181 0.0090  30 TYR A CD2 
377  C CE1 . TYR A 34 ? 0.2402 0.2065 0.3841 -0.0030 0.1161  -0.0040 30 TYR A CE1 
378  C CE2 . TYR A 34 ? 0.1324 0.1884 0.4755 -0.0202 0.0111  0.0296  30 TYR A CE2 
379  C CZ  . TYR A 34 ? 0.2036 0.1805 0.4550 -0.0040 0.0717  0.0643  30 TYR A CZ  
380  O OH  . TYR A 34 ? 0.1926 0.2431 0.5912 0.0151  0.1106  -0.0139 30 TYR A OH  
381  N N   . GLY A 35 ? 0.1562 0.1662 0.1753 0.0058  0.0309  -0.0516 31 GLY A N   
382  C CA  . GLY A 35 ? 0.1543 0.1659 0.1587 0.0110  0.0285  -0.0115 31 GLY A CA  
383  C C   . GLY A 35 ? 0.1315 0.1758 0.2002 -0.0228 0.0264  -0.0299 31 GLY A C   
384  O O   . GLY A 35 ? 0.1966 0.1511 0.2322 -0.0227 0.0254  -0.0138 31 GLY A O   
388  N N   . GLN A 36 ? 0.1863 0.1726 0.1606 0.0002  0.0327  -0.0378 32 GLN A N   
389  C CA  . GLN A 36 ? 0.2434 0.1851 0.1761 -0.0361 0.0842  -0.0414 32 GLN A CA  
390  C C   . GLN A 36 ? 0.1633 0.1798 0.1659 -0.0093 0.0219  -0.0418 32 GLN A C   
391  O O   . GLN A 36 ? 0.1937 0.1603 0.2064 -0.0295 0.0288  -0.0342 32 GLN A O   
392  C CB  . GLN A 36 ? 0.1758 0.5438 0.2137 -0.0770 0.0283  -0.1401 32 GLN A CB  
393  C CG  . GLN A 36 ? 0.2673 0.5638 0.3946 0.1045  -0.0364 -0.0131 32 GLN A CG  
394  C CD  . GLN A 36 ? 0.3915 0.6401 0.4218 0.0874  0.0109  -0.0228 32 GLN A CD  
395  O OE1 . GLN A 36 ? 0.4378 0.6891 0.5072 0.1004  -0.0118 -0.0001 32 GLN A OE1 
396  N NE2 . GLN A 36 ? 0.3317 0.6639 0.4806 0.1261  0.0120  -0.0016 32 GLN A NE2 
405  N N   . ARG A 37 ? 0.2068 0.1172 0.2430 -0.0211 0.0618  -0.0386 33 ARG A N   
406  C CA  . ARG A 37 ? 0.1700 0.1062 0.2393 0.0312  0.0164  -0.0100 33 ARG A CA  
407  C C   . ARG A 37 ? 0.1345 0.1412 0.2439 -0.0097 -0.0012 -0.0443 33 ARG A C   
408  O O   . ARG A 37 ? 0.1566 0.1822 0.3367 -0.0250 0.0005  -0.0649 33 ARG A O   
409  C CB  . ARG A 37 ? 0.1593 0.1760 0.2795 -0.0003 0.0521  -0.0907 33 ARG A CB  
410  C CG  . ARG A 37 ? 0.2060 0.1480 0.2961 -0.0204 0.0320  -0.0517 33 ARG A CG  
411  C CD  . ARG A 37 ? 0.2505 0.1749 0.2587 -0.0735 0.0326  -0.0515 33 ARG A CD  
412  N NE  . ARG A 37 ? 0.2274 0.1564 0.2786 -0.0168 0.0131  -0.0008 33 ARG A NE  
413  C CZ  . ARG A 37 ? 0.2761 0.1642 0.3191 0.0106  0.0766  0.0994  33 ARG A CZ  
414  N NH1 . ARG A 37 ? 0.2743 0.1727 0.3222 0.0057  0.0062  0.0641  33 ARG A NH1 
415  N NH2 . ARG A 37 ? 0.3168 0.2992 0.3033 -0.0324 -0.0067 -0.0156 33 ARG A NH2 
429  N N   . VAL A 38 ? 0.1508 0.1528 0.1723 0.0015  0.0382  -0.0203 34 VAL A N   
430  C CA  . VAL A 38 ? 0.1304 0.1524 0.1790 0.0245  0.0022  -0.0130 34 VAL A CA  
431  C C   . VAL A 38 ? 0.1955 0.1553 0.1512 -0.0070 0.0443  -0.0192 34 VAL A C   
432  O O   . VAL A 38 ? 0.1401 0.2188 0.1918 0.0139  0.0272  -0.0221 34 VAL A O   
433  C CB  . VAL A 38 ? 0.1624 0.1798 0.1493 0.0389  0.0029  0.0077  34 VAL A CB  
434  C CG1 . VAL A 38 ? 0.1548 0.1897 0.2395 0.0147  0.0026  -0.0293 34 VAL A CG1 
435  C CG2 . VAL A 38 ? 0.1453 0.1344 0.2054 0.0087  0.0050  0.0196  34 VAL A CG2 
445  N N   . GLN A 39 ? 0.1601 0.1758 0.1368 -0.0076 0.0084  -0.0104 35 GLN A N   
446  C CA  . GLN A 39 ? 0.1535 0.1487 0.1857 0.0190  -0.0232 -0.0120 35 GLN A CA  
447  C C   . GLN A 39 ? 0.1683 0.2060 0.1683 -0.0080 0.0313  0.0235  35 GLN A C   
448  O O   . GLN A 39 ? 0.1803 0.1723 0.1784 0.0106  0.0172  0.0203  35 GLN A O   
449  C CB  . GLN A 39 ? 0.1516 0.1728 0.1473 0.0089  0.0215  0.0019  35 GLN A CB  
450  C CG  . GLN A 39 ? 0.1548 0.1782 0.1661 0.0048  0.0357  -0.0306 35 GLN A CG  
451  C CD  . GLN A 39 ? 0.1386 0.1774 0.2238 0.0166  -0.0191 -0.0719 35 GLN A CD  
452  O OE1 . GLN A 39 ? 0.1464 0.1694 0.2558 0.0226  0.0109  -0.0236 35 GLN A OE1 
453  N NE2 . GLN A 39 ? 0.1835 0.1576 0.1507 0.0038  0.0210  -0.0005 35 GLN A NE2 
462  N N   . ASN A 40 ? 0.1563 0.1410 0.2223 -0.0107 0.0295  0.0171  36 ASN A N   
463  C CA  . ASN A 40 ? 0.1651 0.1703 0.1416 -0.0148 0.0318  0.0538  36 ASN A CA  
464  C C   . ASN A 40 ? 0.1586 0.1863 0.1830 0.0090  0.0080  0.0059  36 ASN A C   
465  O O   . ASN A 40 ? 0.1842 0.1832 0.2330 0.0151  -0.0129 -0.0094 36 ASN A O   
466  C CB  . ASN A 40 ? 0.2057 0.2139 0.1819 0.0257  0.0401  0.0982  36 ASN A CB  
467  C CG  . ASN A 40 ? 0.1963 0.4517 0.3368 -0.0553 0.0881  0.0501  36 ASN A CG  
468  O OD1 . ASN A 40 ? 0.5320 0.2597 0.4324 -0.0057 0.0829  0.1181  36 ASN A OD1 
469  N ND2 . ASN A 40 ? 0.3553 0.3942 0.3166 0.0986  0.0279  0.0355  36 ASN A ND2 
476  N N   . SER A 41 ? 0.1533 0.1815 0.1804 -0.0124 0.0149  0.0245  37 SER A N   
477  C CA  . SER A 41 ? 0.1492 0.2037 0.2389 -0.0362 0.0448  0.0081  37 SER A CA  
478  C C   . SER A 41 ? 0.1382 0.1620 0.1677 -0.0199 0.0391  0.0194  37 SER A C   
479  O O   . SER A 41 ? 0.1380 0.1779 0.1720 -0.0184 0.0098  0.0182  37 SER A O   
480  C CB  . SER A 41 ? 0.2183 0.4307 0.2530 -0.0606 -0.0288 0.1029  37 SER A CB  
481  O OG  . SER A 41 ? 0.2812 0.3886 0.2234 -0.1364 0.0444  -0.0402 37 SER A OG  
487  N N   . VAL A 42 ? 0.1211 0.1634 0.1708 0.0057  -0.0048 -0.0114 38 VAL A N   
488  C CA  . VAL A 42 ? 0.1300 0.1219 0.1865 0.0198  0.0086  0.0046  38 VAL A CA  
489  C C   . VAL A 42 ? 0.1468 0.1233 0.2034 0.0052  0.0425  -0.0231 38 VAL A C   
490  O O   . VAL A 42 ? 0.1403 0.1465 0.1695 -0.0133 0.0072  0.0013  38 VAL A O   
491  C CB  . VAL A 42 ? 0.1491 0.1381 0.1586 -0.0189 0.0480  0.0245  38 VAL A CB  
492  C CG1 . VAL A 42 ? 0.1246 0.1580 0.1915 -0.0190 0.0002  -0.0003 38 VAL A CG1 
493  C CG2 . VAL A 42 ? 0.1644 0.1623 0.1650 0.0140  0.0232  -0.0191 38 VAL A CG2 
503  N N   . PHE A 43 ? 0.1251 0.1296 0.1724 -0.0045 0.0072  -0.0005 39 PHE A N   
504  C CA  . PHE A 43 ? 0.1670 0.1346 0.1512 0.0107  0.0049  -0.0295 39 PHE A CA  
505  C C   . PHE A 43 ? 0.1750 0.1202 0.1627 0.0037  0.0090  -0.0256 39 PHE A C   
506  O O   . PHE A 43 ? 0.1917 0.1459 0.1786 -0.0048 -0.0359 -0.0297 39 PHE A O   
507  C CB  . PHE A 43 ? 0.1534 0.1652 0.1982 0.0263  0.0129  -0.0339 39 PHE A CB  
508  C CG  . PHE A 43 ? 0.1347 0.2064 0.1604 0.0243  -0.0012 0.0309  39 PHE A CG  
509  C CD1 . PHE A 43 ? 0.1583 0.1707 0.1671 0.0357  -0.0313 0.0182  39 PHE A CD1 
510  C CD2 . PHE A 43 ? 0.1646 0.1484 0.2070 -0.0052 0.0131  0.0235  39 PHE A CD2 
511  C CE1 . PHE A 43 ? 0.1887 0.1997 0.1868 0.0765  -0.0509 -0.0064 39 PHE A CE1 
512  C CE2 . PHE A 43 ? 0.1678 0.1777 0.2308 -0.0228 0.0006  0.0154  39 PHE A CE2 
513  C CZ  . PHE A 43 ? 0.1886 0.1716 0.2445 0.0271  0.0031  0.0129  39 PHE A CZ  
523  N N   . GLU A 44 ? 0.1459 0.1385 0.1332 -0.0295 0.0244  -0.0203 40 GLU A N   
524  C CA  . GLU A 44 ? 0.1098 0.1598 0.1508 -0.0067 0.0128  -0.0116 40 GLU A CA  
525  C C   . GLU A 44 ? 0.1475 0.1483 0.1109 0.0078  0.0415  0.0092  40 GLU A C   
526  O O   . GLU A 44 ? 0.1535 0.1556 0.1974 -0.0129 0.0121  -0.0344 40 GLU A O   
527  C CB  . GLU A 44 ? 0.1911 0.1437 0.1479 -0.0102 0.0458  -0.0040 40 GLU A CB  
528  C CG  . GLU A 44 ? 0.1877 0.1714 0.1370 0.0214  0.0183  -0.0341 40 GLU A CG  
529  C CD  . GLU A 44 ? 0.1423 0.2379 0.2183 0.0394  0.0080  0.0428  40 GLU A CD  
530  O OE1 . GLU A 44 ? 0.1775 0.3050 0.2016 0.0426  -0.0060 -0.0327 40 GLU A OE1 
531  O OE2 . GLU A 44 ? 0.1659 0.1894 0.2175 0.0392  0.0282  -0.0041 40 GLU A OE2 
538  N N   . CYS A 45 ? 0.1457 0.1657 0.1363 0.0123  0.0092  -0.0274 41 CYS A N   
539  C CA  . CYS A 45 ? 0.1608 0.1711 0.1271 -0.0089 0.0412  0.0032  41 CYS A CA  
540  C C   . CYS A 45 ? 0.1426 0.1752 0.1527 0.0149  0.0374  -0.0214 41 CYS A C   
541  O O   . CYS A 45 ? 0.1976 0.1738 0.1672 0.0001  0.0156  -0.0286 41 CYS A O   
542  C CB  . CYS A 45 ? 0.1446 0.1692 0.1326 -0.0053 -0.0081 0.0305  41 CYS A CB  
543  S SG  . CYS A 45 ? 0.1560 0.2013 0.1846 0.0173  -0.0054 -0.0014 41 CYS A SG  
549  N N   . ILE A 46 ? 0.1460 0.1462 0.1532 0.0060  0.0327  -0.0026 42 ILE A N   
550  C CA  . ILE A 46 ? 0.1239 0.1997 0.1516 -0.0036 0.0488  -0.0198 42 ILE A CA  
551  C C   . ILE A 46 ? 0.1284 0.2096 0.1439 0.0280  0.0065  0.0044  42 ILE A C   
552  O O   . ILE A 46 ? 0.1625 0.1666 0.1785 0.0173  0.0167  -0.0326 42 ILE A O   
553  C CB  . ILE A 46 ? 0.1527 0.3174 0.1657 0.0193  0.0032  -0.0027 42 ILE A CB  
554  C CG1 . ILE A 46 ? 0.1173 0.3570 0.2915 0.0478  -0.0072 -0.0326 42 ILE A CG1 
555  C CG2 . ILE A 46 ? 0.2074 0.4054 0.1884 0.0106  -0.0471 0.0321  42 ILE A CG2 
556  C CD1 . ILE A 46 ? 0.2243 0.5248 0.2613 0.0250  0.0582  0.0306  42 ILE A CD1 
568  N N   . VAL A 47 ? 0.1153 0.1747 0.1752 -0.0007 0.0336  -0.0006 43 VAL A N   
569  C CA  . VAL A 47 ? 0.1362 0.1468 0.1993 -0.0001 0.0249  -0.0271 43 VAL A CA  
570  C C   . VAL A 47 ? 0.1455 0.1392 0.1695 -0.0454 -0.0002 0.0173  43 VAL A C   
571  O O   . VAL A 47 ? 0.2063 0.1273 0.1791 0.0099  0.0304  0.0273  43 VAL A O   
572  C CB  . VAL A 47 ? 0.1287 0.1794 0.1893 -0.0067 0.0456  0.0000  43 VAL A CB  
573  C CG1 . VAL A 47 ? 0.1675 0.1912 0.1645 -0.0184 0.0215  -0.0355 43 VAL A CG1 
574  C CG2 . VAL A 47 ? 0.1601 0.1648 0.2067 0.0046  0.0076  -0.0488 43 VAL A CG2 
584  N N   . ASP A 48 ? 0.1360 0.1777 0.1329 -0.0086 0.0414  -0.0203 44 ASP A N   
585  C CA  . ASP A 48 ? 0.1805 0.1715 0.1103 0.0218  0.0120  -0.0173 44 ASP A CA  
586  C C   . ASP A 48 ? 0.1650 0.1689 0.1502 0.0084  -0.0009 -0.0154 44 ASP A C   
587  O O   . ASP A 48 ? 0.1698 0.1709 0.1442 -0.0180 0.0045  -0.0113 44 ASP A O   
588  C CB  . ASP A 48 ? 0.2117 0.1626 0.1567 0.0065  -0.0046 0.0249  44 ASP A CB  
589  C CG  . ASP A 48 ? 0.1713 0.1982 0.1644 -0.0524 0.0067  -0.0206 44 ASP A CG  
590  O OD1 . ASP A 48 ? 0.1535 0.1857 0.1819 -0.0078 0.0142  -0.0201 44 ASP A OD1 
591  O OD2 . ASP A 48 ? 0.1813 0.1762 0.1903 -0.0090 0.0037  -0.0380 44 ASP A OD2 
596  N N   . SER A 49 ? 0.2223 0.1506 0.1960 -0.0402 0.0519  -0.0150 45 SER A N   
597  C CA  . SER A 49 ? 0.2606 0.1437 0.2133 0.0060  0.0469  -0.0142 45 SER A CA  
598  C C   . SER A 49 ? 0.1939 0.1507 0.2223 -0.0536 0.0883  -0.0275 45 SER A C   
599  O O   . SER A 49 ? 0.1936 0.2267 0.1863 -0.0359 0.0270  -0.0619 45 SER A O   
600  C CB  . SER A 49 ? 0.2038 0.1782 0.4002 -0.0435 -0.0107 0.1068  45 SER A CB  
601  O OG  . SER A 49 ? 0.3065 0.3275 0.4233 -0.0913 0.0434  0.0268  45 SER A OG  
607  N N   . THR A 50 ? 0.1724 0.1811 0.1701 -0.0402 0.0343  -0.0184 46 THR A N   
608  C CA  . THR A 50 ? 0.1548 0.1847 0.1713 0.0015  0.0130  -0.0059 46 THR A CA  
609  C C   . THR A 50 ? 0.1377 0.1997 0.1832 -0.0168 -0.0035 -0.0840 46 THR A C   
610  O O   . THR A 50 ? 0.1445 0.2167 0.1764 -0.0307 0.0095  -0.0509 46 THR A O   
611  C CB  . THR A 50 ? 0.1448 0.2106 0.1868 -0.0148 0.0261  -0.0304 46 THR A CB  
612  O OG1 . THR A 50 ? 0.2149 0.2406 0.2125 -0.0094 0.0414  -0.0420 46 THR A OG1 
613  C CG2 . THR A 50 ? 0.1711 0.2623 0.1986 0.0427  0.0210  -0.0491 46 THR A CG2 
621  N N   . GLN A 51 ? 0.1579 0.1569 0.1191 -0.0044 0.0140  -0.0148 47 GLN A N   
622  C CA  . GLN A 51 ? 0.1976 0.1495 0.0832 0.0350  -0.0111 -0.0069 47 GLN A CA  
623  C C   . GLN A 51 ? 0.0825 0.1523 0.1436 -0.0075 -0.0003 -0.0199 47 GLN A C   
624  O O   . GLN A 51 ? 0.1645 0.1813 0.1157 -0.0124 -0.0142 -0.0143 47 GLN A O   
625  C CB  . GLN A 51 ? 0.0968 0.1641 0.1997 -0.0174 -0.0154 -0.0131 47 GLN A CB  
626  C CG  . GLN A 51 ? 0.1495 0.1358 0.1699 0.0066  -0.0208 -0.0429 47 GLN A CG  
627  C CD  . GLN A 51 ? 0.1447 0.1647 0.1351 -0.0110 0.0099  0.0009  47 GLN A CD  
628  O OE1 . GLN A 51 ? 0.1458 0.1583 0.1740 0.0054  0.0020  -0.0163 47 GLN A OE1 
629  N NE2 . GLN A 51 ? 0.1481 0.1687 0.1560 -0.0140 -0.0102 -0.0216 47 GLN A NE2 
638  N N   . LEU A 52 ? 0.1433 0.1479 0.1232 0.0064  0.0161  -0.0224 48 LEU A N   
639  C CA  . LEU A 52 ? 0.1176 0.1468 0.2311 0.0155  0.0323  -0.0232 48 LEU A CA  
640  C C   . LEU A 52 ? 0.1074 0.1554 0.1757 0.0031  0.0320  -0.0317 48 LEU A C   
641  O O   . LEU A 52 ? 0.1527 0.1613 0.1515 -0.0002 0.0104  -0.0245 48 LEU A O   
642  C CB  . LEU A 52 ? 0.1328 0.1823 0.1892 -0.0031 0.0330  -0.0771 48 LEU A CB  
643  C CG  . LEU A 52 ? 0.1562 0.1940 0.2294 0.0297  0.0016  -0.0540 48 LEU A CG  
644  C CD1 . LEU A 52 ? 0.1658 0.2447 0.2452 0.0359  -0.0018 -0.0892 48 LEU A CD1 
645  C CD2 . LEU A 52 ? 0.2094 0.2194 0.2904 -0.0197 0.0211  -0.0884 48 LEU A CD2 
657  N N   . THR A 53 ? 0.1346 0.1422 0.1903 -0.0181 0.0088  -0.0405 49 THR A N   
658  C CA  . THR A 53 ? 0.1135 0.1572 0.2324 -0.0375 0.0085  -0.0423 49 THR A CA  
659  C C   . THR A 53 ? 0.1560 0.1790 0.1345 -0.0234 0.0580  -0.0333 49 THR A C   
660  O O   . THR A 53 ? 0.1706 0.1846 0.1451 -0.0091 0.0094  -0.0275 49 THR A O   
661  C CB  . THR A 53 ? 0.1090 0.1724 0.2035 -0.0286 -0.0012 -0.0283 49 THR A CB  
662  O OG1 . THR A 53 ? 0.1580 0.1752 0.2246 -0.0166 0.0069  -0.0138 49 THR A OG1 
663  C CG2 . THR A 53 ? 0.1219 0.1810 0.2545 -0.0219 -0.0011 -0.0363 49 THR A CG2 
671  N N   . SER A 54 ? 0.1505 0.1633 0.1693 0.0153  0.0053  -0.0407 50 SER A N   
672  C CA  . SER A 54 ? 0.1272 0.1435 0.2158 0.0039  0.0427  -0.0463 50 SER A CA  
673  C C   . SER A 54 ? 0.1123 0.1793 0.2166 0.0287  -0.0216 -0.0411 50 SER A C   
674  O O   . SER A 54 ? 0.1301 0.1667 0.2100 0.0037  -0.0286 -0.0236 50 SER A O   
675  C CB  . SER A 54 ? 0.3558 0.1242 0.1889 0.0417  0.1121  0.0073  50 SER A CB  
676  O OG  . SER A 54 ? 0.2957 0.2400 0.2429 0.0063  -0.0237 -0.0412 50 SER A OG  
682  N N   . LEU A 55 ? 0.1252 0.1942 0.1688 -0.0257 0.0247  -0.0349 51 LEU A N   
683  C CA  . LEU A 55 ? 0.1352 0.1566 0.2313 -0.0529 0.0231  -0.0364 51 LEU A CA  
684  C C   . LEU A 55 ? 0.1442 0.1293 0.1587 -0.0152 -0.0020 0.0415  51 LEU A C   
685  O O   . LEU A 55 ? 0.1578 0.1478 0.1648 -0.0120 0.0045  0.0028  51 LEU A O   
686  C CB  . LEU A 55 ? 0.1276 0.2164 0.1394 -0.0084 0.0312  -0.0084 51 LEU A CB  
687  C CG  . LEU A 55 ? 0.1481 0.1823 0.2405 -0.0395 -0.0079 -0.0044 51 LEU A CG  
688  C CD1 . LEU A 55 ? 0.1586 0.2308 0.1996 -0.0348 0.0040  -0.0248 51 LEU A CD1 
689  C CD2 . LEU A 55 ? 0.1515 0.2325 0.1850 -0.0187 -0.0066 -0.0321 51 LEU A CD2 
701  N N   . LYS A 56 ? 0.1485 0.1962 0.1205 -0.0117 0.0152  -0.0137 52 LYS A N   
702  C CA  . LYS A 56 ? 0.1389 0.1938 0.1479 0.0068  0.0150  0.0065  52 LYS A CA  
703  C C   . LYS A 56 ? 0.1898 0.1699 0.1362 -0.0158 0.0303  -0.0405 52 LYS A C   
704  O O   . LYS A 56 ? 0.1569 0.1911 0.1331 -0.0318 0.0022  -0.0302 52 LYS A O   
705  C CB  . LYS A 56 ? 0.1828 0.1525 0.1540 -0.0186 0.0057  -0.0016 52 LYS A CB  
706  C CG  . LYS A 56 ? 0.2377 0.2189 0.1746 -0.0213 0.0664  -0.0205 52 LYS A CG  
707  C CD  . LYS A 56 ? 0.3094 0.2676 0.2427 -0.0583 0.0448  -0.1210 52 LYS A CD  
708  C CE  . LYS A 56 ? 0.2790 0.3266 0.2629 -0.1365 0.1127  -0.1173 52 LYS A CE  
709  N NZ  . LYS A 56 ? 0.1775 0.2388 0.2111 -0.0219 0.0138  -0.0081 52 LYS A NZ  
723  N N   . LEU A 57 ? 0.1592 0.1664 0.1220 -0.0142 0.0173  -0.0195 53 LEU A N   
724  C CA  . LEU A 57 ? 0.1581 0.1892 0.1855 0.0317  -0.0376 -0.0255 53 LEU A CA  
725  C C   . LEU A 57 ? 0.1746 0.1697 0.1254 -0.0134 -0.0104 -0.0359 53 LEU A C   
726  O O   . LEU A 57 ? 0.1571 0.1755 0.1459 0.0008  -0.0016 -0.0240 53 LEU A O   
727  C CB  . LEU A 57 ? 0.1610 0.2353 0.1633 0.0138  0.0198  0.0406  53 LEU A CB  
728  C CG  . LEU A 57 ? 0.1923 0.2376 0.3312 -0.0244 0.0112  0.0211  53 LEU A CG  
729  C CD1 . LEU A 57 ? 0.1820 0.2850 0.2544 -0.0317 0.0185  -0.0640 53 LEU A CD1 
730  C CD2 . LEU A 57 ? 0.2527 0.2538 0.2117 -0.0315 0.1036  -0.0588 53 LEU A CD2 
742  N N   . GLU A 58 ? 0.1526 0.1748 0.1422 0.0039  -0.0167 -0.0258 54 GLU A N   
743  C CA  . GLU A 58 ? 0.1830 0.1537 0.1788 0.0073  0.0050  -0.0081 54 GLU A CA  
744  C C   . GLU A 58 ? 0.1657 0.1946 0.1341 -0.0282 0.0079  -0.0090 54 GLU A C   
745  O O   . GLU A 58 ? 0.1638 0.1643 0.1750 -0.0173 0.0057  -0.0201 54 GLU A O   
746  C CB  . GLU A 58 ? 0.2036 0.1434 0.2279 -0.0337 -0.0013 -0.0104 54 GLU A CB  
747  C CG  . GLU A 58 ? 0.2479 0.2171 0.3405 -0.0746 0.0315  -0.0415 54 GLU A CG  
748  C CD  . GLU A 58 ? 0.2754 0.2623 0.3204 -0.0570 -0.0180 0.0026  54 GLU A CD  
749  O OE1 . GLU A 58 ? 0.4105 0.2263 0.3432 -0.0442 0.0772  -0.0444 54 GLU A OE1 
750  O OE2 . GLU A 58 ? 0.2423 0.2879 0.4417 -0.0874 0.0645  -0.1742 54 GLU A OE2 
757  N N   . LEU A 59 ? 0.1342 0.1597 0.1697 -0.0008 0.0055  -0.0246 55 LEU A N   
758  C CA  . LEU A 59 ? 0.1460 0.1499 0.1841 -0.0048 0.0238  -0.0104 55 LEU A CA  
759  C C   . LEU A 59 ? 0.1268 0.1452 0.1796 -0.0032 0.0055  -0.0304 55 LEU A C   
760  O O   . LEU A 59 ? 0.1695 0.1872 0.1559 -0.0112 0.0242  -0.0117 55 LEU A O   
761  C CB  . LEU A 59 ? 0.1452 0.1915 0.1718 -0.0094 0.0211  -0.0528 55 LEU A CB  
762  C CG  . LEU A 59 ? 0.1941 0.1855 0.1930 -0.0149 0.0331  0.0121  55 LEU A CG  
763  C CD1 . LEU A 59 ? 0.1802 0.1899 0.2317 0.0378  -0.0462 -0.0378 55 LEU A CD1 
764  C CD2 . LEU A 59 ? 0.2139 0.2825 0.1918 -0.0144 -0.0318 0.0364  55 LEU A CD2 
776  N N   . THR A 60 ? 0.1456 0.1685 0.1447 -0.0107 0.0121  -0.0229 56 THR A N   
777  C CA  . THR A 60 ? 0.1661 0.1637 0.1699 0.0147  0.0332  -0.0180 56 THR A CA  
778  C C   . THR A 60 ? 0.1631 0.1832 0.1351 -0.0013 0.0181  -0.0225 56 THR A C   
779  O O   . THR A 60 ? 0.1752 0.1821 0.1457 -0.0021 -0.0043 0.0140  56 THR A O   
780  C CB  . THR A 60 ? 0.1734 0.1806 0.1367 -0.0229 0.0495  -0.0136 56 THR A CB  
781  O OG1 . THR A 60 ? 0.1854 0.1630 0.1355 -0.0042 -0.0048 -0.0160 56 THR A OG1 
782  C CG2 . THR A 60 ? 0.1412 0.1799 0.1654 -0.0155 -0.0084 -0.0508 56 THR A CG2 
790  N N   . SER A 61 ? 0.1377 0.1416 0.2048 0.0013  0.0173  -0.0141 57 SER A N   
791  C CA  . SER A 61 ? 0.2131 0.1525 0.1793 0.0183  0.0328  0.0143  57 SER A CA  
792  C C   . SER A 61 ? 0.2008 0.1478 0.1830 0.0089  -0.0558 0.0033  57 SER A C   
793  O O   . SER A 61 ? 0.1819 0.2452 0.2126 0.0369  -0.0116 0.0182  57 SER A O   
794  C CB  . SER A 61 ? 0.2019 0.1497 0.3368 0.0210  -0.1051 -0.0644 57 SER A CB  
795  O OG  . SER A 61 ? 0.2588 0.2964 0.2694 0.0789  0.0077  -0.0402 57 SER A OG  
796  N N   . LEU A 62 ? 0.1840 0.1496 0.1675 -0.0025 -0.0162 0.0239  58 LEU A N   
797  C CA  . LEU A 62 ? 0.1807 0.1342 0.1770 0.0126  -0.0281 0.0196  58 LEU A CA  
798  C C   . LEU A 62 ? 0.2022 0.1540 0.1230 0.0156  0.0123  0.0243  58 LEU A C   
799  O O   . LEU A 62 ? 0.2628 0.1900 0.1651 0.0260  0.0315  0.0374  58 LEU A O   
800  C CB  . LEU A 62 ? 0.1648 0.1322 0.2052 0.0090  -0.0177 0.0145  58 LEU A CB  
801  C CG  . LEU A 62 ? 0.2279 0.1283 0.1743 -0.0033 0.0218  0.0366  58 LEU A CG  
802  C CD1 . LEU A 62 ? 0.1935 0.1769 0.1797 -0.0325 0.0146  0.0405  58 LEU A CD1 
803  C CD2 . LEU A 62 ? 0.1903 0.1844 0.3452 -0.0184 -0.0466 -0.0410 58 LEU A CD2 
815  N N   . ILE A 63 ? 0.1785 0.1569 0.1810 0.0013  0.0025  0.0063  59 ILE A N   
816  C CA  . ILE A 63 ? 0.2286 0.1921 0.1298 0.0415  0.0282  0.0042  59 ILE A CA  
817  C C   . ILE A 63 ? 0.1771 0.1690 0.1543 -0.0044 -0.0255 0.0563  59 ILE A C   
818  O O   . ILE A 63 ? 0.1829 0.2369 0.2158 0.0185  0.0128  0.0057  59 ILE A O   
819  C CB  . ILE A 63 ? 0.2806 0.1723 0.1467 0.0655  0.0590  0.0320  59 ILE A CB  
820  C CG1 . ILE A 63 ? 0.2215 0.2113 0.1427 -0.0025 0.0002  0.0086  59 ILE A CG1 
821  C CG2 . ILE A 63 ? 0.2111 0.2219 0.1217 0.0287  -0.0124 0.0131  59 ILE A CG2 
822  C CD1 . ILE A 63 ? 0.3199 0.1721 0.2006 0.0408  0.0052  0.0237  59 ILE A CD1 
834  N N   . ASP A 64 ? 0.2253 0.2099 0.1412 0.0189  -0.0015 0.0135  60 ASP A N   
835  C CA  . ASP A 64 ? 0.2452 0.2050 0.1226 -0.0031 -0.0065 0.0590  60 ASP A CA  
836  C C   . ASP A 64 ? 0.1891 0.2125 0.1938 0.0049  -0.0639 0.0161  60 ASP A C   
837  O O   . ASP A 64 ? 0.2014 0.2124 0.2355 0.0323  -0.0367 0.0227  60 ASP A O   
838  C CB  . ASP A 64 ? 0.2614 0.2575 0.1895 0.0462  -0.0346 0.0254  60 ASP A CB  
839  C CG  . ASP A 64 ? 0.2851 0.2538 0.1393 -0.0362 -0.0561 0.0613  60 ASP A CG  
840  O OD1 . ASP A 64 ? 0.2987 0.2402 0.1803 -0.0123 -0.0709 0.0313  60 ASP A OD1 
841  O OD2 . ASP A 64 ? 0.3994 0.2859 0.2820 -0.0271 -0.0864 0.1461  60 ASP A OD2 
846  N N   . GLU A 65 ? 0.2135 0.1931 0.1864 0.0049  -0.0417 -0.0009 61 GLU A N   
847  C CA  . GLU A 65 ? 0.2911 0.1927 0.1569 -0.0205 -0.0233 0.0086  61 GLU A CA  
848  C C   . GLU A 65 ? 0.2218 0.2845 0.1543 -0.0415 -0.0127 -0.0447 61 GLU A C   
849  O O   . GLU A 65 ? 0.4958 0.1773 0.2646 0.0441  -0.0720 -0.0172 61 GLU A O   
850  C CB  . GLU A 65 ? 0.3400 0.1985 0.2066 -0.0553 0.0294  -0.0129 61 GLU A CB  
851  C CG  . GLU A 65 ? 0.3574 0.3452 0.2006 -0.0788 0.0523  -0.0562 61 GLU A CG  
852  C CD  . GLU A 65 ? 0.2158 0.3132 0.2214 -0.0693 -0.0203 0.0456  61 GLU A CD  
853  O OE1 . GLU A 65 ? 0.5006 0.3738 0.1891 -0.0922 0.0164  0.0059  61 GLU A OE1 
854  O OE2 . GLU A 65 ? 0.2540 0.2836 0.1604 -0.0281 -0.0002 0.0093  61 GLU A OE2 
861  N N   . GLU A 66 ? 0.2800 0.2391 0.1048 0.0321  -0.0371 0.0025  62 GLU A N   
862  C CA  . GLU A 66 ? 0.2288 0.2731 0.2321 0.0661  -0.0396 -0.0126 62 GLU A CA  
863  C C   . GLU A 66 ? 0.2939 0.2403 0.1695 0.0481  -0.0598 -0.0426 62 GLU A C   
864  O O   . GLU A 66 ? 0.3445 0.2619 0.2402 0.0313  -0.0066 -0.0067 62 GLU A O   
865  C CB  . GLU A 66 ? 0.2725 0.2798 0.1548 0.0321  -0.0414 0.0093  62 GLU A CB  
866  C CG  . GLU A 66 ? 0.2537 0.3585 0.2483 0.0182  -0.0791 -0.0504 62 GLU A CG  
867  C CD  . GLU A 66 ? 0.3320 0.5019 0.3205 0.0879  -0.0445 0.0579  62 GLU A CD  
868  O OE1 . GLU A 66 ? 0.3838 0.5521 0.4544 0.1119  -0.0817 0.1139  62 GLU A OE1 
869  O OE2 . GLU A 66 ? 0.3126 0.4926 0.4083 0.0488  -0.1185 0.1334  62 GLU A OE2 
876  N N   . LYS A 67 ? 0.2547 0.2828 0.1537 0.0432  -0.0366 -0.0210 63 LYS A N   
877  C CA  . LYS A 67 ? 0.2485 0.3017 0.2538 0.0383  0.0036  -0.0033 63 LYS A CA  
878  C C   . LYS A 67 ? 0.2751 0.2491 0.1765 0.0292  -0.0023 -0.0286 63 LYS A C   
879  O O   . LYS A 67 ? 0.2939 0.3865 0.1787 0.0679  0.0180  -0.0209 63 LYS A O   
880  C CB  . LYS A 67 ? 0.2942 0.4047 0.1863 0.0413  -0.0396 0.0335  63 LYS A CB  
881  C CG  . LYS A 67 ? 0.2947 0.4339 0.2632 -0.0290 0.0235  0.0905  63 LYS A CG  
882  C CD  . LYS A 67 ? 0.6161 0.4488 0.4554 0.0224  -0.0137 0.0749  63 LYS A CD  
883  C CE  . LYS A 67 ? 0.6922 0.4254 0.5136 0.0768  -0.0165 0.0899  63 LYS A CE  
884  N NZ  . LYS A 67 ? 0.6884 0.5475 0.5836 0.0889  -0.0031 0.1002  63 LYS A NZ  
898  N N   . ASP A 68 ? 0.2108 0.2284 0.1374 0.0222  -0.0008 0.0031  64 ASP A N   
899  C CA  . ASP A 68 ? 0.1847 0.2141 0.1953 0.0234  0.0031  0.0586  64 ASP A CA  
900  C C   . ASP A 68 ? 0.1683 0.2110 0.2317 0.0693  -0.0005 -0.0052 64 ASP A C   
901  O O   . ASP A 68 ? 0.1832 0.1934 0.1984 0.0266  -0.0468 0.0375  64 ASP A O   
902  C CB  . ASP A 68 ? 0.2443 0.1541 0.2223 0.0350  0.0096  0.0225  64 ASP A CB  
903  C CG  . ASP A 68 ? 0.2279 0.1997 0.1322 0.0288  -0.0370 0.0010  64 ASP A CG  
904  O OD1 . ASP A 68 ? 0.2161 0.2009 0.1401 0.0039  -0.0092 0.0236  64 ASP A OD1 
905  O OD2 . ASP A 68 ? 0.2577 0.2464 0.1623 0.0416  0.0026  0.0409  64 ASP A OD2 
910  N N   . SER A 69 ? 0.1525 0.2129 0.1938 0.0392  -0.0027 0.0173  65 SER A N   
911  C CA  . SER A 69 ? 0.1565 0.2157 0.1847 -0.0127 -0.0096 0.0537  65 SER A CA  
912  C C   . SER A 69 ? 0.1628 0.1704 0.2127 0.0588  -0.0183 0.0185  65 SER A C   
913  O O   . SER A 69 ? 0.1641 0.1655 0.2393 0.0101  0.0236  0.0041  65 SER A O   
914  C CB  . SER A 69 ? 0.1876 0.1887 0.2401 -0.0021 -0.0671 0.0342  65 SER A CB  
915  O OG  . SER A 69 ? 0.1866 0.1774 0.2477 0.0286  -0.0327 -0.0076 65 SER A OG  
921  N N   . LEU A 70 ? 0.1520 0.1798 0.1821 0.0068  -0.0052 0.0462  66 LEU A N   
922  C CA  . LEU A 70 ? 0.1506 0.1226 0.2224 0.0070  0.0010  0.0575  66 LEU A CA  
923  C C   . LEU A 70 ? 0.1146 0.2103 0.1594 0.0006  -0.0035 -0.0536 66 LEU A C   
924  O O   . LEU A 70 ? 0.1131 0.2029 0.2052 -0.0183 -0.0161 0.0339  66 LEU A O   
925  C CB  . LEU A 70 ? 0.1845 0.1673 0.3750 0.0383  -0.0140 -0.0962 66 LEU A CB  
926  C CG  . LEU A 70 ? 0.2500 0.2356 0.1829 -0.0174 0.0264  0.0049  66 LEU A CG  
927  C CD1 . LEU A 70 ? 0.2281 0.2051 0.3153 0.0336  0.0386  -0.0469 66 LEU A CD1 
928  C CD2 . LEU A 70 ? 0.1667 0.3518 0.1217 -0.0041 -0.0246 0.0310  66 LEU A CD2 
940  N N   . ARG A 71 ? 0.1158 0.1530 0.1599 -0.0021 -0.0185 -0.0176 67 ARG A N   
941  C CA  . ARG A 71 ? 0.1540 0.1114 0.1508 -0.0056 0.0260  0.0087  67 ARG A CA  
942  C C   . ARG A 71 ? 0.1933 0.1333 0.0935 0.0240  0.0021  -0.0040 67 ARG A C   
943  O O   . ARG A 71 ? 0.1608 0.1571 0.1755 -0.0242 0.0164  -0.0130 67 ARG A O   
944  C CB  . ARG A 71 ? 0.1338 0.1401 0.1431 -0.0011 0.0226  0.0082  67 ARG A CB  
945  C CG  . ARG A 71 ? 0.1582 0.1271 0.1566 0.0058  0.0040  -0.0055 67 ARG A CG  
946  C CD  . ARG A 71 ? 0.1342 0.1531 0.1720 -0.0078 -0.0062 -0.0236 67 ARG A CD  
947  N NE  . ARG A 71 ? 0.1377 0.1758 0.1463 0.0394  0.0002  -0.0162 67 ARG A NE  
948  C CZ  . ARG A 71 ? 0.1220 0.1545 0.1839 -0.0110 -0.0083 -0.0072 67 ARG A CZ  
949  N NH1 . ARG A 71 ? 0.1531 0.1678 0.2525 0.0026  0.0103  -0.0201 67 ARG A NH1 
950  N NH2 . ARG A 71 ? 0.1589 0.1334 0.2534 0.0160  0.0010  0.0251  67 ARG A NH2 
964  N N   . ILE A 72 ? 0.1458 0.1592 0.1179 -0.0045 0.0146  0.0120  68 ILE A N   
965  C CA  . ILE A 72 ? 0.1623 0.1821 0.1113 0.0039  -0.0033 0.0062  68 ILE A CA  
966  C C   . ILE A 72 ? 0.1675 0.1966 0.1064 0.0161  0.0137  0.0150  68 ILE A C   
967  O O   . ILE A 72 ? 0.1915 0.1927 0.1841 -0.0537 0.0287  -0.0010 68 ILE A O   
968  C CB  . ILE A 72 ? 0.1570 0.2397 0.1501 0.0511  0.0112  0.0020  68 ILE A CB  
969  C CG1 . ILE A 72 ? 0.2080 0.3848 0.1535 0.1424  -0.0427 -0.0785 68 ILE A CG1 
970  C CG2 . ILE A 72 ? 0.2289 0.2394 0.1531 0.0489  0.0059  -0.0412 68 ILE A CG2 
971  C CD1 . ILE A 72 ? 0.2620 0.3937 0.2812 0.0416  -0.0119 -0.0320 68 ILE A CD1 
983  N N   . TYR A 73 ? 0.1546 0.1582 0.1309 0.0029  0.0013  0.0138  69 TYR A N   
984  C CA  . TYR A 73 ? 0.1640 0.1568 0.1313 0.0063  0.0056  0.0155  69 TYR A CA  
985  C C   . TYR A 73 ? 0.2110 0.1838 0.0970 0.0304  0.0275  0.0282  69 TYR A C   
986  O O   . TYR A 73 ? 0.2285 0.1579 0.1270 -0.0309 0.0227  0.0031  69 TYR A O   
987  C CB  . TYR A 73 ? 0.1911 0.1717 0.1580 0.0348  0.0101  0.0069  69 TYR A CB  
988  C CG  . TYR A 73 ? 0.1460 0.1375 0.2028 0.0022  0.0093  0.0067  69 TYR A CG  
989  C CD1 . TYR A 73 ? 0.1762 0.2150 0.1954 0.0385  0.0399  0.0099  69 TYR A CD1 
990  C CD2 . TYR A 73 ? 0.1640 0.1459 0.1676 0.0043  0.0058  -0.0187 69 TYR A CD2 
991  C CE1 . TYR A 73 ? 0.1682 0.1897 0.1586 0.0403  0.0106  -0.0091 69 TYR A CE1 
992  C CE2 . TYR A 73 ? 0.1093 0.1604 0.2150 0.0128  0.0096  -0.0131 69 TYR A CE2 
993  C CZ  . TYR A 73 ? 0.1309 0.1858 0.1539 0.0206  -0.0065 -0.0199 69 TYR A CZ  
994  O OH  . TYR A 73 ? 0.1270 0.2152 0.1708 0.0296  0.0082  -0.0139 69 TYR A OH  
1004 N N   . ARG A 74 ? 0.2195 0.1849 0.1106 0.0222  0.0375  0.0334  70 ARG A N   
1005 C CA  . ARG A 74 ? 0.1668 0.2318 0.1408 0.0186  0.0458  0.0472  70 ARG A CA  
1006 C C   . ARG A 74 ? 0.2233 0.1836 0.1608 0.0041  0.0045  0.0055  70 ARG A C   
1007 O O   . ARG A 74 ? 0.3108 0.1540 0.2371 0.0000  0.0152  0.0245  70 ARG A O   
1008 C CB  . ARG A 74 ? 0.2332 0.1950 0.1825 0.0006  -0.0038 0.0134  70 ARG A CB  
1009 C CG  . ARG A 74 ? 0.2137 0.2399 0.2230 0.0068  0.0376  0.0074  70 ARG A CG  
1010 C CD  . ARG A 74 ? 0.1959 0.3597 0.3337 -0.0087 0.0271  -0.0028 70 ARG A CD  
1011 N NE  . ARG A 74 ? 0.2596 0.2500 0.4145 -0.0256 0.0083  -0.0452 70 ARG A NE  
1012 C CZ  . ARG A 74 ? 0.3032 0.2443 0.3565 -0.0509 -0.0432 -0.0050 70 ARG A CZ  
1013 N NH1 . ARG A 74 ? 0.2289 0.2742 0.4130 -0.0178 0.0435  0.0233  70 ARG A NH1 
1014 N NH2 . ARG A 74 ? 0.4197 0.3411 0.2666 -0.0637 0.1104  0.0243  70 ARG A NH2 
1015 N N   . LEU A 75 ? 0.2183 0.1907 0.3333 0.0287  -0.0396 0.0160  71 LEU A N   
1016 C CA  . LEU A 75 ? 0.2591 0.3287 0.3343 0.1102  -0.0765 0.0839  71 LEU A CA  
1017 C C   . LEU A 75 ? 0.3084 0.3050 0.4313 0.0609  -0.0481 0.1682  71 LEU A C   
1018 O O   . LEU A 75 ? 0.3370 0.5205 0.4091 0.0432  0.0206  0.2010  71 LEU A O   
1019 C CB  . LEU A 75 ? 0.2473 0.2500 0.3086 0.0732  -0.0031 0.0618  71 LEU A CB  
1020 C CG  . LEU A 75 ? 0.3540 0.3479 0.3965 0.0015  0.0606  -0.0187 71 LEU A CG  
1021 C CD1 . LEU A 75 ? 0.3367 0.3549 0.3266 -0.0226 0.0432  -0.0684 71 LEU A CD1 
1022 C CD2 . LEU A 75 ? 0.2574 0.4367 0.2698 -0.0042 -0.0771 0.0765  71 LEU A CD2 
1023 N N   . GLY A 76 ? 0.3318 0.3937 0.3006 0.0572  -0.0632 0.1369  72 GLY A N   
1024 C CA  . GLY A 76 ? 0.3738 0.4552 0.4203 0.0344  -0.0083 0.1031  72 GLY A CA  
1025 C C   . GLY A 76 ? 0.3571 0.2181 0.5056 0.0814  -0.0053 0.0360  72 GLY A C   
1026 O O   . GLY A 76 ? 0.3774 0.2350 0.2530 0.0630  -0.0308 0.0344  72 GLY A O   
1027 N N   . TYR A 79 ? 0.3283 0.6480 0.3710 0.1009  -0.0660 0.0549  75 TYR A N   
1028 C CA  . TYR A 79 ? 0.4089 0.5681 0.3285 0.0193  0.0083  -0.0253 75 TYR A CA  
1029 C C   . TYR A 79 ? 0.3244 0.6268 0.3631 0.0049  0.0264  0.0011  75 TYR A C   
1030 O O   . TYR A 79 ? 0.4412 0.4805 0.4401 0.0351  -0.0050 0.0109  75 TYR A O   
1031 C CB  . TYR A 79 ? 0.3385 0.4815 0.2515 0.0962  0.0463  -0.0331 75 TYR A CB  
1032 C CG  . TYR A 79 ? 0.3164 0.4605 0.3947 0.0346  0.0219  0.0727  75 TYR A CG  
1033 C CD1 . TYR A 79 ? 0.3202 0.4004 0.3380 0.0856  0.0943  -0.0096 75 TYR A CD1 
1034 C CD2 . TYR A 79 ? 0.2449 0.3898 0.3967 0.1078  -0.0374 0.0371  75 TYR A CD2 
1035 C CE1 . TYR A 79 ? 0.2114 0.4760 0.3150 0.0974  0.0131  -0.0295 75 TYR A CE1 
1036 C CE2 . TYR A 79 ? 0.2312 0.4473 0.3297 0.0425  0.0047  0.0418  75 TYR A CE2 
1037 C CZ  . TYR A 79 ? 0.2266 0.3980 0.3762 0.0748  -0.0106 0.0425  75 TYR A CZ  
1038 O OH  . TYR A 79 ? 0.3263 0.2675 0.3633 0.0061  0.0474  0.0127  75 TYR A OH  
1044 N N   . LYS A 82 ? 0.3841 0.5249 0.1971 0.0167  0.0225  -0.0604 78 LYS A N   
1045 C CA  . LYS A 82 ? 0.2572 0.5604 0.1989 0.0912  -0.0502 0.0339  78 LYS A CA  
1046 C C   . LYS A 82 ? 0.2204 0.4033 0.2601 0.0403  -0.0539 0.0125  78 LYS A C   
1047 O O   . LYS A 82 ? 0.2830 0.3187 0.2348 -0.0013 0.0026  0.0169  78 LYS A O   
1048 C CB  . LYS A 82 ? 0.2911 0.5343 0.3265 0.0144  -0.1035 -0.0090 78 LYS A CB  
1049 C CG  . LYS A 82 ? 0.4761 0.5028 0.4382 0.0358  -0.0430 0.0502  78 LYS A CG  
1050 C CD  . LYS A 82 ? 0.4992 0.5132 0.4569 -0.0077 0.0008  0.0767  78 LYS A CD  
1051 C CE  . LYS A 82 ? 0.5774 0.5404 0.4449 -0.0430 -0.0039 0.0646  78 LYS A CE  
1052 N NZ  . LYS A 82 ? 0.5628 0.5624 0.5215 -0.0296 -0.0351 0.0828  78 LYS A NZ  
1053 N N   . VAL A 83 ? 0.3828 0.3861 0.2537 0.1738  -0.0429 0.0367  79 VAL A N   
1054 C CA  . VAL A 83 ? 0.2301 0.3321 0.2469 0.0846  0.0086  0.0128  79 VAL A CA  
1055 C C   . VAL A 83 ? 0.1593 0.2361 0.2135 0.0225  0.0129  0.0075  79 VAL A C   
1056 O O   . VAL A 83 ? 0.2232 0.4892 0.3173 -0.0602 0.0174  -0.1874 79 VAL A O   
1057 C CB  . VAL A 83 ? 0.2132 0.2199 0.2242 0.0287  -0.0101 0.0453  79 VAL A CB  
1058 C CG1 . VAL A 83 ? 0.1937 0.1787 0.2298 0.0190  -0.0089 0.0047  79 VAL A CG1 
1059 C CG2 . VAL A 83 ? 0.2284 0.3456 0.2576 0.0305  0.0545  0.0696  79 VAL A CG2 
1060 N N   . GLU A 84 ? 0.1680 0.1718 0.1978 0.0328  0.0283  0.0183  80 GLU A N   
1061 C CA  . GLU A 84 ? 0.1738 0.1898 0.1941 0.0322  -0.0378 -0.0173 80 GLU A CA  
1062 C C   . GLU A 84 ? 0.1675 0.1700 0.1759 0.0146  -0.0034 0.0060  80 GLU A C   
1063 O O   . GLU A 84 ? 0.1735 0.1767 0.2059 -0.0036 -0.0544 0.0244  80 GLU A O   
1064 C CB  . GLU A 84 ? 0.1773 0.2544 0.2545 0.0184  0.0422  -0.0295 80 GLU A CB  
1065 C CG  . GLU A 84 ? 0.2487 0.2887 0.2590 0.0046  0.0729  0.0527  80 GLU A CG  
1066 C CD  . GLU A 84 ? 0.2067 0.2528 0.3316 0.0603  0.0506  -0.0293 80 GLU A CD  
1067 O OE1 . GLU A 84 ? 0.2313 0.1916 0.3127 0.0173  0.0248  0.0260  80 GLU A OE1 
1068 O OE2 . GLU A 84 ? 0.1620 0.2713 0.2328 0.0358  0.0361  -0.0114 80 GLU A OE2 
1075 N N   . HIS A 85 ? 0.1404 0.1516 0.1976 0.0041  -0.0296 -0.0224 81 HIS A N   
1076 C CA  . HIS A 85 ? 0.1715 0.1279 0.1451 -0.0041 -0.0134 -0.0014 81 HIS A CA  
1077 C C   . HIS A 85 ? 0.1417 0.1795 0.1586 -0.0003 -0.0092 -0.0204 81 HIS A C   
1078 O O   . HIS A 85 ? 0.1462 0.2186 0.2032 -0.0058 -0.0218 -0.0619 81 HIS A O   
1079 C CB  . HIS A 85 ? 0.1722 0.1833 0.1334 -0.0091 0.0235  0.0196  81 HIS A CB  
1080 C CG  . HIS A 85 ? 0.1692 0.1695 0.1609 -0.0548 0.0543  -0.0163 81 HIS A CG  
1081 N ND1 . HIS A 85 ? 0.1439 0.1522 0.2060 -0.0326 -0.0004 -0.0292 81 HIS A ND1 
1082 C CD2 . HIS A 85 ? 0.2244 0.1509 0.2052 -0.0084 0.0289  -0.0095 81 HIS A CD2 
1083 C CE1 . HIS A 85 ? 0.2364 0.0861 0.2084 -0.0168 0.0060  0.0454  81 HIS A CE1 
1084 N NE2 . HIS A 85 ? 0.2183 0.2062 0.1801 -0.0117 0.0306  -0.0416 81 HIS A NE2 
1093 N N   . ILE A 86 ? 0.1396 0.1603 0.1598 0.0102  0.0100  -0.0013 82 ILE A N   
1094 C CA  . ILE A 86 ? 0.1208 0.1963 0.1713 -0.0188 0.0105  -0.0272 82 ILE A CA  
1095 C C   . ILE A 86 ? 0.1646 0.1926 0.1642 -0.0400 0.0335  -0.0439 82 ILE A C   
1096 O O   . ILE A 86 ? 0.1539 0.2001 0.2034 -0.0098 0.0041  0.0166  82 ILE A O   
1097 C CB  . ILE A 86 ? 0.1653 0.1962 0.1916 0.0143  -0.0340 -0.0058 82 ILE A CB  
1098 C CG1 . ILE A 86 ? 0.1820 0.1595 0.2364 0.0281  -0.0219 -0.0398 82 ILE A CG1 
1099 C CG2 . ILE A 86 ? 0.1484 0.2784 0.1932 0.0163  0.0218  -0.0560 82 ILE A CG2 
1100 C CD1 . ILE A 86 ? 0.2078 0.2042 0.2173 0.0371  -0.0147 -0.0476 82 ILE A CD1 
1112 N N   . GLY A 87 ? 0.1729 0.2484 0.2215 -0.0636 -0.0075 0.0050  83 GLY A N   
1113 C CA  . GLY A 87 ? 0.2333 0.2718 0.2359 -0.0904 0.0040  0.0168  83 GLY A CA  
1114 C C   . GLY A 87 ? 0.2722 0.2636 0.1677 -0.1372 -0.0047 0.0253  83 GLY A C   
1115 O O   . GLY A 87 ? 0.5418 0.2868 0.2157 -0.1670 0.0148  0.0019  83 GLY A O   
1116 N N   . ALA A 88 ? 0.3774 0.3797 0.1599 -0.0527 0.0764  0.0540  84 ALA A N   
1117 C CA  . ALA A 88 ? 0.4759 0.4140 0.2909 -0.0938 0.0895  0.0077  84 ALA A CA  
1118 C C   . ALA A 88 ? 0.6532 0.3450 0.4011 -0.1055 0.0494  -0.0328 84 ALA A C   
1119 O O   . ALA A 88 ? 0.6316 0.2620 0.2507 -0.0935 0.1668  -0.0294 84 ALA A O   
1120 C CB  . ALA A 88 ? 0.6589 0.3473 0.3674 -0.0515 0.0290  0.0608  84 ALA A CB  
1121 N N   . LYS A 89 ? 0.7444 0.2797 0.5810 -0.0624 0.0296  -0.0349 85 LYS A N   
1122 C CA  . LYS A 89 ? 0.6381 0.4092 0.3649 -0.0993 0.0236  -0.0992 85 LYS A CA  
1123 C C   . LYS A 89 ? 0.6633 0.3397 0.3579 -0.0717 -0.0245 -0.1179 85 LYS A C   
1124 O O   . LYS A 89 ? 0.7137 0.4773 0.5408 0.0152  -0.0432 0.0121  85 LYS A O   
1125 C CB  . LYS A 89 ? 0.5633 0.5772 0.4478 -0.0293 -0.0334 0.0387  85 LYS A CB  
1126 C CG  . LYS A 89 ? 0.5939 0.4289 0.5824 -0.0737 -0.0328 0.0139  85 LYS A CG  
1127 C CD  . LYS A 89 ? 0.5939 0.4223 0.4914 -0.0863 0.0259  -0.0131 85 LYS A CD  
1128 C CE  . LYS A 89 ? 0.5736 0.5187 0.5876 -0.0522 0.0369  0.0499  85 LYS A CE  
1129 N NZ  . LYS A 89 ? 0.6153 0.6108 0.5974 -0.0200 0.0033  0.0186  85 LYS A NZ  
1130 N N   . PRO A 90 ? 0.5800 0.4378 0.4767 -0.0065 -0.0785 0.0156  86 PRO A N   
1131 C CA  . PRO A 90 ? 0.5196 0.4518 0.5037 -0.1142 0.0404  0.0773  86 PRO A CA  
1132 C C   . PRO A 90 ? 0.6175 0.5051 0.4688 -0.0214 -0.0462 0.0179  86 PRO A C   
1133 O O   . PRO A 90 ? 0.6789 0.4236 0.4777 -0.0665 0.0177  -0.0330 86 PRO A O   
1134 C CB  . PRO A 90 ? 0.5277 0.5027 0.4329 -0.0996 -0.0037 0.0650  86 PRO A CB  
1135 C CG  . PRO A 90 ? 0.6144 0.3156 0.3682 -0.1228 0.0251  -0.0446 86 PRO A CG  
1136 C CD  . PRO A 90 ? 0.4946 0.5091 0.4036 -0.0768 0.0685  0.0522  86 PRO A CD  
1137 N N   . SER A 91 ? 0.6250 0.5192 0.4211 -0.0344 0.0103  0.0003  87 SER A N   
1138 C CA  . SER A 91 ? 0.5794 0.6059 0.4738 -0.0218 0.0429  0.0289  87 SER A CA  
1139 C C   . SER A 91 ? 0.6533 0.6261 0.4425 0.0073  0.0420  -0.0202 87 SER A C   
1140 O O   . SER A 91 ? 0.6279 0.6298 0.5304 0.0225  0.1190  0.0060  87 SER A O   
1141 C CB  . SER A 91 ? 0.6045 0.5990 0.5011 -0.0226 0.0272  0.0267  87 SER A CB  
1142 O OG  . SER A 91 ? 0.6724 0.5715 0.5860 -0.0246 -0.0152 0.0200  87 SER A OG  
# 
